data_3KOL
# 
_entry.id   3KOL 
# 
_audit_conform.dict_name       mmcif_pdbx.dic 
_audit_conform.dict_version    5.398 
_audit_conform.dict_location   http://mmcif.pdb.org/dictionaries/ascii/mmcif_pdbx.dic 
# 
loop_
_database_2.database_id 
_database_2.database_code 
_database_2.pdbx_database_accession 
_database_2.pdbx_DOI 
PDB   3KOL         pdb_00003kol 10.2210/pdb3kol/pdb 
RCSB  RCSB056251   ?            ?                   
WWPDB D_1000056251 ?            ?                   
# 
loop_
_pdbx_audit_revision_history.ordinal 
_pdbx_audit_revision_history.data_content_type 
_pdbx_audit_revision_history.major_revision 
_pdbx_audit_revision_history.minor_revision 
_pdbx_audit_revision_history.revision_date 
1 'Structure model' 1 0 2009-11-24 
2 'Structure model' 1 1 2011-07-13 
3 'Structure model' 1 2 2021-02-10 
4 'Structure model' 1 3 2024-11-06 
# 
_pdbx_audit_revision_details.ordinal             1 
_pdbx_audit_revision_details.revision_ordinal    1 
_pdbx_audit_revision_details.data_content_type   'Structure model' 
_pdbx_audit_revision_details.provider            repository 
_pdbx_audit_revision_details.type                'Initial release' 
_pdbx_audit_revision_details.description         ? 
_pdbx_audit_revision_details.details             ? 
# 
loop_
_pdbx_audit_revision_group.ordinal 
_pdbx_audit_revision_group.revision_ordinal 
_pdbx_audit_revision_group.data_content_type 
_pdbx_audit_revision_group.group 
1 2 'Structure model' 'Version format compliance' 
2 3 'Structure model' 'Database references'       
3 3 'Structure model' 'Derived calculations'      
4 3 'Structure model' 'Structure summary'         
5 4 'Structure model' 'Data collection'           
6 4 'Structure model' 'Database references'       
7 4 'Structure model' 'Structure summary'         
# 
loop_
_pdbx_audit_revision_category.ordinal 
_pdbx_audit_revision_category.revision_ordinal 
_pdbx_audit_revision_category.data_content_type 
_pdbx_audit_revision_category.category 
1  3 'Structure model' audit_author              
2  3 'Structure model' citation_author           
3  3 'Structure model' pdbx_struct_conn_angle    
4  3 'Structure model' struct_conn               
5  3 'Structure model' struct_site               
6  4 'Structure model' chem_comp_atom            
7  4 'Structure model' chem_comp_bond            
8  4 'Structure model' database_2                
9  4 'Structure model' pdbx_entry_details        
10 4 'Structure model' pdbx_modification_feature 
# 
loop_
_pdbx_audit_revision_item.ordinal 
_pdbx_audit_revision_item.revision_ordinal 
_pdbx_audit_revision_item.data_content_type 
_pdbx_audit_revision_item.item 
1  3 'Structure model' '_audit_author.identifier_ORCID'            
2  3 'Structure model' '_citation_author.identifier_ORCID'         
3  3 'Structure model' '_pdbx_struct_conn_angle.ptnr1_auth_seq_id' 
4  3 'Structure model' '_pdbx_struct_conn_angle.ptnr3_auth_seq_id' 
5  3 'Structure model' '_pdbx_struct_conn_angle.value'             
6  3 'Structure model' '_struct_conn.pdbx_dist_value'              
7  3 'Structure model' '_struct_conn.pdbx_leaving_atom_flag'       
8  3 'Structure model' '_struct_conn.ptnr1_auth_comp_id'           
9  3 'Structure model' '_struct_conn.ptnr1_auth_seq_id'            
10 3 'Structure model' '_struct_conn.ptnr1_label_asym_id'          
11 3 'Structure model' '_struct_conn.ptnr1_label_atom_id'          
12 3 'Structure model' '_struct_conn.ptnr1_label_comp_id'          
13 3 'Structure model' '_struct_conn.ptnr2_auth_comp_id'           
14 3 'Structure model' '_struct_conn.ptnr2_auth_seq_id'            
15 3 'Structure model' '_struct_conn.ptnr2_label_asym_id'          
16 3 'Structure model' '_struct_conn.ptnr2_label_atom_id'          
17 3 'Structure model' '_struct_conn.ptnr2_label_comp_id'          
18 3 'Structure model' '_struct_site.pdbx_auth_asym_id'            
19 3 'Structure model' '_struct_site.pdbx_auth_comp_id'            
20 3 'Structure model' '_struct_site.pdbx_auth_seq_id'             
21 4 'Structure model' '_database_2.pdbx_DOI'                      
22 4 'Structure model' '_database_2.pdbx_database_accession'       
# 
_pdbx_database_status.status_code                     REL 
_pdbx_database_status.entry_id                        3KOL 
_pdbx_database_status.recvd_initial_deposition_date   2009-11-13 
_pdbx_database_status.deposit_site                    RCSB 
_pdbx_database_status.process_site                    RCSB 
_pdbx_database_status.status_code_sf                  REL 
_pdbx_database_status.status_code_mr                  ? 
_pdbx_database_status.SG_entry                        Y 
_pdbx_database_status.pdb_format_compatible           Y 
_pdbx_database_status.status_code_cs                  ? 
_pdbx_database_status.status_code_nmr_data            ? 
_pdbx_database_status.methods_development_category    ? 
# 
_pdbx_database_related.db_name        TargetDB 
_pdbx_database_related.db_id          NYSGXRC-11005o 
_pdbx_database_related.details        . 
_pdbx_database_related.content_type   unspecified 
# 
loop_
_audit_author.name 
_audit_author.pdbx_ordinal 
_audit_author.identifier_ORCID 
'Eswaramoorthy, S.'                                              1 ?                   
'Swaminathan, S.'                                                2 ?                   
'Burley, S.K.'                                                   3 0000-0002-2487-9713 
'New York SGX Research Center for Structural Genomics (NYSGXRC)' 4 ?                   
# 
_citation.id                        primary 
_citation.title                     'Crystal structure of a glyoxalase/dioxygenase from Nostoc punctiforme' 
_citation.journal_abbrev            'To be Published' 
_citation.journal_volume            ? 
_citation.page_first                ? 
_citation.page_last                 ? 
_citation.year                      ? 
_citation.journal_id_ASTM           ? 
_citation.country                   ? 
_citation.journal_id_ISSN           ? 
_citation.journal_id_CSD            0353 
_citation.book_publisher            ? 
_citation.pdbx_database_id_PubMed   ? 
_citation.pdbx_database_id_DOI      ? 
# 
loop_
_citation_author.citation_id 
_citation_author.name 
_citation_author.ordinal 
_citation_author.identifier_ORCID 
primary 'Eswaramoorthy, S.' 1 ?                   
primary 'Burley, S.K.'      2 0000-0002-2487-9713 
primary 'Swaminathan, S.'   3 ?                   
# 
loop_
_entity.id 
_entity.type 
_entity.src_method 
_entity.pdbx_description 
_entity.formula_weight 
_entity.pdbx_number_of_molecules 
_entity.pdbx_ec 
_entity.pdbx_mutation 
_entity.pdbx_fragment 
_entity.details 
1 polymer     man 'Glyoxalase/bleomycin resistance protein/dioxygenase' 17163.879 1   ? ? ? ? 
2 non-polymer syn 'COBALT (II) ION'                                     58.933    2   ? ? ? ? 
3 water       nat water                                                 18.015    100 ? ? ? ? 
# 
_entity_name_com.entity_id   1 
_entity_name_com.name        Oxidoreductase 
# 
_entity_poly.entity_id                      1 
_entity_poly.type                           'polypeptide(L)' 
_entity_poly.nstd_linkage                   no 
_entity_poly.nstd_monomer                   yes 
_entity_poly.pdbx_seq_one_letter_code       
;SLSSTQSVNSVLAPGNLRKVHHIALNVQD(MSE)QASRYFYGTILGLHELTDDEVPATLTELVASGKVANFITPDGTILD
LFGEPELSPPDPNPEKTFTRAYHLAFDIDPQLFDRAVTVIGENKIAIAHGPVTRPTGRGVYFYDPDGF(MSE)IEIRCDP
EAEG
;
_entity_poly.pdbx_seq_one_letter_code_can   
;SLSSTQSVNSVLAPGNLRKVHHIALNVQDMQASRYFYGTILGLHELTDDEVPATLTELVASGKVANFITPDGTILDLFGE
PELSPPDPNPEKTFTRAYHLAFDIDPQLFDRAVTVIGENKIAIAHGPVTRPTGRGVYFYDPDGFMIEIRCDPEAEG
;
_entity_poly.pdbx_strand_id                 A 
_entity_poly.pdbx_target_identifier         NYSGXRC-11005o 
# 
loop_
_pdbx_entity_nonpoly.entity_id 
_pdbx_entity_nonpoly.name 
_pdbx_entity_nonpoly.comp_id 
2 'COBALT (II) ION' CO  
3 water             HOH 
# 
loop_
_entity_poly_seq.entity_id 
_entity_poly_seq.num 
_entity_poly_seq.mon_id 
_entity_poly_seq.hetero 
1 1   SER n 
1 2   LEU n 
1 3   SER n 
1 4   SER n 
1 5   THR n 
1 6   GLN n 
1 7   SER n 
1 8   VAL n 
1 9   ASN n 
1 10  SER n 
1 11  VAL n 
1 12  LEU n 
1 13  ALA n 
1 14  PRO n 
1 15  GLY n 
1 16  ASN n 
1 17  LEU n 
1 18  ARG n 
1 19  LYS n 
1 20  VAL n 
1 21  HIS n 
1 22  HIS n 
1 23  ILE n 
1 24  ALA n 
1 25  LEU n 
1 26  ASN n 
1 27  VAL n 
1 28  GLN n 
1 29  ASP n 
1 30  MSE n 
1 31  GLN n 
1 32  ALA n 
1 33  SER n 
1 34  ARG n 
1 35  TYR n 
1 36  PHE n 
1 37  TYR n 
1 38  GLY n 
1 39  THR n 
1 40  ILE n 
1 41  LEU n 
1 42  GLY n 
1 43  LEU n 
1 44  HIS n 
1 45  GLU n 
1 46  LEU n 
1 47  THR n 
1 48  ASP n 
1 49  ASP n 
1 50  GLU n 
1 51  VAL n 
1 52  PRO n 
1 53  ALA n 
1 54  THR n 
1 55  LEU n 
1 56  THR n 
1 57  GLU n 
1 58  LEU n 
1 59  VAL n 
1 60  ALA n 
1 61  SER n 
1 62  GLY n 
1 63  LYS n 
1 64  VAL n 
1 65  ALA n 
1 66  ASN n 
1 67  PHE n 
1 68  ILE n 
1 69  THR n 
1 70  PRO n 
1 71  ASP n 
1 72  GLY n 
1 73  THR n 
1 74  ILE n 
1 75  LEU n 
1 76  ASP n 
1 77  LEU n 
1 78  PHE n 
1 79  GLY n 
1 80  GLU n 
1 81  PRO n 
1 82  GLU n 
1 83  LEU n 
1 84  SER n 
1 85  PRO n 
1 86  PRO n 
1 87  ASP n 
1 88  PRO n 
1 89  ASN n 
1 90  PRO n 
1 91  GLU n 
1 92  LYS n 
1 93  THR n 
1 94  PHE n 
1 95  THR n 
1 96  ARG n 
1 97  ALA n 
1 98  TYR n 
1 99  HIS n 
1 100 LEU n 
1 101 ALA n 
1 102 PHE n 
1 103 ASP n 
1 104 ILE n 
1 105 ASP n 
1 106 PRO n 
1 107 GLN n 
1 108 LEU n 
1 109 PHE n 
1 110 ASP n 
1 111 ARG n 
1 112 ALA n 
1 113 VAL n 
1 114 THR n 
1 115 VAL n 
1 116 ILE n 
1 117 GLY n 
1 118 GLU n 
1 119 ASN n 
1 120 LYS n 
1 121 ILE n 
1 122 ALA n 
1 123 ILE n 
1 124 ALA n 
1 125 HIS n 
1 126 GLY n 
1 127 PRO n 
1 128 VAL n 
1 129 THR n 
1 130 ARG n 
1 131 PRO n 
1 132 THR n 
1 133 GLY n 
1 134 ARG n 
1 135 GLY n 
1 136 VAL n 
1 137 TYR n 
1 138 PHE n 
1 139 TYR n 
1 140 ASP n 
1 141 PRO n 
1 142 ASP n 
1 143 GLY n 
1 144 PHE n 
1 145 MSE n 
1 146 ILE n 
1 147 GLU n 
1 148 ILE n 
1 149 ARG n 
1 150 CYS n 
1 151 ASP n 
1 152 PRO n 
1 153 GLU n 
1 154 ALA n 
1 155 GLU n 
1 156 GLY n 
# 
_entity_src_gen.entity_id                          1 
_entity_src_gen.pdbx_src_id                        1 
_entity_src_gen.pdbx_alt_source_flag               sample 
_entity_src_gen.pdbx_seq_type                      ? 
_entity_src_gen.pdbx_beg_seq_num                   ? 
_entity_src_gen.pdbx_end_seq_num                   ? 
_entity_src_gen.gene_src_common_name               ? 
_entity_src_gen.gene_src_genus                     ? 
_entity_src_gen.pdbx_gene_src_gene                 Npun_R6391 
_entity_src_gen.gene_src_species                   ? 
_entity_src_gen.gene_src_strain                    'ATCC 29133 / PCC 73102' 
_entity_src_gen.gene_src_tissue                    ? 
_entity_src_gen.gene_src_tissue_fraction           ? 
_entity_src_gen.gene_src_details                   ? 
_entity_src_gen.pdbx_gene_src_fragment             ? 
_entity_src_gen.pdbx_gene_src_scientific_name      'Nostoc punctiforme PCC 73102' 
_entity_src_gen.pdbx_gene_src_ncbi_taxonomy_id     63737 
_entity_src_gen.pdbx_gene_src_variant              ? 
_entity_src_gen.pdbx_gene_src_cell_line            ? 
_entity_src_gen.pdbx_gene_src_atcc                 ? 
_entity_src_gen.pdbx_gene_src_organ                ? 
_entity_src_gen.pdbx_gene_src_organelle            ? 
_entity_src_gen.pdbx_gene_src_cell                 ? 
_entity_src_gen.pdbx_gene_src_cellular_location    ? 
_entity_src_gen.host_org_common_name               ? 
_entity_src_gen.pdbx_host_org_scientific_name      'Escherichia coli BL21(DE3)' 
_entity_src_gen.pdbx_host_org_ncbi_taxonomy_id     469008 
_entity_src_gen.host_org_genus                     ? 
_entity_src_gen.pdbx_host_org_gene                 ? 
_entity_src_gen.pdbx_host_org_organ                ? 
_entity_src_gen.host_org_species                   ? 
_entity_src_gen.pdbx_host_org_tissue               ? 
_entity_src_gen.pdbx_host_org_tissue_fraction      ? 
_entity_src_gen.pdbx_host_org_strain               ? 
_entity_src_gen.pdbx_host_org_variant              ? 
_entity_src_gen.pdbx_host_org_cell_line            ? 
_entity_src_gen.pdbx_host_org_atcc                 ? 
_entity_src_gen.pdbx_host_org_culture_collection   ? 
_entity_src_gen.pdbx_host_org_cell                 ? 
_entity_src_gen.pdbx_host_org_organelle            ? 
_entity_src_gen.pdbx_host_org_cellular_location    ? 
_entity_src_gen.pdbx_host_org_vector_type          PLASMID 
_entity_src_gen.pdbx_host_org_vector               ? 
_entity_src_gen.host_org_details                   ? 
_entity_src_gen.expression_system_id               ? 
_entity_src_gen.plasmid_name                       ? 
_entity_src_gen.plasmid_details                    ? 
_entity_src_gen.pdbx_description                   ? 
# 
loop_
_chem_comp.id 
_chem_comp.type 
_chem_comp.mon_nstd_flag 
_chem_comp.name 
_chem_comp.pdbx_synonyms 
_chem_comp.formula 
_chem_comp.formula_weight 
ALA 'L-peptide linking' y ALANINE           ? 'C3 H7 N O2'     89.093  
ARG 'L-peptide linking' y ARGININE          ? 'C6 H15 N4 O2 1' 175.209 
ASN 'L-peptide linking' y ASPARAGINE        ? 'C4 H8 N2 O3'    132.118 
ASP 'L-peptide linking' y 'ASPARTIC ACID'   ? 'C4 H7 N O4'     133.103 
CO  non-polymer         . 'COBALT (II) ION' ? 'Co 2'           58.933  
CYS 'L-peptide linking' y CYSTEINE          ? 'C3 H7 N O2 S'   121.158 
GLN 'L-peptide linking' y GLUTAMINE         ? 'C5 H10 N2 O3'   146.144 
GLU 'L-peptide linking' y 'GLUTAMIC ACID'   ? 'C5 H9 N O4'     147.129 
GLY 'peptide linking'   y GLYCINE           ? 'C2 H5 N O2'     75.067  
HIS 'L-peptide linking' y HISTIDINE         ? 'C6 H10 N3 O2 1' 156.162 
HOH non-polymer         . WATER             ? 'H2 O'           18.015  
ILE 'L-peptide linking' y ISOLEUCINE        ? 'C6 H13 N O2'    131.173 
LEU 'L-peptide linking' y LEUCINE           ? 'C6 H13 N O2'    131.173 
LYS 'L-peptide linking' y LYSINE            ? 'C6 H15 N2 O2 1' 147.195 
MSE 'L-peptide linking' n SELENOMETHIONINE  ? 'C5 H11 N O2 Se' 196.106 
PHE 'L-peptide linking' y PHENYLALANINE     ? 'C9 H11 N O2'    165.189 
PRO 'L-peptide linking' y PROLINE           ? 'C5 H9 N O2'     115.130 
SER 'L-peptide linking' y SERINE            ? 'C3 H7 N O3'     105.093 
THR 'L-peptide linking' y THREONINE         ? 'C4 H9 N O3'     119.119 
TYR 'L-peptide linking' y TYROSINE          ? 'C9 H11 N O3'    181.189 
VAL 'L-peptide linking' y VALINE            ? 'C5 H11 N O2'    117.146 
# 
loop_
_pdbx_poly_seq_scheme.asym_id 
_pdbx_poly_seq_scheme.entity_id 
_pdbx_poly_seq_scheme.seq_id 
_pdbx_poly_seq_scheme.mon_id 
_pdbx_poly_seq_scheme.ndb_seq_num 
_pdbx_poly_seq_scheme.pdb_seq_num 
_pdbx_poly_seq_scheme.auth_seq_num 
_pdbx_poly_seq_scheme.pdb_mon_id 
_pdbx_poly_seq_scheme.auth_mon_id 
_pdbx_poly_seq_scheme.pdb_strand_id 
_pdbx_poly_seq_scheme.pdb_ins_code 
_pdbx_poly_seq_scheme.hetero 
A 1 1   SER 1   1   ?   ?   ?   A . n 
A 1 2   LEU 2   2   ?   ?   ?   A . n 
A 1 3   SER 3   3   ?   ?   ?   A . n 
A 1 4   SER 4   4   ?   ?   ?   A . n 
A 1 5   THR 5   5   ?   ?   ?   A . n 
A 1 6   GLN 6   6   ?   ?   ?   A . n 
A 1 7   SER 7   7   7   SER SER A . n 
A 1 8   VAL 8   8   8   VAL VAL A . n 
A 1 9   ASN 9   9   9   ASN ASN A . n 
A 1 10  SER 10  10  10  SER SER A . n 
A 1 11  VAL 11  11  11  VAL VAL A . n 
A 1 12  LEU 12  12  12  LEU LEU A . n 
A 1 13  ALA 13  13  13  ALA ALA A . n 
A 1 14  PRO 14  14  14  PRO PRO A . n 
A 1 15  GLY 15  15  15  GLY GLY A . n 
A 1 16  ASN 16  16  16  ASN ASN A . n 
A 1 17  LEU 17  17  17  LEU LEU A . n 
A 1 18  ARG 18  18  18  ARG ARG A . n 
A 1 19  LYS 19  19  19  LYS LYS A . n 
A 1 20  VAL 20  20  20  VAL VAL A . n 
A 1 21  HIS 21  21  21  HIS HIS A . n 
A 1 22  HIS 22  22  22  HIS HIS A . n 
A 1 23  ILE 23  23  23  ILE ILE A . n 
A 1 24  ALA 24  24  24  ALA ALA A . n 
A 1 25  LEU 25  25  25  LEU LEU A . n 
A 1 26  ASN 26  26  26  ASN ASN A . n 
A 1 27  VAL 27  27  27  VAL VAL A . n 
A 1 28  GLN 28  28  28  GLN GLN A . n 
A 1 29  ASP 29  29  29  ASP ASP A . n 
A 1 30  MSE 30  30  30  MSE MSE A . n 
A 1 31  GLN 31  31  31  GLN GLN A . n 
A 1 32  ALA 32  32  32  ALA ALA A . n 
A 1 33  SER 33  33  33  SER SER A . n 
A 1 34  ARG 34  34  34  ARG ARG A . n 
A 1 35  TYR 35  35  35  TYR TYR A . n 
A 1 36  PHE 36  36  36  PHE PHE A . n 
A 1 37  TYR 37  37  37  TYR TYR A . n 
A 1 38  GLY 38  38  38  GLY GLY A . n 
A 1 39  THR 39  39  39  THR THR A . n 
A 1 40  ILE 40  40  40  ILE ILE A . n 
A 1 41  LEU 41  41  41  LEU LEU A . n 
A 1 42  GLY 42  42  42  GLY GLY A . n 
A 1 43  LEU 43  43  43  LEU LEU A . n 
A 1 44  HIS 44  44  44  HIS HIS A . n 
A 1 45  GLU 45  45  45  GLU GLU A . n 
A 1 46  LEU 46  46  46  LEU LEU A . n 
A 1 47  THR 47  47  47  THR THR A . n 
A 1 48  ASP 48  48  48  ASP ASP A . n 
A 1 49  ASP 49  49  49  ASP ASP A . n 
A 1 50  GLU 50  50  50  GLU GLU A . n 
A 1 51  VAL 51  51  51  VAL VAL A . n 
A 1 52  PRO 52  52  52  PRO PRO A . n 
A 1 53  ALA 53  53  53  ALA ALA A . n 
A 1 54  THR 54  54  54  THR THR A . n 
A 1 55  LEU 55  55  55  LEU LEU A . n 
A 1 56  THR 56  56  56  THR THR A . n 
A 1 57  GLU 57  57  57  GLU GLU A . n 
A 1 58  LEU 58  58  58  LEU LEU A . n 
A 1 59  VAL 59  59  59  VAL VAL A . n 
A 1 60  ALA 60  60  60  ALA ALA A . n 
A 1 61  SER 61  61  61  SER SER A . n 
A 1 62  GLY 62  62  62  GLY GLY A . n 
A 1 63  LYS 63  63  63  LYS LYS A . n 
A 1 64  VAL 64  64  64  VAL VAL A . n 
A 1 65  ALA 65  65  65  ALA ALA A . n 
A 1 66  ASN 66  66  66  ASN ASN A . n 
A 1 67  PHE 67  67  67  PHE PHE A . n 
A 1 68  ILE 68  68  68  ILE ILE A . n 
A 1 69  THR 69  69  69  THR THR A . n 
A 1 70  PRO 70  70  70  PRO PRO A . n 
A 1 71  ASP 71  71  71  ASP ASP A . n 
A 1 72  GLY 72  72  72  GLY GLY A . n 
A 1 73  THR 73  73  73  THR THR A . n 
A 1 74  ILE 74  74  74  ILE ILE A . n 
A 1 75  LEU 75  75  75  LEU LEU A . n 
A 1 76  ASP 76  76  76  ASP ASP A . n 
A 1 77  LEU 77  77  77  LEU LEU A . n 
A 1 78  PHE 78  78  78  PHE PHE A . n 
A 1 79  GLY 79  79  79  GLY GLY A . n 
A 1 80  GLU 80  80  80  GLU GLU A . n 
A 1 81  PRO 81  81  81  PRO PRO A . n 
A 1 82  GLU 82  82  82  GLU GLU A . n 
A 1 83  LEU 83  83  83  LEU LEU A . n 
A 1 84  SER 84  84  84  SER SER A . n 
A 1 85  PRO 85  85  85  PRO PRO A . n 
A 1 86  PRO 86  86  86  PRO PRO A . n 
A 1 87  ASP 87  87  87  ASP ASP A . n 
A 1 88  PRO 88  88  88  PRO PRO A . n 
A 1 89  ASN 89  89  89  ASN ASN A . n 
A 1 90  PRO 90  90  90  PRO PRO A . n 
A 1 91  GLU 91  91  91  GLU GLU A . n 
A 1 92  LYS 92  92  92  LYS LYS A . n 
A 1 93  THR 93  93  93  THR THR A . n 
A 1 94  PHE 94  94  94  PHE PHE A . n 
A 1 95  THR 95  95  95  THR THR A . n 
A 1 96  ARG 96  96  96  ARG ARG A . n 
A 1 97  ALA 97  97  97  ALA ALA A . n 
A 1 98  TYR 98  98  98  TYR TYR A . n 
A 1 99  HIS 99  99  99  HIS HIS A . n 
A 1 100 LEU 100 100 100 LEU LEU A . n 
A 1 101 ALA 101 101 101 ALA ALA A . n 
A 1 102 PHE 102 102 102 PHE PHE A . n 
A 1 103 ASP 103 103 103 ASP ASP A . n 
A 1 104 ILE 104 104 104 ILE ILE A . n 
A 1 105 ASP 105 105 105 ASP ASP A . n 
A 1 106 PRO 106 106 106 PRO PRO A . n 
A 1 107 GLN 107 107 107 GLN GLN A . n 
A 1 108 LEU 108 108 108 LEU LEU A . n 
A 1 109 PHE 109 109 109 PHE PHE A . n 
A 1 110 ASP 110 110 110 ASP ASP A . n 
A 1 111 ARG 111 111 111 ARG ARG A . n 
A 1 112 ALA 112 112 112 ALA ALA A . n 
A 1 113 VAL 113 113 113 VAL VAL A . n 
A 1 114 THR 114 114 114 THR THR A . n 
A 1 115 VAL 115 115 115 VAL VAL A . n 
A 1 116 ILE 116 116 116 ILE ILE A . n 
A 1 117 GLY 117 117 117 GLY GLY A . n 
A 1 118 GLU 118 118 118 GLU GLU A . n 
A 1 119 ASN 119 119 119 ASN ASN A . n 
A 1 120 LYS 120 120 120 LYS LYS A . n 
A 1 121 ILE 121 121 121 ILE ILE A . n 
A 1 122 ALA 122 122 122 ALA ALA A . n 
A 1 123 ILE 123 123 123 ILE ILE A . n 
A 1 124 ALA 124 124 124 ALA ALA A . n 
A 1 125 HIS 125 125 125 HIS HIS A . n 
A 1 126 GLY 126 126 126 GLY GLY A . n 
A 1 127 PRO 127 127 127 PRO PRO A . n 
A 1 128 VAL 128 128 128 VAL VAL A . n 
A 1 129 THR 129 129 129 THR THR A . n 
A 1 130 ARG 130 130 130 ARG ARG A . n 
A 1 131 PRO 131 131 ?   ?   ?   A . n 
A 1 132 THR 132 132 132 THR THR A . n 
A 1 133 GLY 133 133 133 GLY GLY A . n 
A 1 134 ARG 134 134 134 ARG ARG A . n 
A 1 135 GLY 135 135 135 GLY GLY A . n 
A 1 136 VAL 136 136 136 VAL VAL A . n 
A 1 137 TYR 137 137 137 TYR TYR A . n 
A 1 138 PHE 138 138 138 PHE PHE A . n 
A 1 139 TYR 139 139 139 TYR TYR A . n 
A 1 140 ASP 140 140 140 ASP ASP A . n 
A 1 141 PRO 141 141 141 PRO PRO A . n 
A 1 142 ASP 142 142 142 ASP ASP A . n 
A 1 143 GLY 143 143 143 GLY GLY A . n 
A 1 144 PHE 144 144 144 PHE PHE A . n 
A 1 145 MSE 145 145 145 MSE MSE A . n 
A 1 146 ILE 146 146 146 ILE ILE A . n 
A 1 147 GLU 147 147 147 GLU GLU A . n 
A 1 148 ILE 148 148 148 ILE ILE A . n 
A 1 149 ARG 149 149 149 ARG ARG A . n 
A 1 150 CYS 150 150 150 CYS CYS A . n 
A 1 151 ASP 151 151 151 ASP ASP A . n 
A 1 152 PRO 152 152 152 PRO PRO A . n 
A 1 153 GLU 153 153 153 GLU GLU A . n 
A 1 154 ALA 154 154 ?   ?   ?   A . n 
A 1 155 GLU 155 155 ?   ?   ?   A . n 
A 1 156 GLY 156 156 ?   ?   ?   A . n 
# 
loop_
_pdbx_nonpoly_scheme.asym_id 
_pdbx_nonpoly_scheme.entity_id 
_pdbx_nonpoly_scheme.mon_id 
_pdbx_nonpoly_scheme.ndb_seq_num 
_pdbx_nonpoly_scheme.pdb_seq_num 
_pdbx_nonpoly_scheme.auth_seq_num 
_pdbx_nonpoly_scheme.pdb_mon_id 
_pdbx_nonpoly_scheme.auth_mon_id 
_pdbx_nonpoly_scheme.pdb_strand_id 
_pdbx_nonpoly_scheme.pdb_ins_code 
B 2 CO  1   301 301 CO  CO2 A . 
C 2 CO  1   302 302 CO  CO2 A . 
D 3 HOH 1   157 1   HOH TIP A . 
D 3 HOH 2   158 2   HOH TIP A . 
D 3 HOH 3   159 3   HOH TIP A . 
D 3 HOH 4   160 4   HOH TIP A . 
D 3 HOH 5   161 5   HOH TIP A . 
D 3 HOH 6   162 6   HOH TIP A . 
D 3 HOH 7   163 7   HOH TIP A . 
D 3 HOH 8   164 8   HOH TIP A . 
D 3 HOH 9   165 9   HOH TIP A . 
D 3 HOH 10  166 10  HOH TIP A . 
D 3 HOH 11  167 11  HOH TIP A . 
D 3 HOH 12  168 12  HOH TIP A . 
D 3 HOH 13  169 13  HOH TIP A . 
D 3 HOH 14  170 14  HOH TIP A . 
D 3 HOH 15  171 15  HOH TIP A . 
D 3 HOH 16  172 16  HOH TIP A . 
D 3 HOH 17  173 17  HOH TIP A . 
D 3 HOH 18  174 18  HOH TIP A . 
D 3 HOH 19  175 19  HOH TIP A . 
D 3 HOH 20  176 20  HOH TIP A . 
D 3 HOH 21  177 21  HOH TIP A . 
D 3 HOH 22  178 22  HOH TIP A . 
D 3 HOH 23  179 23  HOH TIP A . 
D 3 HOH 24  180 24  HOH TIP A . 
D 3 HOH 25  181 25  HOH TIP A . 
D 3 HOH 26  182 26  HOH TIP A . 
D 3 HOH 27  183 27  HOH TIP A . 
D 3 HOH 28  184 28  HOH TIP A . 
D 3 HOH 29  185 29  HOH TIP A . 
D 3 HOH 30  186 30  HOH TIP A . 
D 3 HOH 31  187 31  HOH TIP A . 
D 3 HOH 32  188 32  HOH TIP A . 
D 3 HOH 33  189 33  HOH TIP A . 
D 3 HOH 34  190 34  HOH TIP A . 
D 3 HOH 35  191 35  HOH TIP A . 
D 3 HOH 36  192 36  HOH TIP A . 
D 3 HOH 37  193 37  HOH TIP A . 
D 3 HOH 38  194 38  HOH TIP A . 
D 3 HOH 39  195 39  HOH TIP A . 
D 3 HOH 40  196 40  HOH TIP A . 
D 3 HOH 41  197 41  HOH TIP A . 
D 3 HOH 42  198 42  HOH TIP A . 
D 3 HOH 43  199 43  HOH TIP A . 
D 3 HOH 44  200 44  HOH TIP A . 
D 3 HOH 45  201 45  HOH TIP A . 
D 3 HOH 46  202 46  HOH TIP A . 
D 3 HOH 47  203 47  HOH TIP A . 
D 3 HOH 48  204 48  HOH TIP A . 
D 3 HOH 49  205 49  HOH TIP A . 
D 3 HOH 50  206 50  HOH TIP A . 
D 3 HOH 51  207 51  HOH TIP A . 
D 3 HOH 52  208 52  HOH TIP A . 
D 3 HOH 53  209 53  HOH TIP A . 
D 3 HOH 54  210 54  HOH TIP A . 
D 3 HOH 55  211 55  HOH TIP A . 
D 3 HOH 56  212 56  HOH TIP A . 
D 3 HOH 57  213 57  HOH TIP A . 
D 3 HOH 58  214 58  HOH TIP A . 
D 3 HOH 59  215 59  HOH TIP A . 
D 3 HOH 60  216 60  HOH TIP A . 
D 3 HOH 61  217 61  HOH TIP A . 
D 3 HOH 62  218 62  HOH TIP A . 
D 3 HOH 63  219 63  HOH TIP A . 
D 3 HOH 64  220 64  HOH TIP A . 
D 3 HOH 65  221 65  HOH TIP A . 
D 3 HOH 66  222 66  HOH TIP A . 
D 3 HOH 67  223 67  HOH TIP A . 
D 3 HOH 68  224 68  HOH TIP A . 
D 3 HOH 69  225 69  HOH TIP A . 
D 3 HOH 70  226 70  HOH TIP A . 
D 3 HOH 71  227 71  HOH TIP A . 
D 3 HOH 72  228 72  HOH TIP A . 
D 3 HOH 73  229 73  HOH TIP A . 
D 3 HOH 74  230 74  HOH TIP A . 
D 3 HOH 75  231 75  HOH TIP A . 
D 3 HOH 76  232 76  HOH TIP A . 
D 3 HOH 77  233 77  HOH TIP A . 
D 3 HOH 78  234 78  HOH TIP A . 
D 3 HOH 79  235 79  HOH TIP A . 
D 3 HOH 80  236 80  HOH TIP A . 
D 3 HOH 81  237 81  HOH TIP A . 
D 3 HOH 82  238 82  HOH TIP A . 
D 3 HOH 83  239 83  HOH TIP A . 
D 3 HOH 84  240 84  HOH TIP A . 
D 3 HOH 85  241 85  HOH TIP A . 
D 3 HOH 86  242 86  HOH TIP A . 
D 3 HOH 87  243 87  HOH TIP A . 
D 3 HOH 88  244 88  HOH TIP A . 
D 3 HOH 89  245 89  HOH TIP A . 
D 3 HOH 90  246 90  HOH TIP A . 
D 3 HOH 91  247 91  HOH TIP A . 
D 3 HOH 92  248 92  HOH TIP A . 
D 3 HOH 93  249 93  HOH TIP A . 
D 3 HOH 94  250 94  HOH TIP A . 
D 3 HOH 95  251 95  HOH TIP A . 
D 3 HOH 96  252 96  HOH TIP A . 
D 3 HOH 97  253 97  HOH TIP A . 
D 3 HOH 98  254 98  HOH TIP A . 
D 3 HOH 99  255 99  HOH TIP A . 
D 3 HOH 100 256 100 HOH TIP A . 
# 
loop_
_software.name 
_software.classification 
_software.version 
_software.citation_id 
_software.pdbx_ordinal 
CBASS    'data collection' .   ? 1 
SHELX    'model building'  .   ? 2 
SHARP    phasing           .   ? 3 
CNS      refinement        1.1 ? 4 
HKL-2000 'data reduction'  .   ? 5 
HKL-2000 'data scaling'    .   ? 6 
SHELX    phasing           .   ? 7 
# 
_cell.entry_id           3KOL 
_cell.length_a           50.382 
_cell.length_b           50.382 
_cell.length_c           138.026 
_cell.angle_alpha        90.00 
_cell.angle_beta         90.00 
_cell.angle_gamma        90.00 
_cell.Z_PDB              8 
_cell.pdbx_unique_axis   ? 
_cell.length_a_esd       ? 
_cell.length_b_esd       ? 
_cell.length_c_esd       ? 
_cell.angle_alpha_esd    ? 
_cell.angle_beta_esd     ? 
_cell.angle_gamma_esd    ? 
# 
_symmetry.entry_id                         3KOL 
_symmetry.space_group_name_H-M             'P 41 2 2' 
_symmetry.pdbx_full_space_group_name_H-M   ? 
_symmetry.cell_setting                     ? 
_symmetry.Int_Tables_number                91 
_symmetry.space_group_name_Hall            ? 
# 
_exptl.entry_id          3KOL 
_exptl.method            'X-RAY DIFFRACTION' 
_exptl.crystals_number   1 
# 
_exptl_crystal.id                    1 
_exptl_crystal.density_meas          ? 
_exptl_crystal.density_Matthews      2.55 
_exptl_crystal.density_percent_sol   51.79 
_exptl_crystal.description           ? 
_exptl_crystal.F_000                 ? 
_exptl_crystal.preparation           ? 
# 
_exptl_crystal_grow.crystal_id      1 
_exptl_crystal_grow.method          'VAPOR DIFFUSION, SITTING DROP' 
_exptl_crystal_grow.temp            290 
_exptl_crystal_grow.temp_details    ? 
_exptl_crystal_grow.pH              6.5 
_exptl_crystal_grow.pdbx_details    
'Ammonium Sulfate; MES pH 6.5; Cobalt (II) Chloride hexahydrate, VAPOR DIFFUSION, SITTING DROP, temperature 290K' 
_exptl_crystal_grow.pdbx_pH_range   ? 
# 
_diffrn.id                     1 
_diffrn.ambient_temp           100 
_diffrn.ambient_temp_details   ? 
_diffrn.crystal_id             1 
# 
_diffrn_detector.diffrn_id              1 
_diffrn_detector.detector               CCD 
_diffrn_detector.type                   'ADSC QUANTUM 315' 
_diffrn_detector.pdbx_collection_date   2009-11-11 
_diffrn_detector.details                ? 
# 
_diffrn_radiation.diffrn_id                        1 
_diffrn_radiation.wavelength_id                    1 
_diffrn_radiation.pdbx_monochromatic_or_laue_m_l   M 
_diffrn_radiation.monochromator                    'Si 111 CHANNEL' 
_diffrn_radiation.pdbx_diffrn_protocol             'SINGLE WAVELENGTH' 
_diffrn_radiation.pdbx_scattering_type             x-ray 
# 
_diffrn_radiation_wavelength.id           1 
_diffrn_radiation_wavelength.wavelength   0.9793 
_diffrn_radiation_wavelength.wt           1.0 
# 
_diffrn_source.diffrn_id                   1 
_diffrn_source.source                      SYNCHROTRON 
_diffrn_source.type                        'NSLS BEAMLINE X29A' 
_diffrn_source.pdbx_synchrotron_site       NSLS 
_diffrn_source.pdbx_synchrotron_beamline   X29A 
_diffrn_source.pdbx_wavelength             ? 
_diffrn_source.pdbx_wavelength_list        0.9793 
# 
_reflns.entry_id                     3KOL 
_reflns.observed_criterion_sigma_I   0.0 
_reflns.observed_criterion_sigma_F   0.0 
_reflns.d_resolution_low             50.0 
_reflns.d_resolution_high            1.9 
_reflns.number_obs                   14757 
_reflns.number_all                   14757 
_reflns.percent_possible_obs         99.6 
_reflns.pdbx_Rmerge_I_obs            0.095 
_reflns.pdbx_Rsym_value              ? 
_reflns.pdbx_netI_over_sigmaI        13.8 
_reflns.B_iso_Wilson_estimate        17.35 
_reflns.pdbx_redundancy              54.8 
_reflns.R_free_details               ? 
_reflns.limit_h_max                  ? 
_reflns.limit_h_min                  ? 
_reflns.limit_k_max                  ? 
_reflns.limit_k_min                  ? 
_reflns.limit_l_max                  ? 
_reflns.limit_l_min                  ? 
_reflns.observed_criterion_F_max     ? 
_reflns.observed_criterion_F_min     ? 
_reflns.pdbx_chi_squared             ? 
_reflns.pdbx_scaling_rejects         ? 
_reflns.pdbx_diffrn_id               1 
_reflns.pdbx_ordinal                 1 
# 
_reflns_shell.d_res_high             1.9 
_reflns_shell.d_res_low              1.93 
_reflns_shell.percent_possible_all   99.3 
_reflns_shell.Rmerge_I_obs           0.357 
_reflns_shell.pdbx_Rsym_value        ? 
_reflns_shell.meanI_over_sigI_obs    ? 
_reflns_shell.pdbx_redundancy        55.5 
_reflns_shell.percent_possible_obs   ? 
_reflns_shell.number_unique_all      723 
_reflns_shell.number_measured_all    ? 
_reflns_shell.number_measured_obs    ? 
_reflns_shell.number_unique_obs      ? 
_reflns_shell.pdbx_chi_squared       ? 
_reflns_shell.pdbx_diffrn_id         ? 
_reflns_shell.pdbx_ordinal           1 
# 
_refine.entry_id                                 3KOL 
_refine.ls_number_reflns_obs                     14540 
_refine.ls_number_reflns_all                     14540 
_refine.pdbx_ls_sigma_I                          0.0 
_refine.pdbx_ls_sigma_F                          0.0 
_refine.pdbx_data_cutoff_high_absF               ? 
_refine.pdbx_data_cutoff_low_absF                ? 
_refine.pdbx_data_cutoff_high_rms_absF           ? 
_refine.ls_d_res_low                             50.0 
_refine.ls_d_res_high                            1.9 
_refine.ls_percent_reflns_obs                    98.3 
_refine.ls_R_factor_obs                          0.213 
_refine.ls_R_factor_all                          ? 
_refine.ls_R_factor_R_work                       0.213 
_refine.ls_R_factor_R_free                       0.234 
_refine.ls_R_factor_R_free_error                 ? 
_refine.ls_R_factor_R_free_error_details         ? 
_refine.ls_percent_reflns_R_free                 ? 
_refine.ls_number_reflns_R_free                  1163 
_refine.ls_number_parameters                     ? 
_refine.ls_number_restraints                     ? 
_refine.occupancy_min                            ? 
_refine.occupancy_max                            ? 
_refine.correlation_coeff_Fo_to_Fc               ? 
_refine.correlation_coeff_Fo_to_Fc_free          ? 
_refine.B_iso_mean                               21.7 
_refine.aniso_B[1][1]                            2.03 
_refine.aniso_B[2][2]                            2.03 
_refine.aniso_B[3][3]                            -4.06 
_refine.aniso_B[1][2]                            0.0 
_refine.aniso_B[1][3]                            0.0 
_refine.aniso_B[2][3]                            0.0 
_refine.solvent_model_details                    ? 
_refine.solvent_model_param_ksol                 ? 
_refine.solvent_model_param_bsol                 ? 
_refine.pdbx_solvent_vdw_probe_radii             ? 
_refine.pdbx_solvent_ion_probe_radii             ? 
_refine.pdbx_solvent_shrinkage_radii             ? 
_refine.pdbx_ls_cross_valid_method               THROUGHOUT 
_refine.details                                  ? 
_refine.pdbx_starting_model                      ? 
_refine.pdbx_method_to_determine_struct          SAD 
_refine.pdbx_isotropic_thermal_model             ? 
_refine.pdbx_stereochemistry_target_values       'Engh & Huber' 
_refine.pdbx_stereochem_target_val_spec_case     ? 
_refine.pdbx_R_Free_selection_details            RANDOM 
_refine.pdbx_overall_ESU_R                       ? 
_refine.pdbx_overall_ESU_R_Free                  ? 
_refine.overall_SU_ML                            ? 
_refine.overall_SU_B                             ? 
_refine.ls_redundancy_reflns_obs                 ? 
_refine.B_iso_min                                ? 
_refine.B_iso_max                                ? 
_refine.overall_SU_R_Cruickshank_DPI             ? 
_refine.overall_SU_R_free                        ? 
_refine.ls_wR_factor_R_free                      ? 
_refine.ls_wR_factor_R_work                      ? 
_refine.overall_FOM_free_R_set                   ? 
_refine.overall_FOM_work_R_set                   ? 
_refine.pdbx_overall_phase_error                 ? 
_refine.pdbx_refine_id                           'X-RAY DIFFRACTION' 
_refine.pdbx_diffrn_id                           1 
_refine.pdbx_TLS_residual_ADP_flag               ? 
_refine.pdbx_overall_SU_R_free_Cruickshank_DPI   ? 
_refine.pdbx_overall_SU_R_Blow_DPI               ? 
_refine.pdbx_overall_SU_R_free_Blow_DPI          ? 
# 
_refine_analyze.entry_id                        3KOL 
_refine_analyze.Luzzati_coordinate_error_obs    0.22 
_refine_analyze.Luzzati_sigma_a_obs             0.08 
_refine_analyze.Luzzati_d_res_low_obs           5.00 
_refine_analyze.Luzzati_coordinate_error_free   0.25 
_refine_analyze.Luzzati_sigma_a_free            0.13 
_refine_analyze.Luzzati_d_res_low_free          ? 
_refine_analyze.number_disordered_residues      ? 
_refine_analyze.occupancy_sum_hydrogen          ? 
_refine_analyze.occupancy_sum_non_hydrogen      ? 
_refine_analyze.pdbx_Luzzati_d_res_high_obs     ? 
_refine_analyze.pdbx_refine_id                  'X-RAY DIFFRACTION' 
# 
_refine_hist.pdbx_refine_id                   'X-RAY DIFFRACTION' 
_refine_hist.cycle_id                         LAST 
_refine_hist.pdbx_number_atoms_protein        1136 
_refine_hist.pdbx_number_atoms_nucleic_acid   0 
_refine_hist.pdbx_number_atoms_ligand         2 
_refine_hist.number_atoms_solvent             100 
_refine_hist.number_atoms_total               1238 
_refine_hist.d_res_high                       1.9 
_refine_hist.d_res_low                        50.0 
# 
loop_
_refine_ls_restr.type 
_refine_ls_restr.dev_ideal 
_refine_ls_restr.dev_ideal_target 
_refine_ls_restr.weight 
_refine_ls_restr.number 
_refine_ls_restr.pdbx_refine_id 
_refine_ls_restr.pdbx_restraint_function 
c_bond_d             0.005 ? ? ? 'X-RAY DIFFRACTION' ? 
c_angle_deg          1.4   ? ? ? 'X-RAY DIFFRACTION' ? 
c_dihedral_angle_deg 24.2  ? ? ? 'X-RAY DIFFRACTION' ? 
c_improper_angle_deg 0.74  ? ? ? 'X-RAY DIFFRACTION' ? 
# 
_refine_ls_shell.pdbx_total_number_of_bins_used   ? 
_refine_ls_shell.d_res_high                       1.9 
_refine_ls_shell.d_res_low                        2.02 
_refine_ls_shell.number_reflns_R_work             ? 
_refine_ls_shell.R_factor_R_work                  0.207 
_refine_ls_shell.percent_reflns_obs               95.0 
_refine_ls_shell.R_factor_R_free                  0.264 
_refine_ls_shell.R_factor_R_free_error            0.021 
_refine_ls_shell.percent_reflns_R_free            ? 
_refine_ls_shell.number_reflns_R_free             162 
_refine_ls_shell.number_reflns_all                ? 
_refine_ls_shell.R_factor_all                     ? 
_refine_ls_shell.number_reflns_obs                2137 
_refine_ls_shell.redundancy_reflns_obs            ? 
_refine_ls_shell.pdbx_refine_id                   'X-RAY DIFFRACTION' 
# 
_struct.entry_id                  3KOL 
_struct.title                     'Crystal structure of a glyoxalase/dioxygenase from Nostoc punctiforme' 
_struct.pdbx_model_details        ? 
_struct.pdbx_CASP_flag            ? 
_struct.pdbx_model_type_details   ? 
# 
_struct_keywords.entry_id        3KOL 
_struct_keywords.pdbx_keywords   'METAL BINDING PROTEIN' 
_struct_keywords.text            
;metal ion binding, bleomycin resistance, NYSGXRC, PSI2, Dioxygenase, Structural Genomics, Protein Structure Initiative, New York SGX Research Center for Structural Genomics, METAL BINDING PROTEIN
;
# 
loop_
_struct_asym.id 
_struct_asym.pdbx_blank_PDB_chainid_flag 
_struct_asym.pdbx_modified 
_struct_asym.entity_id 
_struct_asym.details 
A N N 1 ? 
B N N 2 ? 
C N N 2 ? 
D N N 3 ? 
# 
_struct_ref.id                         1 
_struct_ref.db_name                    UNP 
_struct_ref.db_code                    B2IY64_NOSP7 
_struct_ref.pdbx_db_accession          B2IY64 
_struct_ref.entity_id                  1 
_struct_ref.pdbx_seq_one_letter_code   
;LSSTQSVNSVLAPGNLRKVHHIALNVQDMQASRYFYGTILGLHELTDDEVPATLTELVASGKVANFITPDGTILDLFGEP
ELSPPDPNPEKTFTRAYHLAFDIDPQLFDRAVTVIGENKIAIAHGPVTRPTGRGVYFYDPDGFMIEIRCDPEA
;
_struct_ref.pdbx_align_begin           2 
_struct_ref.pdbx_db_isoform            ? 
# 
_struct_ref_seq.align_id                      1 
_struct_ref_seq.ref_id                        1 
_struct_ref_seq.pdbx_PDB_id_code              3KOL 
_struct_ref_seq.pdbx_strand_id                A 
_struct_ref_seq.seq_align_beg                 2 
_struct_ref_seq.pdbx_seq_align_beg_ins_code   ? 
_struct_ref_seq.seq_align_end                 154 
_struct_ref_seq.pdbx_seq_align_end_ins_code   ? 
_struct_ref_seq.pdbx_db_accession             B2IY64 
_struct_ref_seq.db_align_beg                  2 
_struct_ref_seq.pdbx_db_align_beg_ins_code    ? 
_struct_ref_seq.db_align_end                  154 
_struct_ref_seq.pdbx_db_align_end_ins_code    ? 
_struct_ref_seq.pdbx_auth_seq_align_beg       2 
_struct_ref_seq.pdbx_auth_seq_align_end       154 
# 
loop_
_struct_ref_seq_dif.align_id 
_struct_ref_seq_dif.pdbx_pdb_id_code 
_struct_ref_seq_dif.mon_id 
_struct_ref_seq_dif.pdbx_pdb_strand_id 
_struct_ref_seq_dif.seq_num 
_struct_ref_seq_dif.pdbx_pdb_ins_code 
_struct_ref_seq_dif.pdbx_seq_db_name 
_struct_ref_seq_dif.pdbx_seq_db_accession_code 
_struct_ref_seq_dif.db_mon_id 
_struct_ref_seq_dif.pdbx_seq_db_seq_num 
_struct_ref_seq_dif.details 
_struct_ref_seq_dif.pdbx_auth_seq_num 
_struct_ref_seq_dif.pdbx_ordinal 
1 3KOL SER A 1   ? UNP B2IY64 ? ? 'expression tag' 1   1 
1 3KOL GLU A 155 ? UNP B2IY64 ? ? 'expression tag' 155 2 
1 3KOL GLY A 156 ? UNP B2IY64 ? ? 'expression tag' 156 3 
# 
_pdbx_struct_assembly.id                   1 
_pdbx_struct_assembly.details              author_and_software_defined_assembly 
_pdbx_struct_assembly.method_details       PISA 
_pdbx_struct_assembly.oligomeric_details   dimeric 
_pdbx_struct_assembly.oligomeric_count     2 
# 
loop_
_pdbx_struct_assembly_prop.biol_id 
_pdbx_struct_assembly_prop.type 
_pdbx_struct_assembly_prop.value 
_pdbx_struct_assembly_prop.details 
1 'ABSA (A^2)' 6800  ? 
1 MORE         -53   ? 
1 'SSA (A^2)'  13510 ? 
# 
_pdbx_struct_assembly_gen.assembly_id       1 
_pdbx_struct_assembly_gen.oper_expression   1,2 
_pdbx_struct_assembly_gen.asym_id_list      A,B,C,D 
# 
loop_
_pdbx_struct_oper_list.id 
_pdbx_struct_oper_list.type 
_pdbx_struct_oper_list.name 
_pdbx_struct_oper_list.symmetry_operation 
_pdbx_struct_oper_list.matrix[1][1] 
_pdbx_struct_oper_list.matrix[1][2] 
_pdbx_struct_oper_list.matrix[1][3] 
_pdbx_struct_oper_list.vector[1] 
_pdbx_struct_oper_list.matrix[2][1] 
_pdbx_struct_oper_list.matrix[2][2] 
_pdbx_struct_oper_list.matrix[2][3] 
_pdbx_struct_oper_list.vector[2] 
_pdbx_struct_oper_list.matrix[3][1] 
_pdbx_struct_oper_list.matrix[3][2] 
_pdbx_struct_oper_list.matrix[3][3] 
_pdbx_struct_oper_list.vector[3] 
1 'identity operation'         1_555 x,y,z     1.0000000000 0.0000000000  0.0000000000 0.0000000000  0.0000000000  1.0000000000  0.0000000000  0.0000000000   0.0000000000 0.0000000000  1.0000000000  0.0000000000 
2 'crystal symmetry operation' 5_655 -x+1,y,-z 0.4734806812 -0.3846314911 0.7923854243 -4.8262999267 -0.3846314911 -0.8995973372 -0.2068411152 -13.2700636731 0.7923854243 -0.2068411152 -0.5738833440 2.5333319674 
# 
_struct_biol.id   1 
# 
loop_
_struct_conf.conf_type_id 
_struct_conf.id 
_struct_conf.pdbx_PDB_helix_id 
_struct_conf.beg_label_comp_id 
_struct_conf.beg_label_asym_id 
_struct_conf.beg_label_seq_id 
_struct_conf.pdbx_beg_PDB_ins_code 
_struct_conf.end_label_comp_id 
_struct_conf.end_label_asym_id 
_struct_conf.end_label_seq_id 
_struct_conf.pdbx_end_PDB_ins_code 
_struct_conf.beg_auth_comp_id 
_struct_conf.beg_auth_asym_id 
_struct_conf.beg_auth_seq_id 
_struct_conf.end_auth_comp_id 
_struct_conf.end_auth_asym_id 
_struct_conf.end_auth_seq_id 
_struct_conf.pdbx_PDB_helix_class 
_struct_conf.details 
_struct_conf.pdbx_PDB_helix_length 
HELX_P HELX_P1 1 ASP A 29  ? GLY A 38  ? ASP A 29  GLY A 38  1 ? 10 
HELX_P HELX_P2 2 LEU A 55  ? SER A 61  ? LEU A 55  SER A 61  1 ? 7  
HELX_P HELX_P3 3 ASP A 105 ? GLN A 107 ? ASP A 105 GLN A 107 5 ? 3  
HELX_P HELX_P4 4 LEU A 108 ? ASN A 119 ? LEU A 108 ASN A 119 1 ? 12 
# 
_struct_conf_type.id          HELX_P 
_struct_conf_type.criteria    ? 
_struct_conf_type.reference   ? 
# 
loop_
_struct_conn.id 
_struct_conn.conn_type_id 
_struct_conn.pdbx_leaving_atom_flag 
_struct_conn.pdbx_PDB_id 
_struct_conn.ptnr1_label_asym_id 
_struct_conn.ptnr1_label_comp_id 
_struct_conn.ptnr1_label_seq_id 
_struct_conn.ptnr1_label_atom_id 
_struct_conn.pdbx_ptnr1_label_alt_id 
_struct_conn.pdbx_ptnr1_PDB_ins_code 
_struct_conn.pdbx_ptnr1_standard_comp_id 
_struct_conn.ptnr1_symmetry 
_struct_conn.ptnr2_label_asym_id 
_struct_conn.ptnr2_label_comp_id 
_struct_conn.ptnr2_label_seq_id 
_struct_conn.ptnr2_label_atom_id 
_struct_conn.pdbx_ptnr2_label_alt_id 
_struct_conn.pdbx_ptnr2_PDB_ins_code 
_struct_conn.ptnr1_auth_asym_id 
_struct_conn.ptnr1_auth_comp_id 
_struct_conn.ptnr1_auth_seq_id 
_struct_conn.ptnr2_auth_asym_id 
_struct_conn.ptnr2_auth_comp_id 
_struct_conn.ptnr2_auth_seq_id 
_struct_conn.ptnr2_symmetry 
_struct_conn.pdbx_ptnr3_label_atom_id 
_struct_conn.pdbx_ptnr3_label_seq_id 
_struct_conn.pdbx_ptnr3_label_comp_id 
_struct_conn.pdbx_ptnr3_label_asym_id 
_struct_conn.pdbx_ptnr3_label_alt_id 
_struct_conn.pdbx_ptnr3_PDB_ins_code 
_struct_conn.details 
_struct_conn.pdbx_dist_value 
_struct_conn.pdbx_value_order 
_struct_conn.pdbx_role 
covale1 covale both ? A MSE 30  C   ? ? ? 1_555 A GLN 31  N  ? ? A MSE 30  A GLN 31  1_555 ? ? ? ? ? ? ? 1.328 ? ? 
covale2 covale both ? A MSE 145 C   ? ? ? 1_555 A ILE 146 N  ? ? A MSE 145 A ILE 146 1_555 ? ? ? ? ? ? ? 1.330 ? ? 
metalc1 metalc ?    ? A HIS 44  NE2 ? ? ? 1_555 B CO  .   CO ? ? A HIS 44  A CO  301 1_555 ? ? ? ? ? ? ? 2.075 ? ? 
metalc2 metalc ?    ? A HIS 99  NE2 ? ? ? 1_555 C CO  .   CO ? ? A HIS 99  A CO  302 1_555 ? ? ? ? ? ? ? 2.107 ? ? 
metalc3 metalc ?    ? A GLU 147 OE1 ? ? ? 1_555 C CO  .   CO ? ? A GLU 147 A CO  302 1_555 ? ? ? ? ? ? ? 2.127 ? ? 
metalc4 metalc ?    ? D HOH .   O   ? ? ? 1_555 C CO  .   CO ? ? A HOH 181 A CO  302 1_555 ? ? ? ? ? ? ? 2.209 ? ? 
metalc5 metalc ?    ? D HOH .   O   ? ? ? 1_555 B CO  .   CO ? ? A HOH 183 A CO  301 1_555 ? ? ? ? ? ? ? 2.096 ? ? 
metalc6 metalc ?    ? D HOH .   O   ? ? ? 1_555 B CO  .   CO ? ? A HOH 237 A CO  301 1_555 ? ? ? ? ? ? ? 2.022 ? ? 
metalc7 metalc ?    ? D HOH .   O   ? ? ? 1_555 C CO  .   CO ? ? A HOH 238 A CO  302 1_555 ? ? ? ? ? ? ? 2.035 ? ? 
metalc8 metalc ?    ? D HOH .   O   ? ? ? 1_555 C CO  .   CO ? ? A HOH 239 A CO  302 1_555 ? ? ? ? ? ? ? 2.221 ? ? 
# 
loop_
_struct_conn_type.id 
_struct_conn_type.criteria 
_struct_conn_type.reference 
covale ? ? 
metalc ? ? 
# 
loop_
_pdbx_struct_conn_angle.id 
_pdbx_struct_conn_angle.ptnr1_label_atom_id 
_pdbx_struct_conn_angle.ptnr1_label_alt_id 
_pdbx_struct_conn_angle.ptnr1_label_asym_id 
_pdbx_struct_conn_angle.ptnr1_label_comp_id 
_pdbx_struct_conn_angle.ptnr1_label_seq_id 
_pdbx_struct_conn_angle.ptnr1_auth_atom_id 
_pdbx_struct_conn_angle.ptnr1_auth_asym_id 
_pdbx_struct_conn_angle.ptnr1_auth_comp_id 
_pdbx_struct_conn_angle.ptnr1_auth_seq_id 
_pdbx_struct_conn_angle.ptnr1_PDB_ins_code 
_pdbx_struct_conn_angle.ptnr1_symmetry 
_pdbx_struct_conn_angle.ptnr2_label_atom_id 
_pdbx_struct_conn_angle.ptnr2_label_alt_id 
_pdbx_struct_conn_angle.ptnr2_label_asym_id 
_pdbx_struct_conn_angle.ptnr2_label_comp_id 
_pdbx_struct_conn_angle.ptnr2_label_seq_id 
_pdbx_struct_conn_angle.ptnr2_auth_atom_id 
_pdbx_struct_conn_angle.ptnr2_auth_asym_id 
_pdbx_struct_conn_angle.ptnr2_auth_comp_id 
_pdbx_struct_conn_angle.ptnr2_auth_seq_id 
_pdbx_struct_conn_angle.ptnr2_PDB_ins_code 
_pdbx_struct_conn_angle.ptnr2_symmetry 
_pdbx_struct_conn_angle.ptnr3_label_atom_id 
_pdbx_struct_conn_angle.ptnr3_label_alt_id 
_pdbx_struct_conn_angle.ptnr3_label_asym_id 
_pdbx_struct_conn_angle.ptnr3_label_comp_id 
_pdbx_struct_conn_angle.ptnr3_label_seq_id 
_pdbx_struct_conn_angle.ptnr3_auth_atom_id 
_pdbx_struct_conn_angle.ptnr3_auth_asym_id 
_pdbx_struct_conn_angle.ptnr3_auth_comp_id 
_pdbx_struct_conn_angle.ptnr3_auth_seq_id 
_pdbx_struct_conn_angle.ptnr3_PDB_ins_code 
_pdbx_struct_conn_angle.ptnr3_symmetry 
_pdbx_struct_conn_angle.value 
_pdbx_struct_conn_angle.value_esd 
1  NE2 ? A HIS 44  ? A HIS 44  ? 1_555 CO ? B CO . ? A CO 301 ? 1_555 O   ? D HOH .   ? A HOH 183 ? 1_555 174.5 ? 
2  NE2 ? A HIS 44  ? A HIS 44  ? 1_555 CO ? B CO . ? A CO 301 ? 1_555 O   ? D HOH .   ? A HOH 237 ? 1_555 94.3  ? 
3  O   ? D HOH .   ? A HOH 183 ? 1_555 CO ? B CO . ? A CO 301 ? 1_555 O   ? D HOH .   ? A HOH 237 ? 1_555 86.3  ? 
4  NE2 ? A HIS 99  ? A HIS 99  ? 1_555 CO ? C CO . ? A CO 302 ? 1_555 OE1 ? A GLU 147 ? A GLU 147 ? 1_555 88.5  ? 
5  NE2 ? A HIS 99  ? A HIS 99  ? 1_555 CO ? C CO . ? A CO 302 ? 1_555 O   ? D HOH .   ? A HOH 181 ? 1_555 96.7  ? 
6  OE1 ? A GLU 147 ? A GLU 147 ? 1_555 CO ? C CO . ? A CO 302 ? 1_555 O   ? D HOH .   ? A HOH 181 ? 1_555 168.8 ? 
7  NE2 ? A HIS 99  ? A HIS 99  ? 1_555 CO ? C CO . ? A CO 302 ? 1_555 O   ? D HOH .   ? A HOH 238 ? 1_555 91.2  ? 
8  OE1 ? A GLU 147 ? A GLU 147 ? 1_555 CO ? C CO . ? A CO 302 ? 1_555 O   ? D HOH .   ? A HOH 238 ? 1_555 93.2  ? 
9  O   ? D HOH .   ? A HOH 181 ? 1_555 CO ? C CO . ? A CO 302 ? 1_555 O   ? D HOH .   ? A HOH 238 ? 1_555 76.9  ? 
10 NE2 ? A HIS 99  ? A HIS 99  ? 1_555 CO ? C CO . ? A CO 302 ? 1_555 O   ? D HOH .   ? A HOH 239 ? 1_555 168.0 ? 
11 OE1 ? A GLU 147 ? A GLU 147 ? 1_555 CO ? C CO . ? A CO 302 ? 1_555 O   ? D HOH .   ? A HOH 239 ? 1_555 89.1  ? 
12 O   ? D HOH .   ? A HOH 181 ? 1_555 CO ? C CO . ? A CO 302 ? 1_555 O   ? D HOH .   ? A HOH 239 ? 1_555 83.8  ? 
13 O   ? D HOH .   ? A HOH 238 ? 1_555 CO ? C CO . ? A CO 302 ? 1_555 O   ? D HOH .   ? A HOH 239 ? 1_555 77.2  ? 
# 
loop_
_pdbx_modification_feature.ordinal 
_pdbx_modification_feature.label_comp_id 
_pdbx_modification_feature.label_asym_id 
_pdbx_modification_feature.label_seq_id 
_pdbx_modification_feature.label_alt_id 
_pdbx_modification_feature.modified_residue_label_comp_id 
_pdbx_modification_feature.modified_residue_label_asym_id 
_pdbx_modification_feature.modified_residue_label_seq_id 
_pdbx_modification_feature.modified_residue_label_alt_id 
_pdbx_modification_feature.auth_comp_id 
_pdbx_modification_feature.auth_asym_id 
_pdbx_modification_feature.auth_seq_id 
_pdbx_modification_feature.PDB_ins_code 
_pdbx_modification_feature.symmetry 
_pdbx_modification_feature.modified_residue_auth_comp_id 
_pdbx_modification_feature.modified_residue_auth_asym_id 
_pdbx_modification_feature.modified_residue_auth_seq_id 
_pdbx_modification_feature.modified_residue_PDB_ins_code 
_pdbx_modification_feature.modified_residue_symmetry 
_pdbx_modification_feature.comp_id_linking_atom 
_pdbx_modification_feature.modified_residue_id_linking_atom 
_pdbx_modification_feature.modified_residue_id 
_pdbx_modification_feature.ref_pcm_id 
_pdbx_modification_feature.ref_comp_id 
_pdbx_modification_feature.type 
_pdbx_modification_feature.category 
1 MSE A 30  ? . . . . MSE A 30  ? 1_555 . . . . . . . MET 1 MSE Selenomethionine 'Named protein modification' 
2 MSE A 145 ? . . . . MSE A 145 ? 1_555 . . . . . . . MET 1 MSE Selenomethionine 'Named protein modification' 
# 
_struct_mon_prot_cis.pdbx_id                1 
_struct_mon_prot_cis.label_comp_id          GLY 
_struct_mon_prot_cis.label_seq_id           126 
_struct_mon_prot_cis.label_asym_id          A 
_struct_mon_prot_cis.label_alt_id           . 
_struct_mon_prot_cis.pdbx_PDB_ins_code      ? 
_struct_mon_prot_cis.auth_comp_id           GLY 
_struct_mon_prot_cis.auth_seq_id            126 
_struct_mon_prot_cis.auth_asym_id           A 
_struct_mon_prot_cis.pdbx_label_comp_id_2   PRO 
_struct_mon_prot_cis.pdbx_label_seq_id_2    127 
_struct_mon_prot_cis.pdbx_label_asym_id_2   A 
_struct_mon_prot_cis.pdbx_PDB_ins_code_2    ? 
_struct_mon_prot_cis.pdbx_auth_comp_id_2    PRO 
_struct_mon_prot_cis.pdbx_auth_seq_id_2     127 
_struct_mon_prot_cis.pdbx_auth_asym_id_2    A 
_struct_mon_prot_cis.pdbx_PDB_model_num     1 
_struct_mon_prot_cis.pdbx_omega_angle       -0.03 
# 
loop_
_struct_sheet.id 
_struct_sheet.type 
_struct_sheet.number_strands 
_struct_sheet.details 
A ? 4 ? 
B ? 4 ? 
# 
loop_
_struct_sheet_order.sheet_id 
_struct_sheet_order.range_id_1 
_struct_sheet_order.range_id_2 
_struct_sheet_order.offset 
_struct_sheet_order.sense 
A 1 2 ? parallel      
A 2 3 ? anti-parallel 
A 3 4 ? anti-parallel 
B 1 2 ? parallel      
B 2 3 ? anti-parallel 
B 3 4 ? anti-parallel 
# 
loop_
_struct_sheet_range.sheet_id 
_struct_sheet_range.id 
_struct_sheet_range.beg_label_comp_id 
_struct_sheet_range.beg_label_asym_id 
_struct_sheet_range.beg_label_seq_id 
_struct_sheet_range.pdbx_beg_PDB_ins_code 
_struct_sheet_range.end_label_comp_id 
_struct_sheet_range.end_label_asym_id 
_struct_sheet_range.end_label_seq_id 
_struct_sheet_range.pdbx_end_PDB_ins_code 
_struct_sheet_range.beg_auth_comp_id 
_struct_sheet_range.beg_auth_asym_id 
_struct_sheet_range.beg_auth_seq_id 
_struct_sheet_range.end_auth_comp_id 
_struct_sheet_range.end_auth_asym_id 
_struct_sheet_range.end_auth_seq_id 
A 1 HIS A 22  ? VAL A 27  ? HIS A 22  VAL A 27  
A 2 ILE A 74  ? GLY A 79  ? ILE A 74  GLY A 79  
A 3 VAL A 64  ? ILE A 68  ? VAL A 64  ILE A 68  
A 4 HIS A 44  ? GLU A 45  ? HIS A 44  GLU A 45  
B 1 HIS A 99  ? ASP A 103 ? HIS A 99  ASP A 103 
B 2 MSE A 145 ? CYS A 150 ? MSE A 145 CYS A 150 
B 3 ARG A 134 ? TYR A 139 ? ARG A 134 TYR A 139 
B 4 ILE A 123 ? THR A 129 ? ILE A 123 THR A 129 
# 
loop_
_pdbx_struct_sheet_hbond.sheet_id 
_pdbx_struct_sheet_hbond.range_id_1 
_pdbx_struct_sheet_hbond.range_id_2 
_pdbx_struct_sheet_hbond.range_1_label_atom_id 
_pdbx_struct_sheet_hbond.range_1_label_comp_id 
_pdbx_struct_sheet_hbond.range_1_label_asym_id 
_pdbx_struct_sheet_hbond.range_1_label_seq_id 
_pdbx_struct_sheet_hbond.range_1_PDB_ins_code 
_pdbx_struct_sheet_hbond.range_1_auth_atom_id 
_pdbx_struct_sheet_hbond.range_1_auth_comp_id 
_pdbx_struct_sheet_hbond.range_1_auth_asym_id 
_pdbx_struct_sheet_hbond.range_1_auth_seq_id 
_pdbx_struct_sheet_hbond.range_2_label_atom_id 
_pdbx_struct_sheet_hbond.range_2_label_comp_id 
_pdbx_struct_sheet_hbond.range_2_label_asym_id 
_pdbx_struct_sheet_hbond.range_2_label_seq_id 
_pdbx_struct_sheet_hbond.range_2_PDB_ins_code 
_pdbx_struct_sheet_hbond.range_2_auth_atom_id 
_pdbx_struct_sheet_hbond.range_2_auth_comp_id 
_pdbx_struct_sheet_hbond.range_2_auth_asym_id 
_pdbx_struct_sheet_hbond.range_2_auth_seq_id 
A 1 2 N LEU A 25  ? N LEU A 25  O PHE A 78  ? O PHE A 78  
A 2 3 O LEU A 75  ? O LEU A 75  N PHE A 67  ? N PHE A 67  
A 3 4 O ILE A 68  ? O ILE A 68  N HIS A 44  ? N HIS A 44  
B 1 2 N PHE A 102 ? N PHE A 102 O GLU A 147 ? O GLU A 147 
B 2 3 O ILE A 146 ? O ILE A 146 N PHE A 138 ? N PHE A 138 
B 3 4 O TYR A 137 ? O TYR A 137 N HIS A 125 ? N HIS A 125 
# 
loop_
_struct_site.id 
_struct_site.pdbx_evidence_code 
_struct_site.pdbx_auth_asym_id 
_struct_site.pdbx_auth_comp_id 
_struct_site.pdbx_auth_seq_id 
_struct_site.pdbx_auth_ins_code 
_struct_site.pdbx_num_residues 
_struct_site.details 
AC1 Software A CO 301 ? 6 'BINDING SITE FOR RESIDUE CO A 301' 
AC2 Software A CO 302 ? 6 'BINDING SITE FOR RESIDUE CO A 302' 
# 
loop_
_struct_site_gen.id 
_struct_site_gen.site_id 
_struct_site_gen.pdbx_num_res 
_struct_site_gen.label_comp_id 
_struct_site_gen.label_asym_id 
_struct_site_gen.label_seq_id 
_struct_site_gen.pdbx_auth_ins_code 
_struct_site_gen.auth_comp_id 
_struct_site_gen.auth_asym_id 
_struct_site_gen.auth_seq_id 
_struct_site_gen.label_atom_id 
_struct_site_gen.label_alt_id 
_struct_site_gen.symmetry 
_struct_site_gen.details 
1  AC1 6 HIS A 44  ? HIS A 44  . ? 1_555 ? 
2  AC1 6 HIS A 44  ? HIS A 44  . ? 8_665 ? 
3  AC1 6 HOH D .   ? HOH A 183 . ? 1_555 ? 
4  AC1 6 HOH D .   ? HOH A 183 . ? 8_665 ? 
5  AC1 6 HOH D .   ? HOH A 237 . ? 8_665 ? 
6  AC1 6 HOH D .   ? HOH A 237 . ? 1_555 ? 
7  AC2 6 HIS A 22  ? HIS A 22  . ? 5_655 ? 
8  AC2 6 HIS A 99  ? HIS A 99  . ? 1_555 ? 
9  AC2 6 GLU A 147 ? GLU A 147 . ? 1_555 ? 
10 AC2 6 HOH D .   ? HOH A 181 . ? 1_555 ? 
11 AC2 6 HOH D .   ? HOH A 238 . ? 1_555 ? 
12 AC2 6 HOH D .   ? HOH A 239 . ? 1_555 ? 
# 
_pdbx_entry_details.entry_id                   3KOL 
_pdbx_entry_details.compound_details           ? 
_pdbx_entry_details.source_details             ? 
_pdbx_entry_details.nonpolymer_details         ? 
_pdbx_entry_details.sequence_details           ? 
_pdbx_entry_details.has_ligand_of_interest     ? 
_pdbx_entry_details.has_protein_modification   Y 
# 
loop_
_pdbx_validate_torsion.id 
_pdbx_validate_torsion.PDB_model_num 
_pdbx_validate_torsion.auth_comp_id 
_pdbx_validate_torsion.auth_asym_id 
_pdbx_validate_torsion.auth_seq_id 
_pdbx_validate_torsion.PDB_ins_code 
_pdbx_validate_torsion.label_alt_id 
_pdbx_validate_torsion.phi 
_pdbx_validate_torsion.psi 
1 1 ARG A 96 ? ? 83.41   -150.31 
2 1 TYR A 98 ? ? -105.07 -62.75  
# 
_pdbx_SG_project.id                    1 
_pdbx_SG_project.project_name          'PSI, Protein Structure Initiative' 
_pdbx_SG_project.full_name_of_center   'New York SGX Research Center for Structural Genomics' 
_pdbx_SG_project.initial_of_center     NYSGXRC 
# 
loop_
_pdbx_struct_mod_residue.id 
_pdbx_struct_mod_residue.label_asym_id 
_pdbx_struct_mod_residue.label_comp_id 
_pdbx_struct_mod_residue.label_seq_id 
_pdbx_struct_mod_residue.auth_asym_id 
_pdbx_struct_mod_residue.auth_comp_id 
_pdbx_struct_mod_residue.auth_seq_id 
_pdbx_struct_mod_residue.PDB_ins_code 
_pdbx_struct_mod_residue.parent_comp_id 
_pdbx_struct_mod_residue.details 
1 A MSE 30  A MSE 30  ? MET SELENOMETHIONINE 
2 A MSE 145 A MSE 145 ? MET SELENOMETHIONINE 
# 
loop_
_pdbx_struct_special_symmetry.id 
_pdbx_struct_special_symmetry.PDB_model_num 
_pdbx_struct_special_symmetry.auth_asym_id 
_pdbx_struct_special_symmetry.auth_comp_id 
_pdbx_struct_special_symmetry.auth_seq_id 
_pdbx_struct_special_symmetry.PDB_ins_code 
_pdbx_struct_special_symmetry.label_asym_id 
_pdbx_struct_special_symmetry.label_comp_id 
_pdbx_struct_special_symmetry.label_seq_id 
1 1 A CO  301 ? B CO  . 
2 1 A HOH 246 ? D HOH . 
# 
loop_
_pdbx_unobs_or_zero_occ_residues.id 
_pdbx_unobs_or_zero_occ_residues.PDB_model_num 
_pdbx_unobs_or_zero_occ_residues.polymer_flag 
_pdbx_unobs_or_zero_occ_residues.occupancy_flag 
_pdbx_unobs_or_zero_occ_residues.auth_asym_id 
_pdbx_unobs_or_zero_occ_residues.auth_comp_id 
_pdbx_unobs_or_zero_occ_residues.auth_seq_id 
_pdbx_unobs_or_zero_occ_residues.PDB_ins_code 
_pdbx_unobs_or_zero_occ_residues.label_asym_id 
_pdbx_unobs_or_zero_occ_residues.label_comp_id 
_pdbx_unobs_or_zero_occ_residues.label_seq_id 
1  1 Y 1 A SER 1   ? A SER 1   
2  1 Y 1 A LEU 2   ? A LEU 2   
3  1 Y 1 A SER 3   ? A SER 3   
4  1 Y 1 A SER 4   ? A SER 4   
5  1 Y 1 A THR 5   ? A THR 5   
6  1 Y 1 A GLN 6   ? A GLN 6   
7  1 Y 1 A PRO 131 ? A PRO 131 
8  1 Y 1 A ALA 154 ? A ALA 154 
9  1 Y 1 A GLU 155 ? A GLU 155 
10 1 Y 1 A GLY 156 ? A GLY 156 
# 
loop_
_chem_comp_atom.comp_id 
_chem_comp_atom.atom_id 
_chem_comp_atom.type_symbol 
_chem_comp_atom.pdbx_aromatic_flag 
_chem_comp_atom.pdbx_stereo_config 
_chem_comp_atom.pdbx_ordinal 
ALA N    N  N N 1   
ALA CA   C  N S 2   
ALA C    C  N N 3   
ALA O    O  N N 4   
ALA CB   C  N N 5   
ALA OXT  O  N N 6   
ALA H    H  N N 7   
ALA H2   H  N N 8   
ALA HA   H  N N 9   
ALA HB1  H  N N 10  
ALA HB2  H  N N 11  
ALA HB3  H  N N 12  
ALA HXT  H  N N 13  
ARG N    N  N N 14  
ARG CA   C  N S 15  
ARG C    C  N N 16  
ARG O    O  N N 17  
ARG CB   C  N N 18  
ARG CG   C  N N 19  
ARG CD   C  N N 20  
ARG NE   N  N N 21  
ARG CZ   C  N N 22  
ARG NH1  N  N N 23  
ARG NH2  N  N N 24  
ARG OXT  O  N N 25  
ARG H    H  N N 26  
ARG H2   H  N N 27  
ARG HA   H  N N 28  
ARG HB2  H  N N 29  
ARG HB3  H  N N 30  
ARG HG2  H  N N 31  
ARG HG3  H  N N 32  
ARG HD2  H  N N 33  
ARG HD3  H  N N 34  
ARG HE   H  N N 35  
ARG HH11 H  N N 36  
ARG HH12 H  N N 37  
ARG HH21 H  N N 38  
ARG HH22 H  N N 39  
ARG HXT  H  N N 40  
ASN N    N  N N 41  
ASN CA   C  N S 42  
ASN C    C  N N 43  
ASN O    O  N N 44  
ASN CB   C  N N 45  
ASN CG   C  N N 46  
ASN OD1  O  N N 47  
ASN ND2  N  N N 48  
ASN OXT  O  N N 49  
ASN H    H  N N 50  
ASN H2   H  N N 51  
ASN HA   H  N N 52  
ASN HB2  H  N N 53  
ASN HB3  H  N N 54  
ASN HD21 H  N N 55  
ASN HD22 H  N N 56  
ASN HXT  H  N N 57  
ASP N    N  N N 58  
ASP CA   C  N S 59  
ASP C    C  N N 60  
ASP O    O  N N 61  
ASP CB   C  N N 62  
ASP CG   C  N N 63  
ASP OD1  O  N N 64  
ASP OD2  O  N N 65  
ASP OXT  O  N N 66  
ASP H    H  N N 67  
ASP H2   H  N N 68  
ASP HA   H  N N 69  
ASP HB2  H  N N 70  
ASP HB3  H  N N 71  
ASP HD2  H  N N 72  
ASP HXT  H  N N 73  
CO  CO   CO N N 74  
CYS N    N  N N 75  
CYS CA   C  N R 76  
CYS C    C  N N 77  
CYS O    O  N N 78  
CYS CB   C  N N 79  
CYS SG   S  N N 80  
CYS OXT  O  N N 81  
CYS H    H  N N 82  
CYS H2   H  N N 83  
CYS HA   H  N N 84  
CYS HB2  H  N N 85  
CYS HB3  H  N N 86  
CYS HG   H  N N 87  
CYS HXT  H  N N 88  
GLN N    N  N N 89  
GLN CA   C  N S 90  
GLN C    C  N N 91  
GLN O    O  N N 92  
GLN CB   C  N N 93  
GLN CG   C  N N 94  
GLN CD   C  N N 95  
GLN OE1  O  N N 96  
GLN NE2  N  N N 97  
GLN OXT  O  N N 98  
GLN H    H  N N 99  
GLN H2   H  N N 100 
GLN HA   H  N N 101 
GLN HB2  H  N N 102 
GLN HB3  H  N N 103 
GLN HG2  H  N N 104 
GLN HG3  H  N N 105 
GLN HE21 H  N N 106 
GLN HE22 H  N N 107 
GLN HXT  H  N N 108 
GLU N    N  N N 109 
GLU CA   C  N S 110 
GLU C    C  N N 111 
GLU O    O  N N 112 
GLU CB   C  N N 113 
GLU CG   C  N N 114 
GLU CD   C  N N 115 
GLU OE1  O  N N 116 
GLU OE2  O  N N 117 
GLU OXT  O  N N 118 
GLU H    H  N N 119 
GLU H2   H  N N 120 
GLU HA   H  N N 121 
GLU HB2  H  N N 122 
GLU HB3  H  N N 123 
GLU HG2  H  N N 124 
GLU HG3  H  N N 125 
GLU HE2  H  N N 126 
GLU HXT  H  N N 127 
GLY N    N  N N 128 
GLY CA   C  N N 129 
GLY C    C  N N 130 
GLY O    O  N N 131 
GLY OXT  O  N N 132 
GLY H    H  N N 133 
GLY H2   H  N N 134 
GLY HA2  H  N N 135 
GLY HA3  H  N N 136 
GLY HXT  H  N N 137 
HIS N    N  N N 138 
HIS CA   C  N S 139 
HIS C    C  N N 140 
HIS O    O  N N 141 
HIS CB   C  N N 142 
HIS CG   C  Y N 143 
HIS ND1  N  Y N 144 
HIS CD2  C  Y N 145 
HIS CE1  C  Y N 146 
HIS NE2  N  Y N 147 
HIS OXT  O  N N 148 
HIS H    H  N N 149 
HIS H2   H  N N 150 
HIS HA   H  N N 151 
HIS HB2  H  N N 152 
HIS HB3  H  N N 153 
HIS HD1  H  N N 154 
HIS HD2  H  N N 155 
HIS HE1  H  N N 156 
HIS HE2  H  N N 157 
HIS HXT  H  N N 158 
HOH O    O  N N 159 
HOH H1   H  N N 160 
HOH H2   H  N N 161 
ILE N    N  N N 162 
ILE CA   C  N S 163 
ILE C    C  N N 164 
ILE O    O  N N 165 
ILE CB   C  N S 166 
ILE CG1  C  N N 167 
ILE CG2  C  N N 168 
ILE CD1  C  N N 169 
ILE OXT  O  N N 170 
ILE H    H  N N 171 
ILE H2   H  N N 172 
ILE HA   H  N N 173 
ILE HB   H  N N 174 
ILE HG12 H  N N 175 
ILE HG13 H  N N 176 
ILE HG21 H  N N 177 
ILE HG22 H  N N 178 
ILE HG23 H  N N 179 
ILE HD11 H  N N 180 
ILE HD12 H  N N 181 
ILE HD13 H  N N 182 
ILE HXT  H  N N 183 
LEU N    N  N N 184 
LEU CA   C  N S 185 
LEU C    C  N N 186 
LEU O    O  N N 187 
LEU CB   C  N N 188 
LEU CG   C  N N 189 
LEU CD1  C  N N 190 
LEU CD2  C  N N 191 
LEU OXT  O  N N 192 
LEU H    H  N N 193 
LEU H2   H  N N 194 
LEU HA   H  N N 195 
LEU HB2  H  N N 196 
LEU HB3  H  N N 197 
LEU HG   H  N N 198 
LEU HD11 H  N N 199 
LEU HD12 H  N N 200 
LEU HD13 H  N N 201 
LEU HD21 H  N N 202 
LEU HD22 H  N N 203 
LEU HD23 H  N N 204 
LEU HXT  H  N N 205 
LYS N    N  N N 206 
LYS CA   C  N S 207 
LYS C    C  N N 208 
LYS O    O  N N 209 
LYS CB   C  N N 210 
LYS CG   C  N N 211 
LYS CD   C  N N 212 
LYS CE   C  N N 213 
LYS NZ   N  N N 214 
LYS OXT  O  N N 215 
LYS H    H  N N 216 
LYS H2   H  N N 217 
LYS HA   H  N N 218 
LYS HB2  H  N N 219 
LYS HB3  H  N N 220 
LYS HG2  H  N N 221 
LYS HG3  H  N N 222 
LYS HD2  H  N N 223 
LYS HD3  H  N N 224 
LYS HE2  H  N N 225 
LYS HE3  H  N N 226 
LYS HZ1  H  N N 227 
LYS HZ2  H  N N 228 
LYS HZ3  H  N N 229 
LYS HXT  H  N N 230 
MSE N    N  N N 231 
MSE CA   C  N S 232 
MSE C    C  N N 233 
MSE O    O  N N 234 
MSE OXT  O  N N 235 
MSE CB   C  N N 236 
MSE CG   C  N N 237 
MSE SE   SE N N 238 
MSE CE   C  N N 239 
MSE H    H  N N 240 
MSE H2   H  N N 241 
MSE HA   H  N N 242 
MSE HXT  H  N N 243 
MSE HB2  H  N N 244 
MSE HB3  H  N N 245 
MSE HG2  H  N N 246 
MSE HG3  H  N N 247 
MSE HE1  H  N N 248 
MSE HE2  H  N N 249 
MSE HE3  H  N N 250 
PHE N    N  N N 251 
PHE CA   C  N S 252 
PHE C    C  N N 253 
PHE O    O  N N 254 
PHE CB   C  N N 255 
PHE CG   C  Y N 256 
PHE CD1  C  Y N 257 
PHE CD2  C  Y N 258 
PHE CE1  C  Y N 259 
PHE CE2  C  Y N 260 
PHE CZ   C  Y N 261 
PHE OXT  O  N N 262 
PHE H    H  N N 263 
PHE H2   H  N N 264 
PHE HA   H  N N 265 
PHE HB2  H  N N 266 
PHE HB3  H  N N 267 
PHE HD1  H  N N 268 
PHE HD2  H  N N 269 
PHE HE1  H  N N 270 
PHE HE2  H  N N 271 
PHE HZ   H  N N 272 
PHE HXT  H  N N 273 
PRO N    N  N N 274 
PRO CA   C  N S 275 
PRO C    C  N N 276 
PRO O    O  N N 277 
PRO CB   C  N N 278 
PRO CG   C  N N 279 
PRO CD   C  N N 280 
PRO OXT  O  N N 281 
PRO H    H  N N 282 
PRO HA   H  N N 283 
PRO HB2  H  N N 284 
PRO HB3  H  N N 285 
PRO HG2  H  N N 286 
PRO HG3  H  N N 287 
PRO HD2  H  N N 288 
PRO HD3  H  N N 289 
PRO HXT  H  N N 290 
SER N    N  N N 291 
SER CA   C  N S 292 
SER C    C  N N 293 
SER O    O  N N 294 
SER CB   C  N N 295 
SER OG   O  N N 296 
SER OXT  O  N N 297 
SER H    H  N N 298 
SER H2   H  N N 299 
SER HA   H  N N 300 
SER HB2  H  N N 301 
SER HB3  H  N N 302 
SER HG   H  N N 303 
SER HXT  H  N N 304 
THR N    N  N N 305 
THR CA   C  N S 306 
THR C    C  N N 307 
THR O    O  N N 308 
THR CB   C  N R 309 
THR OG1  O  N N 310 
THR CG2  C  N N 311 
THR OXT  O  N N 312 
THR H    H  N N 313 
THR H2   H  N N 314 
THR HA   H  N N 315 
THR HB   H  N N 316 
THR HG1  H  N N 317 
THR HG21 H  N N 318 
THR HG22 H  N N 319 
THR HG23 H  N N 320 
THR HXT  H  N N 321 
TYR N    N  N N 322 
TYR CA   C  N S 323 
TYR C    C  N N 324 
TYR O    O  N N 325 
TYR CB   C  N N 326 
TYR CG   C  Y N 327 
TYR CD1  C  Y N 328 
TYR CD2  C  Y N 329 
TYR CE1  C  Y N 330 
TYR CE2  C  Y N 331 
TYR CZ   C  Y N 332 
TYR OH   O  N N 333 
TYR OXT  O  N N 334 
TYR H    H  N N 335 
TYR H2   H  N N 336 
TYR HA   H  N N 337 
TYR HB2  H  N N 338 
TYR HB3  H  N N 339 
TYR HD1  H  N N 340 
TYR HD2  H  N N 341 
TYR HE1  H  N N 342 
TYR HE2  H  N N 343 
TYR HH   H  N N 344 
TYR HXT  H  N N 345 
VAL N    N  N N 346 
VAL CA   C  N S 347 
VAL C    C  N N 348 
VAL O    O  N N 349 
VAL CB   C  N N 350 
VAL CG1  C  N N 351 
VAL CG2  C  N N 352 
VAL OXT  O  N N 353 
VAL H    H  N N 354 
VAL H2   H  N N 355 
VAL HA   H  N N 356 
VAL HB   H  N N 357 
VAL HG11 H  N N 358 
VAL HG12 H  N N 359 
VAL HG13 H  N N 360 
VAL HG21 H  N N 361 
VAL HG22 H  N N 362 
VAL HG23 H  N N 363 
VAL HXT  H  N N 364 
# 
loop_
_chem_comp_bond.comp_id 
_chem_comp_bond.atom_id_1 
_chem_comp_bond.atom_id_2 
_chem_comp_bond.value_order 
_chem_comp_bond.pdbx_aromatic_flag 
_chem_comp_bond.pdbx_stereo_config 
_chem_comp_bond.pdbx_ordinal 
ALA N   CA   sing N N 1   
ALA N   H    sing N N 2   
ALA N   H2   sing N N 3   
ALA CA  C    sing N N 4   
ALA CA  CB   sing N N 5   
ALA CA  HA   sing N N 6   
ALA C   O    doub N N 7   
ALA C   OXT  sing N N 8   
ALA CB  HB1  sing N N 9   
ALA CB  HB2  sing N N 10  
ALA CB  HB3  sing N N 11  
ALA OXT HXT  sing N N 12  
ARG N   CA   sing N N 13  
ARG N   H    sing N N 14  
ARG N   H2   sing N N 15  
ARG CA  C    sing N N 16  
ARG CA  CB   sing N N 17  
ARG CA  HA   sing N N 18  
ARG C   O    doub N N 19  
ARG C   OXT  sing N N 20  
ARG CB  CG   sing N N 21  
ARG CB  HB2  sing N N 22  
ARG CB  HB3  sing N N 23  
ARG CG  CD   sing N N 24  
ARG CG  HG2  sing N N 25  
ARG CG  HG3  sing N N 26  
ARG CD  NE   sing N N 27  
ARG CD  HD2  sing N N 28  
ARG CD  HD3  sing N N 29  
ARG NE  CZ   sing N N 30  
ARG NE  HE   sing N N 31  
ARG CZ  NH1  sing N N 32  
ARG CZ  NH2  doub N N 33  
ARG NH1 HH11 sing N N 34  
ARG NH1 HH12 sing N N 35  
ARG NH2 HH21 sing N N 36  
ARG NH2 HH22 sing N N 37  
ARG OXT HXT  sing N N 38  
ASN N   CA   sing N N 39  
ASN N   H    sing N N 40  
ASN N   H2   sing N N 41  
ASN CA  C    sing N N 42  
ASN CA  CB   sing N N 43  
ASN CA  HA   sing N N 44  
ASN C   O    doub N N 45  
ASN C   OXT  sing N N 46  
ASN CB  CG   sing N N 47  
ASN CB  HB2  sing N N 48  
ASN CB  HB3  sing N N 49  
ASN CG  OD1  doub N N 50  
ASN CG  ND2  sing N N 51  
ASN ND2 HD21 sing N N 52  
ASN ND2 HD22 sing N N 53  
ASN OXT HXT  sing N N 54  
ASP N   CA   sing N N 55  
ASP N   H    sing N N 56  
ASP N   H2   sing N N 57  
ASP CA  C    sing N N 58  
ASP CA  CB   sing N N 59  
ASP CA  HA   sing N N 60  
ASP C   O    doub N N 61  
ASP C   OXT  sing N N 62  
ASP CB  CG   sing N N 63  
ASP CB  HB2  sing N N 64  
ASP CB  HB3  sing N N 65  
ASP CG  OD1  doub N N 66  
ASP CG  OD2  sing N N 67  
ASP OD2 HD2  sing N N 68  
ASP OXT HXT  sing N N 69  
CYS N   CA   sing N N 70  
CYS N   H    sing N N 71  
CYS N   H2   sing N N 72  
CYS CA  C    sing N N 73  
CYS CA  CB   sing N N 74  
CYS CA  HA   sing N N 75  
CYS C   O    doub N N 76  
CYS C   OXT  sing N N 77  
CYS CB  SG   sing N N 78  
CYS CB  HB2  sing N N 79  
CYS CB  HB3  sing N N 80  
CYS SG  HG   sing N N 81  
CYS OXT HXT  sing N N 82  
GLN N   CA   sing N N 83  
GLN N   H    sing N N 84  
GLN N   H2   sing N N 85  
GLN CA  C    sing N N 86  
GLN CA  CB   sing N N 87  
GLN CA  HA   sing N N 88  
GLN C   O    doub N N 89  
GLN C   OXT  sing N N 90  
GLN CB  CG   sing N N 91  
GLN CB  HB2  sing N N 92  
GLN CB  HB3  sing N N 93  
GLN CG  CD   sing N N 94  
GLN CG  HG2  sing N N 95  
GLN CG  HG3  sing N N 96  
GLN CD  OE1  doub N N 97  
GLN CD  NE2  sing N N 98  
GLN NE2 HE21 sing N N 99  
GLN NE2 HE22 sing N N 100 
GLN OXT HXT  sing N N 101 
GLU N   CA   sing N N 102 
GLU N   H    sing N N 103 
GLU N   H2   sing N N 104 
GLU CA  C    sing N N 105 
GLU CA  CB   sing N N 106 
GLU CA  HA   sing N N 107 
GLU C   O    doub N N 108 
GLU C   OXT  sing N N 109 
GLU CB  CG   sing N N 110 
GLU CB  HB2  sing N N 111 
GLU CB  HB3  sing N N 112 
GLU CG  CD   sing N N 113 
GLU CG  HG2  sing N N 114 
GLU CG  HG3  sing N N 115 
GLU CD  OE1  doub N N 116 
GLU CD  OE2  sing N N 117 
GLU OE2 HE2  sing N N 118 
GLU OXT HXT  sing N N 119 
GLY N   CA   sing N N 120 
GLY N   H    sing N N 121 
GLY N   H2   sing N N 122 
GLY CA  C    sing N N 123 
GLY CA  HA2  sing N N 124 
GLY CA  HA3  sing N N 125 
GLY C   O    doub N N 126 
GLY C   OXT  sing N N 127 
GLY OXT HXT  sing N N 128 
HIS N   CA   sing N N 129 
HIS N   H    sing N N 130 
HIS N   H2   sing N N 131 
HIS CA  C    sing N N 132 
HIS CA  CB   sing N N 133 
HIS CA  HA   sing N N 134 
HIS C   O    doub N N 135 
HIS C   OXT  sing N N 136 
HIS CB  CG   sing N N 137 
HIS CB  HB2  sing N N 138 
HIS CB  HB3  sing N N 139 
HIS CG  ND1  sing Y N 140 
HIS CG  CD2  doub Y N 141 
HIS ND1 CE1  doub Y N 142 
HIS ND1 HD1  sing N N 143 
HIS CD2 NE2  sing Y N 144 
HIS CD2 HD2  sing N N 145 
HIS CE1 NE2  sing Y N 146 
HIS CE1 HE1  sing N N 147 
HIS NE2 HE2  sing N N 148 
HIS OXT HXT  sing N N 149 
HOH O   H1   sing N N 150 
HOH O   H2   sing N N 151 
ILE N   CA   sing N N 152 
ILE N   H    sing N N 153 
ILE N   H2   sing N N 154 
ILE CA  C    sing N N 155 
ILE CA  CB   sing N N 156 
ILE CA  HA   sing N N 157 
ILE C   O    doub N N 158 
ILE C   OXT  sing N N 159 
ILE CB  CG1  sing N N 160 
ILE CB  CG2  sing N N 161 
ILE CB  HB   sing N N 162 
ILE CG1 CD1  sing N N 163 
ILE CG1 HG12 sing N N 164 
ILE CG1 HG13 sing N N 165 
ILE CG2 HG21 sing N N 166 
ILE CG2 HG22 sing N N 167 
ILE CG2 HG23 sing N N 168 
ILE CD1 HD11 sing N N 169 
ILE CD1 HD12 sing N N 170 
ILE CD1 HD13 sing N N 171 
ILE OXT HXT  sing N N 172 
LEU N   CA   sing N N 173 
LEU N   H    sing N N 174 
LEU N   H2   sing N N 175 
LEU CA  C    sing N N 176 
LEU CA  CB   sing N N 177 
LEU CA  HA   sing N N 178 
LEU C   O    doub N N 179 
LEU C   OXT  sing N N 180 
LEU CB  CG   sing N N 181 
LEU CB  HB2  sing N N 182 
LEU CB  HB3  sing N N 183 
LEU CG  CD1  sing N N 184 
LEU CG  CD2  sing N N 185 
LEU CG  HG   sing N N 186 
LEU CD1 HD11 sing N N 187 
LEU CD1 HD12 sing N N 188 
LEU CD1 HD13 sing N N 189 
LEU CD2 HD21 sing N N 190 
LEU CD2 HD22 sing N N 191 
LEU CD2 HD23 sing N N 192 
LEU OXT HXT  sing N N 193 
LYS N   CA   sing N N 194 
LYS N   H    sing N N 195 
LYS N   H2   sing N N 196 
LYS CA  C    sing N N 197 
LYS CA  CB   sing N N 198 
LYS CA  HA   sing N N 199 
LYS C   O    doub N N 200 
LYS C   OXT  sing N N 201 
LYS CB  CG   sing N N 202 
LYS CB  HB2  sing N N 203 
LYS CB  HB3  sing N N 204 
LYS CG  CD   sing N N 205 
LYS CG  HG2  sing N N 206 
LYS CG  HG3  sing N N 207 
LYS CD  CE   sing N N 208 
LYS CD  HD2  sing N N 209 
LYS CD  HD3  sing N N 210 
LYS CE  NZ   sing N N 211 
LYS CE  HE2  sing N N 212 
LYS CE  HE3  sing N N 213 
LYS NZ  HZ1  sing N N 214 
LYS NZ  HZ2  sing N N 215 
LYS NZ  HZ3  sing N N 216 
LYS OXT HXT  sing N N 217 
MSE N   CA   sing N N 218 
MSE N   H    sing N N 219 
MSE N   H2   sing N N 220 
MSE CA  C    sing N N 221 
MSE CA  CB   sing N N 222 
MSE CA  HA   sing N N 223 
MSE C   O    doub N N 224 
MSE C   OXT  sing N N 225 
MSE OXT HXT  sing N N 226 
MSE CB  CG   sing N N 227 
MSE CB  HB2  sing N N 228 
MSE CB  HB3  sing N N 229 
MSE CG  SE   sing N N 230 
MSE CG  HG2  sing N N 231 
MSE CG  HG3  sing N N 232 
MSE SE  CE   sing N N 233 
MSE CE  HE1  sing N N 234 
MSE CE  HE2  sing N N 235 
MSE CE  HE3  sing N N 236 
PHE N   CA   sing N N 237 
PHE N   H    sing N N 238 
PHE N   H2   sing N N 239 
PHE CA  C    sing N N 240 
PHE CA  CB   sing N N 241 
PHE CA  HA   sing N N 242 
PHE C   O    doub N N 243 
PHE C   OXT  sing N N 244 
PHE CB  CG   sing N N 245 
PHE CB  HB2  sing N N 246 
PHE CB  HB3  sing N N 247 
PHE CG  CD1  doub Y N 248 
PHE CG  CD2  sing Y N 249 
PHE CD1 CE1  sing Y N 250 
PHE CD1 HD1  sing N N 251 
PHE CD2 CE2  doub Y N 252 
PHE CD2 HD2  sing N N 253 
PHE CE1 CZ   doub Y N 254 
PHE CE1 HE1  sing N N 255 
PHE CE2 CZ   sing Y N 256 
PHE CE2 HE2  sing N N 257 
PHE CZ  HZ   sing N N 258 
PHE OXT HXT  sing N N 259 
PRO N   CA   sing N N 260 
PRO N   CD   sing N N 261 
PRO N   H    sing N N 262 
PRO CA  C    sing N N 263 
PRO CA  CB   sing N N 264 
PRO CA  HA   sing N N 265 
PRO C   O    doub N N 266 
PRO C   OXT  sing N N 267 
PRO CB  CG   sing N N 268 
PRO CB  HB2  sing N N 269 
PRO CB  HB3  sing N N 270 
PRO CG  CD   sing N N 271 
PRO CG  HG2  sing N N 272 
PRO CG  HG3  sing N N 273 
PRO CD  HD2  sing N N 274 
PRO CD  HD3  sing N N 275 
PRO OXT HXT  sing N N 276 
SER N   CA   sing N N 277 
SER N   H    sing N N 278 
SER N   H2   sing N N 279 
SER CA  C    sing N N 280 
SER CA  CB   sing N N 281 
SER CA  HA   sing N N 282 
SER C   O    doub N N 283 
SER C   OXT  sing N N 284 
SER CB  OG   sing N N 285 
SER CB  HB2  sing N N 286 
SER CB  HB3  sing N N 287 
SER OG  HG   sing N N 288 
SER OXT HXT  sing N N 289 
THR N   CA   sing N N 290 
THR N   H    sing N N 291 
THR N   H2   sing N N 292 
THR CA  C    sing N N 293 
THR CA  CB   sing N N 294 
THR CA  HA   sing N N 295 
THR C   O    doub N N 296 
THR C   OXT  sing N N 297 
THR CB  OG1  sing N N 298 
THR CB  CG2  sing N N 299 
THR CB  HB   sing N N 300 
THR OG1 HG1  sing N N 301 
THR CG2 HG21 sing N N 302 
THR CG2 HG22 sing N N 303 
THR CG2 HG23 sing N N 304 
THR OXT HXT  sing N N 305 
TYR N   CA   sing N N 306 
TYR N   H    sing N N 307 
TYR N   H2   sing N N 308 
TYR CA  C    sing N N 309 
TYR CA  CB   sing N N 310 
TYR CA  HA   sing N N 311 
TYR C   O    doub N N 312 
TYR C   OXT  sing N N 313 
TYR CB  CG   sing N N 314 
TYR CB  HB2  sing N N 315 
TYR CB  HB3  sing N N 316 
TYR CG  CD1  doub Y N 317 
TYR CG  CD2  sing Y N 318 
TYR CD1 CE1  sing Y N 319 
TYR CD1 HD1  sing N N 320 
TYR CD2 CE2  doub Y N 321 
TYR CD2 HD2  sing N N 322 
TYR CE1 CZ   doub Y N 323 
TYR CE1 HE1  sing N N 324 
TYR CE2 CZ   sing Y N 325 
TYR CE2 HE2  sing N N 326 
TYR CZ  OH   sing N N 327 
TYR OH  HH   sing N N 328 
TYR OXT HXT  sing N N 329 
VAL N   CA   sing N N 330 
VAL N   H    sing N N 331 
VAL N   H2   sing N N 332 
VAL CA  C    sing N N 333 
VAL CA  CB   sing N N 334 
VAL CA  HA   sing N N 335 
VAL C   O    doub N N 336 
VAL C   OXT  sing N N 337 
VAL CB  CG1  sing N N 338 
VAL CB  CG2  sing N N 339 
VAL CB  HB   sing N N 340 
VAL CG1 HG11 sing N N 341 
VAL CG1 HG12 sing N N 342 
VAL CG1 HG13 sing N N 343 
VAL CG2 HG21 sing N N 344 
VAL CG2 HG22 sing N N 345 
VAL CG2 HG23 sing N N 346 
VAL OXT HXT  sing N N 347 
# 
_atom_sites.entry_id                    3KOL 
_atom_sites.fract_transf_matrix[1][1]   -0.00997934 
_atom_sites.fract_transf_matrix[1][2]   -0.01084985 
_atom_sites.fract_transf_matrix[1][3]   0.01329047 
_atom_sites.fract_transf_matrix[2][1]   0.01703625 
_atom_sites.fract_transf_matrix[2][2]   -0.00444707 
_atom_sites.fract_transf_matrix[2][3]   0.00916149 
_atom_sites.fract_transf_matrix[3][1]   -0.00074110 
_atom_sites.fract_transf_matrix[3][2]   0.00584549 
_atom_sites.fract_transf_matrix[3][3]   0.00421557 
_atom_sites.fract_transf_vector[1]      0.387086 
_atom_sites.fract_transf_vector[2]      0.848058 
_atom_sites.fract_transf_vector[3]      0.031657 
# 
loop_
_atom_type.symbol 
C  
CO 
N  
O  
S  
SE 
# 
loop_
_atom_site.group_PDB 
_atom_site.id 
_atom_site.type_symbol 
_atom_site.label_atom_id 
_atom_site.label_alt_id 
_atom_site.label_comp_id 
_atom_site.label_asym_id 
_atom_site.label_entity_id 
_atom_site.label_seq_id 
_atom_site.pdbx_PDB_ins_code 
_atom_site.Cartn_x 
_atom_site.Cartn_y 
_atom_site.Cartn_z 
_atom_site.occupancy 
_atom_site.B_iso_or_equiv 
_atom_site.pdbx_formal_charge 
_atom_site.auth_seq_id 
_atom_site.auth_comp_id 
_atom_site.auth_asym_id 
_atom_site.auth_atom_id 
_atom_site.pdbx_PDB_model_num 
ATOM   1    N  N   . SER A 1 7   ? -14.916 -37.233 11.200  1.00 34.04 ? 7   SER A N   1 
ATOM   2    C  CA  . SER A 1 7   ? -15.853 -36.124 10.852  1.00 33.66 ? 7   SER A CA  1 
ATOM   3    C  C   . SER A 1 7   ? -15.226 -35.161 9.842   1.00 32.55 ? 7   SER A C   1 
ATOM   4    O  O   . SER A 1 7   ? -14.002 -35.087 9.717   1.00 32.73 ? 7   SER A O   1 
ATOM   5    C  CB  . SER A 1 7   ? -16.237 -35.353 12.113  1.00 33.78 ? 7   SER A CB  1 
ATOM   6    O  OG  . SER A 1 7   ? -15.090 -34.805 12.736  1.00 35.50 ? 7   SER A OG  1 
ATOM   7    N  N   . VAL A 1 8   ? -16.075 -34.430 9.127   1.00 31.28 ? 8   VAL A N   1 
ATOM   8    C  CA  . VAL A 1 8   ? -15.626 -33.458 8.135   1.00 28.60 ? 8   VAL A CA  1 
ATOM   9    C  C   . VAL A 1 8   ? -15.686 -32.070 8.774   1.00 27.60 ? 8   VAL A C   1 
ATOM   10   O  O   . VAL A 1 8   ? -16.723 -31.677 9.304   1.00 27.47 ? 8   VAL A O   1 
ATOM   11   C  CB  . VAL A 1 8   ? -16.539 -33.486 6.887   1.00 29.06 ? 8   VAL A CB  1 
ATOM   12   C  CG1 . VAL A 1 8   ? -16.132 -32.394 5.912   1.00 28.64 ? 8   VAL A CG1 1 
ATOM   13   C  CG2 . VAL A 1 8   ? -16.457 -34.847 6.212   1.00 30.29 ? 8   VAL A CG2 1 
ATOM   14   N  N   . ASN A 1 9   ? -14.580 -31.333 8.727   1.00 25.31 ? 9   ASN A N   1 
ATOM   15   C  CA  . ASN A 1 9   ? -14.540 -29.999 9.325   1.00 24.26 ? 9   ASN A CA  1 
ATOM   16   C  C   . ASN A 1 9   ? -15.370 -28.987 8.550   1.00 23.22 ? 9   ASN A C   1 
ATOM   17   O  O   . ASN A 1 9   ? -15.438 -29.031 7.324   1.00 22.26 ? 9   ASN A O   1 
ATOM   18   C  CB  . ASN A 1 9   ? -13.102 -29.480 9.411   1.00 23.79 ? 9   ASN A CB  1 
ATOM   19   C  CG  . ASN A 1 9   ? -12.201 -30.383 10.224  1.00 24.96 ? 9   ASN A CG  1 
ATOM   20   O  OD1 . ASN A 1 9   ? -12.604 -30.917 11.255  1.00 25.74 ? 9   ASN A OD1 1 
ATOM   21   N  ND2 . ASN A 1 9   ? -10.965 -30.543 9.772   1.00 25.03 ? 9   ASN A ND2 1 
ATOM   22   N  N   . SER A 1 10  ? -16.008 -28.074 9.272   1.00 22.12 ? 10  SER A N   1 
ATOM   23   C  CA  . SER A 1 10  ? -16.798 -27.040 8.627   1.00 21.88 ? 10  SER A CA  1 
ATOM   24   C  C   . SER A 1 10  ? -15.794 -26.097 7.966   1.00 18.97 ? 10  SER A C   1 
ATOM   25   O  O   . SER A 1 10  ? -14.694 -25.900 8.475   1.00 17.54 ? 10  SER A O   1 
ATOM   26   C  CB  . SER A 1 10  ? -17.629 -26.271 9.660   1.00 23.45 ? 10  SER A CB  1 
ATOM   27   O  OG  . SER A 1 10  ? -18.564 -27.130 10.297  1.00 29.70 ? 10  SER A OG  1 
ATOM   28   N  N   . VAL A 1 11  ? -16.163 -25.543 6.820   1.00 18.61 ? 11  VAL A N   1 
ATOM   29   C  CA  . VAL A 1 11  ? -15.289 -24.610 6.115   1.00 17.19 ? 11  VAL A CA  1 
ATOM   30   C  C   . VAL A 1 11  ? -16.144 -23.498 5.547   1.00 17.79 ? 11  VAL A C   1 
ATOM   31   O  O   . VAL A 1 11  ? -17.351 -23.657 5.398   1.00 17.86 ? 11  VAL A O   1 
ATOM   32   C  CB  . VAL A 1 11  ? -14.526 -25.290 4.948   1.00 17.30 ? 11  VAL A CB  1 
ATOM   33   C  CG1 . VAL A 1 11  ? -13.655 -26.411 5.484   1.00 17.86 ? 11  VAL A CG1 1 
ATOM   34   C  CG2 . VAL A 1 11  ? -15.506 -25.817 3.902   1.00 18.38 ? 11  VAL A CG2 1 
ATOM   35   N  N   . LEU A 1 12  ? -15.528 -22.362 5.241   1.00 17.02 ? 12  LEU A N   1 
ATOM   36   C  CA  . LEU A 1 12  ? -16.288 -21.264 4.668   1.00 18.03 ? 12  LEU A CA  1 
ATOM   37   C  C   . LEU A 1 12  ? -16.550 -21.559 3.198   1.00 19.25 ? 12  LEU A C   1 
ATOM   38   O  O   . LEU A 1 12  ? -15.755 -22.223 2.528   1.00 16.52 ? 12  LEU A O   1 
ATOM   39   C  CB  . LEU A 1 12  ? -15.536 -19.934 4.817   1.00 17.93 ? 12  LEU A CB  1 
ATOM   40   C  CG  . LEU A 1 12  ? -15.453 -19.363 6.238   1.00 16.99 ? 12  LEU A CG  1 
ATOM   41   C  CD1 . LEU A 1 12  ? -14.719 -18.038 6.215   1.00 18.52 ? 12  LEU A CD1 1 
ATOM   42   C  CD2 . LEU A 1 12  ? -16.853 -19.164 6.797   1.00 16.12 ? 12  LEU A CD2 1 
ATOM   43   N  N   . ALA A 1 13  ? -17.684 -21.076 2.711   1.00 21.24 ? 13  ALA A N   1 
ATOM   44   C  CA  . ALA A 1 13  ? -18.062 -21.279 1.324   1.00 22.51 ? 13  ALA A CA  1 
ATOM   45   C  C   . ALA A 1 13  ? -17.527 -20.118 0.497   1.00 22.64 ? 13  ALA A C   1 
ATOM   46   O  O   . ALA A 1 13  ? -17.262 -19.038 1.025   1.00 19.90 ? 13  ALA A O   1 
ATOM   47   C  CB  . ALA A 1 13  ? -19.576 -21.347 1.211   1.00 23.36 ? 13  ALA A CB  1 
ATOM   48   N  N   . PRO A 1 14  ? -17.337 -20.331 -0.811  1.00 23.54 ? 14  PRO A N   1 
ATOM   49   C  CA  . PRO A 1 14  ? -16.833 -19.234 -1.636  1.00 23.46 ? 14  PRO A CA  1 
ATOM   50   C  C   . PRO A 1 14  ? -17.833 -18.088 -1.587  1.00 23.43 ? 14  PRO A C   1 
ATOM   51   O  O   . PRO A 1 14  ? -19.036 -18.299 -1.755  1.00 22.95 ? 14  PRO A O   1 
ATOM   52   C  CB  . PRO A 1 14  ? -16.720 -19.867 -3.021  1.00 24.82 ? 14  PRO A CB  1 
ATOM   53   C  CG  . PRO A 1 14  ? -17.791 -20.924 -2.999  1.00 25.10 ? 14  PRO A CG  1 
ATOM   54   C  CD  . PRO A 1 14  ? -17.620 -21.523 -1.630  1.00 24.97 ? 14  PRO A CD  1 
ATOM   55   N  N   . GLY A 1 15  ? -17.343 -16.881 -1.332  1.00 22.13 ? 15  GLY A N   1 
ATOM   56   C  CA  . GLY A 1 15  ? -18.234 -15.742 -1.252  1.00 21.66 ? 15  GLY A CA  1 
ATOM   57   C  C   . GLY A 1 15  ? -18.418 -15.238 0.167   1.00 21.41 ? 15  GLY A C   1 
ATOM   58   O  O   . GLY A 1 15  ? -18.748 -14.069 0.365   1.00 22.16 ? 15  GLY A O   1 
ATOM   59   N  N   . ASN A 1 16  ? -18.221 -16.106 1.159   1.00 19.78 ? 16  ASN A N   1 
ATOM   60   C  CA  . ASN A 1 16  ? -18.372 -15.689 2.555   1.00 18.49 ? 16  ASN A CA  1 
ATOM   61   C  C   . ASN A 1 16  ? -17.405 -14.545 2.849   1.00 17.48 ? 16  ASN A C   1 
ATOM   62   O  O   . ASN A 1 16  ? -17.800 -13.520 3.405   1.00 18.82 ? 16  ASN A O   1 
ATOM   63   C  CB  . ASN A 1 16  ? -18.129 -16.860 3.506   1.00 17.34 ? 16  ASN A CB  1 
ATOM   64   C  CG  . ASN A 1 16  ? -19.252 -17.891 3.456   1.00 18.62 ? 16  ASN A CG  1 
ATOM   65   O  OD1 . ASN A 1 16  ? -20.270 -17.687 2.787   1.00 19.36 ? 16  ASN A OD1 1 
ATOM   66   N  ND2 . ASN A 1 16  ? -19.074 -18.991 4.168   1.00 16.62 ? 16  ASN A ND2 1 
ATOM   67   N  N   . LEU A 1 17  ? -16.136 -14.723 2.500   1.00 16.08 ? 17  LEU A N   1 
ATOM   68   C  CA  . LEU A 1 17  ? -15.174 -13.641 2.666   1.00 15.96 ? 17  LEU A CA  1 
ATOM   69   C  C   . LEU A 1 17  ? -15.449 -12.841 1.392   1.00 15.34 ? 17  LEU A C   1 
ATOM   70   O  O   . LEU A 1 17  ? -14.936 -13.155 0.314   1.00 16.15 ? 17  LEU A O   1 
ATOM   71   C  CB  . LEU A 1 17  ? -13.749 -14.190 2.704   1.00 14.78 ? 17  LEU A CB  1 
ATOM   72   C  CG  . LEU A 1 17  ? -13.451 -15.088 3.915   1.00 15.20 ? 17  LEU A CG  1 
ATOM   73   C  CD1 . LEU A 1 17  ? -11.952 -15.309 4.023   1.00 11.97 ? 17  LEU A CD1 1 
ATOM   74   C  CD2 . LEU A 1 17  ? -13.971 -14.433 5.205   1.00 15.69 ? 17  LEU A CD2 1 
ATOM   75   N  N   . ARG A 1 18  ? -16.294 -11.824 1.536   1.00 17.36 ? 18  ARG A N   1 
ATOM   76   C  CA  . ARG A 1 18  ? -16.759 -10.985 0.431   1.00 17.93 ? 18  ARG A CA  1 
ATOM   77   C  C   . ARG A 1 18  ? -15.784 -10.008 -0.212  1.00 16.76 ? 18  ARG A C   1 
ATOM   78   O  O   . ARG A 1 18  ? -15.943 -9.656  -1.384  1.00 15.70 ? 18  ARG A O   1 
ATOM   79   C  CB  . ARG A 1 18  ? -18.004 -10.214 0.878   1.00 19.32 ? 18  ARG A CB  1 
ATOM   80   C  CG  . ARG A 1 18  ? -17.812 -9.520  2.206   1.00 23.90 ? 18  ARG A CG  1 
ATOM   81   C  CD  . ARG A 1 18  ? -18.911 -8.524  2.534   1.00 28.41 ? 18  ARG A CD  1 
ATOM   82   N  NE  . ARG A 1 18  ? -20.239 -9.113  2.579   1.00 30.91 ? 18  ARG A NE  1 
ATOM   83   C  CZ  . ARG A 1 18  ? -21.248 -8.609  3.284   1.00 33.05 ? 18  ARG A CZ  1 
ATOM   84   N  NH1 . ARG A 1 18  ? -21.072 -7.511  4.010   1.00 31.74 ? 18  ARG A NH1 1 
ATOM   85   N  NH2 . ARG A 1 18  ? -22.438 -9.191  3.250   1.00 33.38 ? 18  ARG A NH2 1 
ATOM   86   N  N   . LYS A 1 19  ? -14.794 -9.554  0.544   1.00 14.72 ? 19  LYS A N   1 
ATOM   87   C  CA  . LYS A 1 19  ? -13.823 -8.615  0.002   1.00 16.15 ? 19  LYS A CA  1 
ATOM   88   C  C   . LYS A 1 19  ? -12.658 -8.433  0.955   1.00 13.93 ? 19  LYS A C   1 
ATOM   89   O  O   . LYS A 1 19  ? -12.678 -8.929  2.082   1.00 12.18 ? 19  LYS A O   1 
ATOM   90   C  CB  . LYS A 1 19  ? -14.484 -7.252  -0.227  1.00 17.38 ? 19  LYS A CB  1 
ATOM   91   C  CG  . LYS A 1 19  ? -14.884 -6.552  1.066   1.00 21.89 ? 19  LYS A CG  1 
ATOM   92   C  CD  . LYS A 1 19  ? -15.597 -5.230  0.809   1.00 27.67 ? 19  LYS A CD  1 
ATOM   93   C  CE  . LYS A 1 19  ? -15.830 -4.484  2.116   1.00 31.61 ? 19  LYS A CE  1 
ATOM   94   N  NZ  . LYS A 1 19  ? -16.525 -3.182  1.922   1.00 35.51 ? 19  LYS A NZ  1 
ATOM   95   N  N   . VAL A 1 20  ? -11.629 -7.741  0.476   1.00 11.26 ? 20  VAL A N   1 
ATOM   96   C  CA  . VAL A 1 20  ? -10.477 -7.420  1.300   1.00 11.78 ? 20  VAL A CA  1 
ATOM   97   C  C   . VAL A 1 20  ? -10.909 -6.090  1.890   1.00 12.96 ? 20  VAL A C   1 
ATOM   98   O  O   . VAL A 1 20  ? -11.110 -5.121  1.156   1.00 15.48 ? 20  VAL A O   1 
ATOM   99   C  CB  . VAL A 1 20  ? -9.200  -7.207  0.457   1.00 10.68 ? 20  VAL A CB  1 
ATOM   100  C  CG1 . VAL A 1 20  ? -8.127  -6.529  1.311   1.00 9.87  ? 20  VAL A CG1 1 
ATOM   101  C  CG2 . VAL A 1 20  ? -8.686  -8.552  -0.061  1.00 9.86  ? 20  VAL A CG2 1 
ATOM   102  N  N   . HIS A 1 21  ? -11.072 -6.046  3.206   1.00 12.36 ? 21  HIS A N   1 
ATOM   103  C  CA  . HIS A 1 21  ? -11.513 -4.833  3.875   1.00 12.97 ? 21  HIS A CA  1 
ATOM   104  C  C   . HIS A 1 21  ? -10.361 -3.850  4.043   1.00 12.77 ? 21  HIS A C   1 
ATOM   105  O  O   . HIS A 1 21  ? -10.524 -2.653  3.802   1.00 12.49 ? 21  HIS A O   1 
ATOM   106  C  CB  . HIS A 1 21  ? -12.141 -5.189  5.227   1.00 13.16 ? 21  HIS A CB  1 
ATOM   107  C  CG  . HIS A 1 21  ? -12.756 -4.019  5.932   1.00 15.49 ? 21  HIS A CG  1 
ATOM   108  N  ND1 . HIS A 1 21  ? -12.018 -3.129  6.678   1.00 14.96 ? 21  HIS A ND1 1 
ATOM   109  C  CD2 . HIS A 1 21  ? -14.039 -3.582  5.981   1.00 16.76 ? 21  HIS A CD2 1 
ATOM   110  C  CE1 . HIS A 1 21  ? -12.817 -2.191  7.159   1.00 16.98 ? 21  HIS A CE1 1 
ATOM   111  N  NE2 . HIS A 1 21  ? -14.047 -2.442  6.749   1.00 16.42 ? 21  HIS A NE2 1 
ATOM   112  N  N   . HIS A 1 22  ? -9.202  -4.352  4.453   1.00 12.07 ? 22  HIS A N   1 
ATOM   113  C  CA  . HIS A 1 22  ? -8.024  -3.510  4.605   1.00 11.47 ? 22  HIS A CA  1 
ATOM   114  C  C   . HIS A 1 22  ? -6.736  -4.313  4.707   1.00 11.97 ? 22  HIS A C   1 
ATOM   115  O  O   . HIS A 1 22  ? -6.756  -5.501  5.024   1.00 12.32 ? 22  HIS A O   1 
ATOM   116  C  CB  . HIS A 1 22  ? -8.147  -2.582  5.832   1.00 11.20 ? 22  HIS A CB  1 
ATOM   117  C  CG  . HIS A 1 22  ? -8.246  -3.290  7.152   1.00 10.24 ? 22  HIS A CG  1 
ATOM   118  N  ND1 . HIS A 1 22  ? -9.452  -3.655  7.712   1.00 12.18 ? 22  HIS A ND1 1 
ATOM   119  C  CD2 . HIS A 1 22  ? -7.296  -3.639  8.051   1.00 10.97 ? 22  HIS A CD2 1 
ATOM   120  C  CE1 . HIS A 1 22  ? -9.240  -4.191  8.902   1.00 9.61  ? 22  HIS A CE1 1 
ATOM   121  N  NE2 . HIS A 1 22  ? -7.941  -4.194  9.131   1.00 10.61 ? 22  HIS A NE2 1 
ATOM   122  N  N   . ILE A 1 23  ? -5.622  -3.668  4.374   1.00 9.52  ? 23  ILE A N   1 
ATOM   123  C  CA  . ILE A 1 23  ? -4.310  -4.285  4.508   1.00 12.08 ? 23  ILE A CA  1 
ATOM   124  C  C   . ILE A 1 23  ? -3.597  -3.316  5.442   1.00 11.93 ? 23  ILE A C   1 
ATOM   125  O  O   . ILE A 1 23  ? -3.619  -2.104  5.222   1.00 13.64 ? 23  ILE A O   1 
ATOM   126  C  CB  . ILE A 1 23  ? -3.545  -4.387  3.170   1.00 13.36 ? 23  ILE A CB  1 
ATOM   127  C  CG1 . ILE A 1 23  ? -2.148  -4.957  3.432   1.00 14.09 ? 23  ILE A CG1 1 
ATOM   128  C  CG2 . ILE A 1 23  ? -3.454  -3.034  2.501   1.00 17.50 ? 23  ILE A CG2 1 
ATOM   129  C  CD1 . ILE A 1 23  ? -1.380  -5.290  2.185   1.00 18.47 ? 23  ILE A CD1 1 
ATOM   130  N  N   . ALA A 1 24  ? -2.998  -3.840  6.500   1.00 11.13 ? 24  ALA A N   1 
ATOM   131  C  CA  . ALA A 1 24  ? -2.318  -2.994  7.466   1.00 11.30 ? 24  ALA A CA  1 
ATOM   132  C  C   . ALA A 1 24  ? -0.811  -3.124  7.366   1.00 11.47 ? 24  ALA A C   1 
ATOM   133  O  O   . ALA A 1 24  ? -0.277  -4.215  7.170   1.00 9.80  ? 24  ALA A O   1 
ATOM   134  C  CB  . ALA A 1 24  ? -2.776  -3.348  8.878   1.00 11.94 ? 24  ALA A CB  1 
ATOM   135  N  N   . LEU A 1 25  ? -0.137  -1.987  7.491   1.00 11.80 ? 25  LEU A N   1 
ATOM   136  C  CA  . LEU A 1 25  ? 1.311   -1.933  7.438   1.00 11.58 ? 25  LEU A CA  1 
ATOM   137  C  C   . LEU A 1 25  ? 1.811   -1.231  8.693   1.00 12.26 ? 25  LEU A C   1 
ATOM   138  O  O   . LEU A 1 25  ? 1.145   -0.338  9.215   1.00 11.57 ? 25  LEU A O   1 
ATOM   139  C  CB  . LEU A 1 25  ? 1.787   -1.133  6.217   1.00 11.36 ? 25  LEU A CB  1 
ATOM   140  C  CG  . LEU A 1 25  ? 1.295   -1.468  4.802   1.00 13.48 ? 25  LEU A CG  1 
ATOM   141  C  CD1 . LEU A 1 25  ? 1.989   -0.542  3.798   1.00 11.93 ? 25  LEU A CD1 1 
ATOM   142  C  CD2 . LEU A 1 25  ? 1.596   -2.917  4.465   1.00 11.91 ? 25  LEU A CD2 1 
ATOM   143  N  N   . ASN A 1 26  ? 2.969   -1.658  9.186   1.00 13.38 ? 26  ASN A N   1 
ATOM   144  C  CA  . ASN A 1 26  ? 3.593   -1.016  10.340  1.00 14.26 ? 26  ASN A CA  1 
ATOM   145  C  C   . ASN A 1 26  ? 4.667   -0.123  9.733   1.00 14.00 ? 26  ASN A C   1 
ATOM   146  O  O   . ASN A 1 26  ? 5.457   -0.583  8.909   1.00 15.93 ? 26  ASN A O   1 
ATOM   147  C  CB  . ASN A 1 26  ? 4.260   -2.036  11.259  1.00 13.58 ? 26  ASN A CB  1 
ATOM   148  C  CG  . ASN A 1 26  ? 3.260   -2.877  12.005  1.00 13.94 ? 26  ASN A CG  1 
ATOM   149  O  OD1 . ASN A 1 26  ? 2.176   -2.405  12.347  1.00 15.96 ? 26  ASN A OD1 1 
ATOM   150  N  ND2 . ASN A 1 26  ? 3.618   -4.130  12.272  1.00 15.20 ? 26  ASN A ND2 1 
ATOM   151  N  N   . VAL A 1 27  ? 4.697   1.143   10.131  1.00 14.38 ? 27  VAL A N   1 
ATOM   152  C  CA  . VAL A 1 27  ? 5.679   2.070   9.584   1.00 14.82 ? 27  VAL A CA  1 
ATOM   153  C  C   . VAL A 1 27  ? 6.492   2.741   10.690  1.00 17.69 ? 27  VAL A C   1 
ATOM   154  O  O   . VAL A 1 27  ? 5.940   3.167   11.706  1.00 18.86 ? 27  VAL A O   1 
ATOM   155  C  CB  . VAL A 1 27  ? 4.981   3.146   8.741   1.00 14.84 ? 27  VAL A CB  1 
ATOM   156  C  CG1 . VAL A 1 27  ? 4.188   2.479   7.617   1.00 15.79 ? 27  VAL A CG1 1 
ATOM   157  C  CG2 . VAL A 1 27  ? 4.051   3.974   9.606   1.00 13.33 ? 27  VAL A CG2 1 
ATOM   158  N  N   . GLN A 1 28  ? 7.802   2.831   10.491  1.00 18.63 ? 28  GLN A N   1 
ATOM   159  C  CA  . GLN A 1 28  ? 8.676   3.445   11.489  1.00 20.89 ? 28  GLN A CA  1 
ATOM   160  C  C   . GLN A 1 28  ? 8.539   4.968   11.491  1.00 20.61 ? 28  GLN A C   1 
ATOM   161  O  O   . GLN A 1 28  ? 8.606   5.600   12.547  1.00 20.34 ? 28  GLN A O   1 
ATOM   162  C  CB  . GLN A 1 28  ? 10.135  3.047   11.222  1.00 24.28 ? 28  GLN A CB  1 
ATOM   163  C  CG  . GLN A 1 28  ? 11.068  3.274   12.409  1.00 30.02 ? 28  GLN A CG  1 
ATOM   164  C  CD  . GLN A 1 28  ? 11.463  4.728   12.590  1.00 34.01 ? 28  GLN A CD  1 
ATOM   165  O  OE1 . GLN A 1 28  ? 11.566  5.223   13.716  1.00 36.58 ? 28  GLN A OE1 1 
ATOM   166  N  NE2 . GLN A 1 28  ? 11.713  5.413   11.481  1.00 36.76 ? 28  GLN A NE2 1 
ATOM   167  N  N   . ASP A 1 29  ? 8.337   5.546   10.308  1.00 19.81 ? 29  ASP A N   1 
ATOM   168  C  CA  . ASP A 1 29  ? 8.202   6.994   10.159  1.00 21.50 ? 29  ASP A CA  1 
ATOM   169  C  C   . ASP A 1 29  ? 6.838   7.335   9.558   1.00 22.28 ? 29  ASP A C   1 
ATOM   170  O  O   . ASP A 1 29  ? 6.685   7.378   8.338   1.00 21.49 ? 29  ASP A O   1 
ATOM   171  C  CB  . ASP A 1 29  ? 9.314   7.526   9.246   1.00 22.53 ? 29  ASP A CB  1 
ATOM   172  C  CG  . ASP A 1 29  ? 9.411   9.042   9.259   1.00 25.45 ? 29  ASP A CG  1 
ATOM   173  O  OD1 . ASP A 1 29  ? 8.364   9.712   9.374   1.00 25.09 ? 29  ASP A OD1 1 
ATOM   174  O  OD2 . ASP A 1 29  ? 10.538  9.567   9.134   1.00 27.49 ? 29  ASP A OD2 1 
HETATM 175  N  N   . MSE A 1 30  ? 5.857   7.596   10.416  1.00 23.40 ? 30  MSE A N   1 
HETATM 176  C  CA  . MSE A 1 30  ? 4.500   7.903   9.966   1.00 25.68 ? 30  MSE A CA  1 
HETATM 177  C  C   . MSE A 1 30  ? 4.376   9.007   8.916   1.00 24.32 ? 30  MSE A C   1 
HETATM 178  O  O   . MSE A 1 30  ? 3.667   8.839   7.928   1.00 22.58 ? 30  MSE A O   1 
HETATM 179  C  CB  . MSE A 1 30  ? 3.613   8.244   11.169  1.00 27.17 ? 30  MSE A CB  1 
HETATM 180  C  CG  . MSE A 1 30  ? 2.174   8.608   10.800  1.00 33.22 ? 30  MSE A CG  1 
HETATM 181  SE SE  . MSE A 1 30  ? 1.265   7.218   9.783   1.00 35.51 ? 30  MSE A SE  1 
HETATM 182  C  CE  . MSE A 1 30  ? 0.693   6.107   11.261  1.00 38.02 ? 30  MSE A CE  1 
ATOM   183  N  N   . GLN A 1 31  ? 5.050   10.134  9.116   1.00 23.35 ? 31  GLN A N   1 
ATOM   184  C  CA  . GLN A 1 31  ? 4.944   11.222  8.149   1.00 23.16 ? 31  GLN A CA  1 
ATOM   185  C  C   . GLN A 1 31  ? 5.583   10.880  6.803   1.00 20.64 ? 31  GLN A C   1 
ATOM   186  O  O   . GLN A 1 31  ? 5.094   11.309  5.758   1.00 20.77 ? 31  GLN A O   1 
ATOM   187  C  CB  . GLN A 1 31  ? 5.545   12.506  8.727   1.00 27.91 ? 31  GLN A CB  1 
ATOM   188  C  CG  . GLN A 1 31  ? 4.870   12.938  10.028  1.00 35.17 ? 31  GLN A CG  1 
ATOM   189  C  CD  . GLN A 1 31  ? 3.360   13.090  9.891   1.00 38.57 ? 31  GLN A CD  1 
ATOM   190  O  OE1 . GLN A 1 31  ? 2.598   12.657  10.764  1.00 40.61 ? 31  GLN A OE1 1 
ATOM   191  N  NE2 . GLN A 1 31  ? 2.921   13.718  8.802   1.00 40.11 ? 31  GLN A NE2 1 
ATOM   192  N  N   . ALA A 1 32  ? 6.667   10.110  6.822   1.00 16.71 ? 32  ALA A N   1 
ATOM   193  C  CA  . ALA A 1 32  ? 7.319   9.719   5.575   1.00 14.20 ? 32  ALA A CA  1 
ATOM   194  C  C   . ALA A 1 32  ? 6.367   8.805   4.805   1.00 13.77 ? 32  ALA A C   1 
ATOM   195  O  O   . ALA A 1 32  ? 6.285   8.868   3.577   1.00 11.27 ? 32  ALA A O   1 
ATOM   196  C  CB  . ALA A 1 32  ? 8.629   8.990   5.864   1.00 14.52 ? 32  ALA A CB  1 
ATOM   197  N  N   . SER A 1 33  ? 5.640   7.964   5.534   1.00 13.05 ? 33  SER A N   1 
ATOM   198  C  CA  . SER A 1 33  ? 4.691   7.048   4.909   1.00 13.01 ? 33  SER A CA  1 
ATOM   199  C  C   . SER A 1 33  ? 3.420   7.759   4.451   1.00 13.23 ? 33  SER A C   1 
ATOM   200  O  O   . SER A 1 33  ? 2.873   7.424   3.400   1.00 12.01 ? 33  SER A O   1 
ATOM   201  C  CB  . SER A 1 33  ? 4.364   5.896   5.864   1.00 13.17 ? 33  SER A CB  1 
ATOM   202  O  OG  . SER A 1 33  ? 5.532   5.120   6.105   1.00 15.45 ? 33  SER A OG  1 
ATOM   203  N  N   . ARG A 1 34  ? 2.940   8.732   5.227   1.00 12.52 ? 34  ARG A N   1 
ATOM   204  C  CA  . ARG A 1 34  ? 1.752   9.484   4.815   1.00 13.50 ? 34  ARG A CA  1 
ATOM   205  C  C   . ARG A 1 34  ? 2.125   10.246  3.544   1.00 13.25 ? 34  ARG A C   1 
ATOM   206  O  O   . ARG A 1 34  ? 1.312   10.407  2.638   1.00 14.31 ? 34  ARG A O   1 
ATOM   207  C  CB  . ARG A 1 34  ? 1.322   10.504  5.880   1.00 14.58 ? 34  ARG A CB  1 
ATOM   208  C  CG  . ARG A 1 34  ? 0.735   9.916   7.150   1.00 19.29 ? 34  ARG A CG  1 
ATOM   209  C  CD  . ARG A 1 34  ? 0.223   11.026  8.085   1.00 20.57 ? 34  ARG A CD  1 
ATOM   210  N  NE  . ARG A 1 34  ? -0.912  11.761  7.521   1.00 24.35 ? 34  ARG A NE  1 
ATOM   211  C  CZ  . ARG A 1 34  ? -0.856  13.015  7.079   1.00 27.01 ? 34  ARG A CZ  1 
ATOM   212  N  NH1 . ARG A 1 34  ? 0.285   13.694  7.133   1.00 29.73 ? 34  ARG A NH1 1 
ATOM   213  N  NH2 . ARG A 1 34  ? -1.942  13.599  6.589   1.00 26.39 ? 34  ARG A NH2 1 
ATOM   214  N  N   . TYR A 1 35  ? 3.364   10.719  3.480   1.00 12.56 ? 35  TYR A N   1 
ATOM   215  C  CA  . TYR A 1 35  ? 3.810   11.459  2.304   1.00 14.27 ? 35  TYR A CA  1 
ATOM   216  C  C   . TYR A 1 35  ? 3.848   10.540  1.081   1.00 13.54 ? 35  TYR A C   1 
ATOM   217  O  O   . TYR A 1 35  ? 3.375   10.892  -0.001  1.00 13.73 ? 35  TYR A O   1 
ATOM   218  C  CB  . TYR A 1 35  ? 5.201   12.044  2.539   1.00 18.16 ? 35  TYR A CB  1 
ATOM   219  C  CG  . TYR A 1 35  ? 5.561   13.117  1.538   1.00 21.16 ? 35  TYR A CG  1 
ATOM   220  C  CD1 . TYR A 1 35  ? 5.046   14.407  1.656   1.00 22.69 ? 35  TYR A CD1 1 
ATOM   221  C  CD2 . TYR A 1 35  ? 6.391   12.835  0.453   1.00 24.96 ? 35  TYR A CD2 1 
ATOM   222  C  CE1 . TYR A 1 35  ? 5.349   15.393  0.717   1.00 25.53 ? 35  TYR A CE1 1 
ATOM   223  C  CE2 . TYR A 1 35  ? 6.698   13.813  -0.494  1.00 26.33 ? 35  TYR A CE2 1 
ATOM   224  C  CZ  . TYR A 1 35  ? 6.174   15.088  -0.355  1.00 26.29 ? 35  TYR A CZ  1 
ATOM   225  O  OH  . TYR A 1 35  ? 6.480   16.054  -1.283  1.00 27.88 ? 35  TYR A OH  1 
ATOM   226  N  N   . PHE A 1 36  ? 4.421   9.358   1.269   1.00 12.85 ? 36  PHE A N   1 
ATOM   227  C  CA  . PHE A 1 36  ? 4.543   8.365   0.202   1.00 11.59 ? 36  PHE A CA  1 
ATOM   228  C  C   . PHE A 1 36  ? 3.178   7.928   -0.337  1.00 11.47 ? 36  PHE A C   1 
ATOM   229  O  O   . PHE A 1 36  ? 2.888   8.090   -1.519  1.00 10.46 ? 36  PHE A O   1 
ATOM   230  C  CB  . PHE A 1 36  ? 5.291   7.141   0.743   1.00 10.66 ? 36  PHE A CB  1 
ATOM   231  C  CG  . PHE A 1 36  ? 5.562   6.075   -0.287  1.00 12.63 ? 36  PHE A CG  1 
ATOM   232  C  CD1 . PHE A 1 36  ? 6.632   6.195   -1.170  1.00 13.96 ? 36  PHE A CD1 1 
ATOM   233  C  CD2 . PHE A 1 36  ? 4.772   4.931   -0.343  1.00 11.38 ? 36  PHE A CD2 1 
ATOM   234  C  CE1 . PHE A 1 36  ? 6.914   5.185   -2.090  1.00 12.62 ? 36  PHE A CE1 1 
ATOM   235  C  CE2 . PHE A 1 36  ? 5.041   3.914   -1.261  1.00 12.98 ? 36  PHE A CE2 1 
ATOM   236  C  CZ  . PHE A 1 36  ? 6.115   4.039   -2.134  1.00 14.00 ? 36  PHE A CZ  1 
ATOM   237  N  N   . TYR A 1 37  ? 2.339   7.367   0.532   1.00 9.98  ? 37  TYR A N   1 
ATOM   238  C  CA  . TYR A 1 37  ? 1.029   6.876   0.113   1.00 9.10  ? 37  TYR A CA  1 
ATOM   239  C  C   . TYR A 1 37  ? -0.014  7.940   -0.205  1.00 10.52 ? 37  TYR A C   1 
ATOM   240  O  O   . TYR A 1 37  ? -0.742  7.815   -1.184  1.00 10.04 ? 37  TYR A O   1 
ATOM   241  C  CB  . TYR A 1 37  ? 0.474   5.915   1.173   1.00 9.35  ? 37  TYR A CB  1 
ATOM   242  C  CG  . TYR A 1 37  ? 1.247   4.614   1.243   1.00 8.77  ? 37  TYR A CG  1 
ATOM   243  C  CD1 . TYR A 1 37  ? 1.149   3.671   0.222   1.00 9.38  ? 37  TYR A CD1 1 
ATOM   244  C  CD2 . TYR A 1 37  ? 2.105   4.346   2.307   1.00 8.35  ? 37  TYR A CD2 1 
ATOM   245  C  CE1 . TYR A 1 37  ? 1.889   2.488   0.255   1.00 10.30 ? 37  TYR A CE1 1 
ATOM   246  C  CE2 . TYR A 1 37  ? 2.857   3.167   2.352   1.00 10.46 ? 37  TYR A CE2 1 
ATOM   247  C  CZ  . TYR A 1 37  ? 2.741   2.243   1.322   1.00 8.80  ? 37  TYR A CZ  1 
ATOM   248  O  OH  . TYR A 1 37  ? 3.485   1.082   1.362   1.00 9.42  ? 37  TYR A OH  1 
ATOM   249  N  N   . GLY A 1 38  ? -0.085  8.984   0.616   1.00 11.16 ? 38  GLY A N   1 
ATOM   250  C  CA  . GLY A 1 38  ? -1.078  10.021  0.383   1.00 12.11 ? 38  GLY A CA  1 
ATOM   251  C  C   . GLY A 1 38  ? -0.687  11.116  -0.595  1.00 12.42 ? 38  GLY A C   1 
ATOM   252  O  O   . GLY A 1 38  ? -1.433  11.429  -1.527  1.00 15.24 ? 38  GLY A O   1 
ATOM   253  N  N   . THR A 1 39  ? 0.486   11.703  -0.402  1.00 12.66 ? 39  THR A N   1 
ATOM   254  C  CA  . THR A 1 39  ? 0.917   12.792  -1.266  1.00 12.45 ? 39  THR A CA  1 
ATOM   255  C  C   . THR A 1 39  ? 1.429   12.367  -2.635  1.00 12.64 ? 39  THR A C   1 
ATOM   256  O  O   . THR A 1 39  ? 0.952   12.856  -3.667  1.00 14.04 ? 39  THR A O   1 
ATOM   257  C  CB  . THR A 1 39  ? 1.982   13.646  -0.560  1.00 13.75 ? 39  THR A CB  1 
ATOM   258  O  OG1 . THR A 1 39  ? 1.432   14.156  0.664   1.00 16.15 ? 39  THR A OG1 1 
ATOM   259  C  CG2 . THR A 1 39  ? 2.409   14.818  -1.442  1.00 15.34 ? 39  THR A CG2 1 
ATOM   260  N  N   . ILE A 1 40  ? 2.399   11.462  -2.657  1.00 11.74 ? 40  ILE A N   1 
ATOM   261  C  CA  . ILE A 1 40  ? 2.960   11.007  -3.925  1.00 11.92 ? 40  ILE A CA  1 
ATOM   262  C  C   . ILE A 1 40  ? 2.048   10.053  -4.693  1.00 11.97 ? 40  ILE A C   1 
ATOM   263  O  O   . ILE A 1 40  ? 1.745   10.297  -5.857  1.00 13.60 ? 40  ILE A O   1 
ATOM   264  C  CB  . ILE A 1 40  ? 4.325   10.336  -3.712  1.00 10.57 ? 40  ILE A CB  1 
ATOM   265  C  CG1 . ILE A 1 40  ? 5.314   11.356  -3.135  1.00 10.88 ? 40  ILE A CG1 1 
ATOM   266  C  CG2 . ILE A 1 40  ? 4.842   9.773   -5.035  1.00 11.03 ? 40  ILE A CG2 1 
ATOM   267  C  CD1 . ILE A 1 40  ? 6.629   10.760  -2.665  1.00 12.48 ? 40  ILE A CD1 1 
ATOM   268  N  N   . LEU A 1 41  ? 1.601   8.976   -4.051  1.00 11.07 ? 41  LEU A N   1 
ATOM   269  C  CA  . LEU A 1 41  ? 0.733   8.019   -4.736  1.00 10.33 ? 41  LEU A CA  1 
ATOM   270  C  C   . LEU A 1 41  ? -0.722  8.489   -4.851  1.00 10.88 ? 41  LEU A C   1 
ATOM   271  O  O   . LEU A 1 41  ? -1.534  7.863   -5.534  1.00 10.42 ? 41  LEU A O   1 
ATOM   272  C  CB  . LEU A 1 41  ? 0.796   6.656   -4.042  1.00 9.11  ? 41  LEU A CB  1 
ATOM   273  C  CG  . LEU A 1 41  ? 2.174   5.979   -4.025  1.00 12.66 ? 41  LEU A CG  1 
ATOM   274  C  CD1 . LEU A 1 41  ? 2.010   4.546   -3.576  1.00 12.24 ? 41  LEU A CD1 1 
ATOM   275  C  CD2 . LEU A 1 41  ? 2.802   6.011   -5.410  1.00 14.40 ? 41  LEU A CD2 1 
ATOM   276  N  N   . GLY A 1 42  ? -1.048  9.585   -4.172  1.00 11.19 ? 42  GLY A N   1 
ATOM   277  C  CA  . GLY A 1 42  ? -2.389  10.140  -4.253  1.00 11.13 ? 42  GLY A CA  1 
ATOM   278  C  C   . GLY A 1 42  ? -3.562  9.431   -3.593  1.00 11.65 ? 42  GLY A C   1 
ATOM   279  O  O   . GLY A 1 42  ? -4.708  9.756   -3.897  1.00 11.75 ? 42  GLY A O   1 
ATOM   280  N  N   . LEU A 1 43  ? -3.312  8.475   -2.702  1.00 11.25 ? 43  LEU A N   1 
ATOM   281  C  CA  . LEU A 1 43  ? -4.429  7.795   -2.040  1.00 11.31 ? 43  LEU A CA  1 
ATOM   282  C  C   . LEU A 1 43  ? -5.149  8.769   -1.107  1.00 11.71 ? 43  LEU A C   1 
ATOM   283  O  O   . LEU A 1 43  ? -4.519  9.513   -0.351  1.00 9.24  ? 43  LEU A O   1 
ATOM   284  C  CB  . LEU A 1 43  ? -3.944  6.571   -1.255  1.00 11.73 ? 43  LEU A CB  1 
ATOM   285  C  CG  . LEU A 1 43  ? -3.315  5.464   -2.112  1.00 10.08 ? 43  LEU A CG  1 
ATOM   286  C  CD1 . LEU A 1 43  ? -2.782  4.351   -1.214  1.00 10.99 ? 43  LEU A CD1 1 
ATOM   287  C  CD2 . LEU A 1 43  ? -4.359  4.908   -3.081  1.00 11.41 ? 43  LEU A CD2 1 
ATOM   288  N  N   . HIS A 1 44  ? -6.477  8.770   -1.172  1.00 12.76 ? 44  HIS A N   1 
ATOM   289  C  CA  . HIS A 1 44  ? -7.268  9.668   -0.340  1.00 13.53 ? 44  HIS A CA  1 
ATOM   290  C  C   . HIS A 1 44  ? -7.228  9.239   1.123   1.00 14.36 ? 44  HIS A C   1 
ATOM   291  O  O   . HIS A 1 44  ? -7.365  8.058   1.442   1.00 15.03 ? 44  HIS A O   1 
ATOM   292  C  CB  . HIS A 1 44  ? -8.715  9.714   -0.827  1.00 13.21 ? 44  HIS A CB  1 
ATOM   293  C  CG  . HIS A 1 44  ? -9.495  10.864  -0.268  1.00 14.97 ? 44  HIS A CG  1 
ATOM   294  N  ND1 . HIS A 1 44  ? -9.142  12.178  -0.494  1.00 15.33 ? 44  HIS A ND1 1 
ATOM   295  C  CD2 . HIS A 1 44  ? -10.588 10.901  0.531   1.00 14.62 ? 44  HIS A CD2 1 
ATOM   296  C  CE1 . HIS A 1 44  ? -9.982  12.974  0.144   1.00 16.63 ? 44  HIS A CE1 1 
ATOM   297  N  NE2 . HIS A 1 44  ? -10.870 12.225  0.774   1.00 15.98 ? 44  HIS A NE2 1 
ATOM   298  N  N   . GLU A 1 45  ? -7.042  10.206  2.012   1.00 14.12 ? 45  GLU A N   1 
ATOM   299  C  CA  . GLU A 1 45  ? -6.961  9.912   3.433   1.00 14.32 ? 45  GLU A CA  1 
ATOM   300  C  C   . GLU A 1 45  ? -8.311  10.050  4.132   1.00 14.46 ? 45  GLU A C   1 
ATOM   301  O  O   . GLU A 1 45  ? -9.125  10.893  3.765   1.00 13.97 ? 45  GLU A O   1 
ATOM   302  C  CB  . GLU A 1 45  ? -5.939  10.853  4.073   1.00 16.96 ? 45  GLU A CB  1 
ATOM   303  C  CG  . GLU A 1 45  ? -5.783  10.715  5.572   1.00 20.75 ? 45  GLU A CG  1 
ATOM   304  C  CD  . GLU A 1 45  ? -4.604  11.511  6.091   1.00 25.72 ? 45  GLU A CD  1 
ATOM   305  O  OE1 . GLU A 1 45  ? -4.417  12.661  5.633   1.00 27.17 ? 45  GLU A OE1 1 
ATOM   306  O  OE2 . GLU A 1 45  ? -3.870  10.989  6.956   1.00 28.00 ? 45  GLU A OE2 1 
ATOM   307  N  N   . LEU A 1 46  ? -8.556  9.201   5.124   1.00 14.39 ? 46  LEU A N   1 
ATOM   308  C  CA  . LEU A 1 46  ? -9.795  9.280   5.889   1.00 16.00 ? 46  LEU A CA  1 
ATOM   309  C  C   . LEU A 1 46  ? -9.545  10.224  7.061   1.00 16.29 ? 46  LEU A C   1 
ATOM   310  O  O   . LEU A 1 46  ? -8.494  10.167  7.697   1.00 16.69 ? 46  LEU A O   1 
ATOM   311  C  CB  . LEU A 1 46  ? -10.195 7.906   6.437   1.00 14.01 ? 46  LEU A CB  1 
ATOM   312  C  CG  . LEU A 1 46  ? -10.485 6.786   5.439   1.00 16.46 ? 46  LEU A CG  1 
ATOM   313  C  CD1 . LEU A 1 46  ? -10.871 5.517   6.189   1.00 15.88 ? 46  LEU A CD1 1 
ATOM   314  C  CD2 . LEU A 1 46  ? -11.608 7.216   4.517   1.00 15.32 ? 46  LEU A CD2 1 
ATOM   315  N  N   . THR A 1 47  ? -10.500 11.101  7.340   1.00 18.38 ? 47  THR A N   1 
ATOM   316  C  CA  . THR A 1 47  ? -10.339 12.025  8.454   1.00 22.54 ? 47  THR A CA  1 
ATOM   317  C  C   . THR A 1 47  ? -10.783 11.335  9.739   1.00 25.15 ? 47  THR A C   1 
ATOM   318  O  O   . THR A 1 47  ? -11.498 10.335  9.697   1.00 22.84 ? 47  THR A O   1 
ATOM   319  C  CB  . THR A 1 47  ? -11.149 13.313  8.230   1.00 23.35 ? 47  THR A CB  1 
ATOM   320  O  OG1 . THR A 1 47  ? -12.482 12.979  7.823   1.00 22.87 ? 47  THR A OG1 1 
ATOM   321  C  CG2 . THR A 1 47  ? -10.483 14.169  7.151   1.00 23.77 ? 47  THR A CG2 1 
ATOM   322  N  N   . ASP A 1 48  ? -10.355 11.870  10.878  1.00 28.67 ? 48  ASP A N   1 
ATOM   323  C  CA  . ASP A 1 48  ? -10.676 11.278  12.174  1.00 33.36 ? 48  ASP A CA  1 
ATOM   324  C  C   . ASP A 1 48  ? -12.152 10.981  12.415  1.00 34.04 ? 48  ASP A C   1 
ATOM   325  O  O   . ASP A 1 48  ? -12.486 10.048  13.146  1.00 35.37 ? 48  ASP A O   1 
ATOM   326  C  CB  . ASP A 1 48  ? -10.143 12.165  13.302  1.00 37.75 ? 48  ASP A CB  1 
ATOM   327  C  CG  . ASP A 1 48  ? -10.676 13.582  13.232  1.00 43.08 ? 48  ASP A CG  1 
ATOM   328  O  OD1 . ASP A 1 48  ? -10.342 14.301  12.265  1.00 46.70 ? 48  ASP A OD1 1 
ATOM   329  O  OD2 . ASP A 1 48  ? -11.432 13.976  14.145  1.00 46.56 ? 48  ASP A OD2 1 
ATOM   330  N  N   . ASP A 1 49  ? -13.034 11.763  11.803  1.00 33.56 ? 49  ASP A N   1 
ATOM   331  C  CA  . ASP A 1 49  ? -14.467 11.560  11.980  1.00 34.95 ? 49  ASP A CA  1 
ATOM   332  C  C   . ASP A 1 49  ? -15.026 10.488  11.053  1.00 34.51 ? 49  ASP A C   1 
ATOM   333  O  O   . ASP A 1 49  ? -16.186 10.104  11.176  1.00 35.46 ? 49  ASP A O   1 
ATOM   334  C  CB  . ASP A 1 49  ? -15.219 12.869  11.738  1.00 36.39 ? 49  ASP A CB  1 
ATOM   335  C  CG  . ASP A 1 49  ? -14.949 13.444  10.365  1.00 38.65 ? 49  ASP A CG  1 
ATOM   336  O  OD1 . ASP A 1 49  ? -13.769 13.730  10.068  1.00 40.61 ? 49  ASP A OD1 1 
ATOM   337  O  OD2 . ASP A 1 49  ? -15.907 13.612  9.582   1.00 38.27 ? 49  ASP A OD2 1 
ATOM   338  N  N   . GLU A 1 50  ? -14.203 10.005  10.126  1.00 32.54 ? 50  GLU A N   1 
ATOM   339  C  CA  . GLU A 1 50  ? -14.649 8.990   9.179   1.00 30.82 ? 50  GLU A CA  1 
ATOM   340  C  C   . GLU A 1 50  ? -14.200 7.584   9.548   1.00 31.37 ? 50  GLU A C   1 
ATOM   341  O  O   . GLU A 1 50  ? -14.677 6.607   8.974   1.00 32.33 ? 50  GLU A O   1 
ATOM   342  C  CB  . GLU A 1 50  ? -14.141 9.319   7.779   1.00 28.06 ? 50  GLU A CB  1 
ATOM   343  C  CG  . GLU A 1 50  ? -14.577 10.669  7.253   1.00 24.62 ? 50  GLU A CG  1 
ATOM   344  C  CD  . GLU A 1 50  ? -14.028 10.931  5.870   1.00 21.66 ? 50  GLU A CD  1 
ATOM   345  O  OE1 . GLU A 1 50  ? -12.802 10.790  5.697   1.00 17.23 ? 50  GLU A OE1 1 
ATOM   346  O  OE2 . GLU A 1 50  ? -14.812 11.272  4.963   1.00 19.65 ? 50  GLU A OE2 1 
ATOM   347  N  N   . VAL A 1 51  ? -13.276 7.481   10.494  1.00 31.43 ? 51  VAL A N   1 
ATOM   348  C  CA  . VAL A 1 51  ? -12.774 6.182   10.920  1.00 32.65 ? 51  VAL A CA  1 
ATOM   349  C  C   . VAL A 1 51  ? -13.558 5.655   12.117  1.00 34.55 ? 51  VAL A C   1 
ATOM   350  O  O   . VAL A 1 51  ? -14.215 6.417   12.828  1.00 33.82 ? 51  VAL A O   1 
ATOM   351  C  CB  . VAL A 1 51  ? -11.281 6.261   11.300  1.00 32.81 ? 51  VAL A CB  1 
ATOM   352  C  CG1 . VAL A 1 51  ? -10.465 6.743   10.105  1.00 31.41 ? 51  VAL A CG1 1 
ATOM   353  C  CG2 . VAL A 1 51  ? -11.097 7.192   12.490  1.00 31.98 ? 51  VAL A CG2 1 
ATOM   354  N  N   . PRO A 1 52  ? -13.505 4.335   12.349  1.00 35.96 ? 52  PRO A N   1 
ATOM   355  C  CA  . PRO A 1 52  ? -14.214 3.712   13.468  1.00 37.22 ? 52  PRO A CA  1 
ATOM   356  C  C   . PRO A 1 52  ? -13.947 4.434   14.783  1.00 38.11 ? 52  PRO A C   1 
ATOM   357  O  O   . PRO A 1 52  ? -12.820 4.850   15.050  1.00 38.40 ? 52  PRO A O   1 
ATOM   358  C  CB  . PRO A 1 52  ? -13.668 2.289   13.463  1.00 36.94 ? 52  PRO A CB  1 
ATOM   359  C  CG  . PRO A 1 52  ? -13.473 2.035   11.995  1.00 36.57 ? 52  PRO A CG  1 
ATOM   360  C  CD  . PRO A 1 52  ? -12.818 3.318   11.532  1.00 36.90 ? 52  PRO A CD  1 
ATOM   361  N  N   . ALA A 1 53  ? -14.989 4.578   15.596  1.00 39.78 ? 53  ALA A N   1 
ATOM   362  C  CA  . ALA A 1 53  ? -14.885 5.255   16.885  1.00 40.14 ? 53  ALA A CA  1 
ATOM   363  C  C   . ALA A 1 53  ? -13.697 4.750   17.698  1.00 41.05 ? 53  ALA A C   1 
ATOM   364  O  O   . ALA A 1 53  ? -13.153 5.474   18.535  1.00 41.31 ? 53  ALA A O   1 
ATOM   365  C  CB  . ALA A 1 53  ? -16.176 5.064   17.674  1.00 40.60 ? 53  ALA A CB  1 
ATOM   366  N  N   . THR A 1 54  ? -13.291 3.512   17.438  1.00 41.94 ? 54  THR A N   1 
ATOM   367  C  CA  . THR A 1 54  ? -12.177 2.894   18.148  1.00 43.00 ? 54  THR A CA  1 
ATOM   368  C  C   . THR A 1 54  ? -10.797 3.399   17.720  1.00 43.07 ? 54  THR A C   1 
ATOM   369  O  O   . THR A 1 54  ? -9.810  3.196   18.431  1.00 43.53 ? 54  THR A O   1 
ATOM   370  C  CB  . THR A 1 54  ? -12.214 1.361   17.982  1.00 44.53 ? 54  THR A CB  1 
ATOM   371  O  OG1 . THR A 1 54  ? -12.172 1.027   16.589  1.00 45.98 ? 54  THR A OG1 1 
ATOM   372  C  CG2 . THR A 1 54  ? -13.490 0.793   18.590  1.00 45.62 ? 54  THR A CG2 1 
ATOM   373  N  N   . LEU A 1 55  ? -10.726 4.055   16.565  1.00 41.57 ? 55  LEU A N   1 
ATOM   374  C  CA  . LEU A 1 55  ? -9.455  4.576   16.062  1.00 40.84 ? 55  LEU A CA  1 
ATOM   375  C  C   . LEU A 1 55  ? -9.432  6.100   16.013  1.00 39.64 ? 55  LEU A C   1 
ATOM   376  O  O   . LEU A 1 55  ? -8.432  6.698   15.617  1.00 39.22 ? 55  LEU A O   1 
ATOM   377  C  CB  . LEU A 1 55  ? -9.175  4.033   14.659  1.00 39.57 ? 55  LEU A CB  1 
ATOM   378  C  CG  . LEU A 1 55  ? -8.935  2.530   14.513  1.00 40.34 ? 55  LEU A CG  1 
ATOM   379  C  CD1 . LEU A 1 55  ? -8.832  2.179   13.041  1.00 39.12 ? 55  LEU A CD1 1 
ATOM   380  C  CD2 . LEU A 1 55  ? -7.664  2.133   15.251  1.00 40.56 ? 55  LEU A CD2 1 
ATOM   381  N  N   . THR A 1 56  ? -10.533 6.722   16.420  1.00 39.32 ? 56  THR A N   1 
ATOM   382  C  CA  . THR A 1 56  ? -10.648 8.176   16.397  1.00 39.19 ? 56  THR A CA  1 
ATOM   383  C  C   . THR A 1 56  ? -9.468  8.926   17.016  1.00 38.52 ? 56  THR A C   1 
ATOM   384  O  O   . THR A 1 56  ? -8.864  9.779   16.370  1.00 39.10 ? 56  THR A O   1 
ATOM   385  C  CB  . THR A 1 56  ? -11.935 8.637   17.102  1.00 40.22 ? 56  THR A CB  1 
ATOM   386  O  OG1 . THR A 1 56  ? -13.056 7.923   16.564  1.00 41.40 ? 56  THR A OG1 1 
ATOM   387  C  CG2 . THR A 1 56  ? -12.149 10.132  16.892  1.00 39.28 ? 56  THR A CG2 1 
ATOM   388  N  N   . GLU A 1 57  ? -9.138  8.618   18.265  1.00 37.82 ? 57  GLU A N   1 
ATOM   389  C  CA  . GLU A 1 57  ? -8.036  9.305   18.928  1.00 38.53 ? 57  GLU A CA  1 
ATOM   390  C  C   . GLU A 1 57  ? -6.667  8.937   18.362  1.00 37.72 ? 57  GLU A C   1 
ATOM   391  O  O   . GLU A 1 57  ? -5.771  9.778   18.305  1.00 37.05 ? 57  GLU A O   1 
ATOM   392  C  CB  . GLU A 1 57  ? -8.062  9.038   20.438  1.00 40.08 ? 57  GLU A CB  1 
ATOM   393  C  CG  . GLU A 1 57  ? -6.916  9.700   21.195  1.00 42.86 ? 57  GLU A CG  1 
ATOM   394  C  CD  . GLU A 1 57  ? -6.755  11.175  20.851  1.00 45.10 ? 57  GLU A CD  1 
ATOM   395  O  OE1 . GLU A 1 57  ? -7.723  11.945  21.037  1.00 46.29 ? 57  GLU A OE1 1 
ATOM   396  O  OE2 . GLU A 1 57  ? -5.660  11.565  20.390  1.00 45.52 ? 57  GLU A OE2 1 
ATOM   397  N  N   . LEU A 1 58  ? -6.505  7.683   17.948  1.00 37.52 ? 58  LEU A N   1 
ATOM   398  C  CA  . LEU A 1 58  ? -5.237  7.235   17.381  1.00 36.89 ? 58  LEU A CA  1 
ATOM   399  C  C   . LEU A 1 58  ? -4.953  7.995   16.091  1.00 36.69 ? 58  LEU A C   1 
ATOM   400  O  O   . LEU A 1 58  ? -3.814  8.382   15.827  1.00 35.92 ? 58  LEU A O   1 
ATOM   401  C  CB  . LEU A 1 58  ? -5.277  5.731   17.107  1.00 37.16 ? 58  LEU A CB  1 
ATOM   402  C  CG  . LEU A 1 58  ? -5.281  4.837   18.349  1.00 37.25 ? 58  LEU A CG  1 
ATOM   403  C  CD1 . LEU A 1 58  ? -5.505  3.389   17.946  1.00 38.02 ? 58  LEU A CD1 1 
ATOM   404  C  CD2 . LEU A 1 58  ? -3.961  4.990   19.084  1.00 37.29 ? 58  LEU A CD2 1 
ATOM   405  N  N   . VAL A 1 59  ? -5.994  8.204   15.290  1.00 36.62 ? 59  VAL A N   1 
ATOM   406  C  CA  . VAL A 1 59  ? -5.858  8.934   14.032  1.00 36.86 ? 59  VAL A CA  1 
ATOM   407  C  C   . VAL A 1 59  ? -5.639  10.412  14.339  1.00 37.78 ? 59  VAL A C   1 
ATOM   408  O  O   . VAL A 1 59  ? -4.878  11.097  13.653  1.00 37.71 ? 59  VAL A O   1 
ATOM   409  C  CB  . VAL A 1 59  ? -7.122  8.791   13.157  1.00 35.30 ? 59  VAL A CB  1 
ATOM   410  C  CG1 . VAL A 1 59  ? -7.036  9.723   11.956  1.00 34.73 ? 59  VAL A CG1 1 
ATOM   411  C  CG2 . VAL A 1 59  ? -7.270  7.356   12.691  1.00 35.87 ? 59  VAL A CG2 1 
ATOM   412  N  N   . ALA A 1 60  ? -6.312  10.890  15.382  1.00 38.20 ? 60  ALA A N   1 
ATOM   413  C  CA  . ALA A 1 60  ? -6.201  12.282  15.799  1.00 38.86 ? 60  ALA A CA  1 
ATOM   414  C  C   . ALA A 1 60  ? -4.790  12.572  16.299  1.00 38.93 ? 60  ALA A C   1 
ATOM   415  O  O   . ALA A 1 60  ? -4.233  13.637  16.027  1.00 39.66 ? 60  ALA A O   1 
ATOM   416  C  CB  . ALA A 1 60  ? -7.216  12.578  16.898  1.00 39.25 ? 60  ALA A CB  1 
ATOM   417  N  N   . SER A 1 61  ? -4.214  11.617  17.022  1.00 37.96 ? 61  SER A N   1 
ATOM   418  C  CA  . SER A 1 61  ? -2.871  11.774  17.568  1.00 37.10 ? 61  SER A CA  1 
ATOM   419  C  C   . SER A 1 61  ? -1.774  11.438  16.560  1.00 36.01 ? 61  SER A C   1 
ATOM   420  O  O   . SER A 1 61  ? -0.587  11.620  16.841  1.00 34.99 ? 61  SER A O   1 
ATOM   421  C  CB  . SER A 1 61  ? -2.715  10.901  18.814  1.00 37.45 ? 61  SER A CB  1 
ATOM   422  O  OG  . SER A 1 61  ? -2.984  9.543   18.514  1.00 39.09 ? 61  SER A OG  1 
ATOM   423  N  N   . GLY A 1 62  ? -2.172  10.945  15.390  1.00 34.55 ? 62  GLY A N   1 
ATOM   424  C  CA  . GLY A 1 62  ? -1.204  10.600  14.360  1.00 33.03 ? 62  GLY A CA  1 
ATOM   425  C  C   . GLY A 1 62  ? -0.497  9.272   14.571  1.00 31.77 ? 62  GLY A C   1 
ATOM   426  O  O   . GLY A 1 62  ? 0.557   9.021   13.986  1.00 33.07 ? 62  GLY A O   1 
ATOM   427  N  N   . LYS A 1 63  ? -1.074  8.414   15.404  1.00 30.49 ? 63  LYS A N   1 
ATOM   428  C  CA  . LYS A 1 63  ? -0.487  7.106   15.681  1.00 28.05 ? 63  LYS A CA  1 
ATOM   429  C  C   . LYS A 1 63  ? -0.910  6.131   14.587  1.00 26.15 ? 63  LYS A C   1 
ATOM   430  O  O   . LYS A 1 63  ? -0.234  5.140   14.317  1.00 23.10 ? 63  LYS A O   1 
ATOM   431  C  CB  . LYS A 1 63  ? -0.968  6.595   17.039  1.00 30.25 ? 63  LYS A CB  1 
ATOM   432  C  CG  . LYS A 1 63  ? -0.333  5.291   17.478  1.00 34.83 ? 63  LYS A CG  1 
ATOM   433  C  CD  . LYS A 1 63  ? 1.170   5.444   17.659  1.00 37.28 ? 63  LYS A CD  1 
ATOM   434  C  CE  . LYS A 1 63  ? 1.791   4.165   18.197  1.00 39.35 ? 63  LYS A CE  1 
ATOM   435  N  NZ  . LYS A 1 63  ? 3.269   4.290   18.339  1.00 40.79 ? 63  LYS A NZ  1 
ATOM   436  N  N   . VAL A 1 64  ? -2.047  6.426   13.970  1.00 24.00 ? 64  VAL A N   1 
ATOM   437  C  CA  . VAL A 1 64  ? -2.588  5.602   12.903  1.00 22.64 ? 64  VAL A CA  1 
ATOM   438  C  C   . VAL A 1 64  ? -3.109  6.499   11.788  1.00 22.44 ? 64  VAL A C   1 
ATOM   439  O  O   . VAL A 1 64  ? -3.611  7.594   12.046  1.00 21.93 ? 64  VAL A O   1 
ATOM   440  C  CB  . VAL A 1 64  ? -3.751  4.726   13.418  1.00 23.14 ? 64  VAL A CB  1 
ATOM   441  C  CG1 . VAL A 1 64  ? -4.368  3.940   12.269  1.00 22.50 ? 64  VAL A CG1 1 
ATOM   442  C  CG2 . VAL A 1 64  ? -3.245  3.777   14.492  1.00 22.30 ? 64  VAL A CG2 1 
ATOM   443  N  N   . ALA A 1 65  ? -2.977  6.033   10.550  1.00 20.18 ? 65  ALA A N   1 
ATOM   444  C  CA  . ALA A 1 65  ? -3.461  6.770   9.392   1.00 18.14 ? 65  ALA A CA  1 
ATOM   445  C  C   . ALA A 1 65  ? -4.197  5.777   8.499   1.00 17.69 ? 65  ALA A C   1 
ATOM   446  O  O   . ALA A 1 65  ? -3.799  4.618   8.394   1.00 17.15 ? 65  ALA A O   1 
ATOM   447  C  CB  . ALA A 1 65  ? -2.295  7.403   8.637   1.00 18.75 ? 65  ALA A CB  1 
ATOM   448  N  N   . ASN A 1 66  ? -5.278  6.230   7.874   1.00 16.17 ? 66  ASN A N   1 
ATOM   449  C  CA  . ASN A 1 66  ? -6.077  5.386   6.997   1.00 15.88 ? 66  ASN A CA  1 
ATOM   450  C  C   . ASN A 1 66  ? -6.203  6.048   5.630   1.00 16.28 ? 66  ASN A C   1 
ATOM   451  O  O   . ASN A 1 66  ? -6.585  7.214   5.535   1.00 17.10 ? 66  ASN A O   1 
ATOM   452  C  CB  . ASN A 1 66  ? -7.488  5.196   7.575   1.00 19.70 ? 66  ASN A CB  1 
ATOM   453  C  CG  . ASN A 1 66  ? -7.547  4.162   8.692   1.00 23.84 ? 66  ASN A CG  1 
ATOM   454  O  OD1 . ASN A 1 66  ? -6.610  4.001   9.467   1.00 27.01 ? 66  ASN A OD1 1 
ATOM   455  N  ND2 . ASN A 1 66  ? -8.678  3.471   8.788   1.00 28.28 ? 66  ASN A ND2 1 
ATOM   456  N  N   . PHE A 1 67  ? -5.878  5.302   4.582   1.00 11.89 ? 67  PHE A N   1 
ATOM   457  C  CA  . PHE A 1 67  ? -5.985  5.785   3.209   1.00 13.10 ? 67  PHE A CA  1 
ATOM   458  C  C   . PHE A 1 67  ? -6.902  4.816   2.497   1.00 12.75 ? 67  PHE A C   1 
ATOM   459  O  O   . PHE A 1 67  ? -7.035  3.664   2.916   1.00 12.17 ? 67  PHE A O   1 
ATOM   460  C  CB  . PHE A 1 67  ? -4.610  5.816   2.537   1.00 13.55 ? 67  PHE A CB  1 
ATOM   461  C  CG  . PHE A 1 67  ? -3.696  6.864   3.097   1.00 14.63 ? 67  PHE A CG  1 
ATOM   462  C  CD1 . PHE A 1 67  ? -3.767  8.178   2.648   1.00 15.11 ? 67  PHE A CD1 1 
ATOM   463  C  CD2 . PHE A 1 67  ? -2.806  6.554   4.121   1.00 15.72 ? 67  PHE A CD2 1 
ATOM   464  C  CE1 . PHE A 1 67  ? -2.967  9.171   3.214   1.00 17.85 ? 67  PHE A CE1 1 
ATOM   465  C  CE2 . PHE A 1 67  ? -2.005  7.535   4.692   1.00 15.68 ? 67  PHE A CE2 1 
ATOM   466  C  CZ  . PHE A 1 67  ? -2.086  8.848   4.237   1.00 16.73 ? 67  PHE A CZ  1 
ATOM   467  N  N   . ILE A 1 68  ? -7.551  5.273   1.435   1.00 12.16 ? 68  ILE A N   1 
ATOM   468  C  CA  . ILE A 1 68  ? -8.466  4.407   0.701   1.00 12.82 ? 68  ILE A CA  1 
ATOM   469  C  C   . ILE A 1 68  ? -8.361  4.553   -0.806  1.00 14.60 ? 68  ILE A C   1 
ATOM   470  O  O   . ILE A 1 68  ? -7.953  5.597   -1.316  1.00 14.96 ? 68  ILE A O   1 
ATOM   471  C  CB  . ILE A 1 68  ? -9.923  4.713   1.052   1.00 14.14 ? 68  ILE A CB  1 
ATOM   472  C  CG1 . ILE A 1 68  ? -10.254 6.152   0.646   1.00 14.89 ? 68  ILE A CG1 1 
ATOM   473  C  CG2 . ILE A 1 68  ? -10.157 4.509   2.529   1.00 16.70 ? 68  ILE A CG2 1 
ATOM   474  C  CD1 . ILE A 1 68  ? -11.725 6.431   0.496   1.00 19.36 ? 68  ILE A CD1 1 
ATOM   475  N  N   . THR A 1 69  ? -8.715  3.489   -1.520  1.00 14.47 ? 69  THR A N   1 
ATOM   476  C  CA  . THR A 1 69  ? -8.736  3.542   -2.968  1.00 15.05 ? 69  THR A CA  1 
ATOM   477  C  C   . THR A 1 69  ? -10.184 3.944   -3.253  1.00 16.33 ? 69  THR A C   1 
ATOM   478  O  O   . THR A 1 69  ? -11.059 3.783   -2.394  1.00 16.48 ? 69  THR A O   1 
ATOM   479  C  CB  . THR A 1 69  ? -8.402  2.173   -3.605  1.00 15.48 ? 69  THR A CB  1 
ATOM   480  O  OG1 . THR A 1 69  ? -9.152  1.141   -2.959  1.00 18.70 ? 69  THR A OG1 1 
ATOM   481  C  CG2 . THR A 1 69  ? -6.909  1.867   -3.461  1.00 17.19 ? 69  THR A CG2 1 
ATOM   482  N  N   . PRO A 1 70  ? -10.466 4.482   -4.446  1.00 17.37 ? 70  PRO A N   1 
ATOM   483  C  CA  . PRO A 1 70  ? -11.847 4.881   -4.726  1.00 18.97 ? 70  PRO A CA  1 
ATOM   484  C  C   . PRO A 1 70  ? -12.909 3.790   -4.615  1.00 20.72 ? 70  PRO A C   1 
ATOM   485  O  O   . PRO A 1 70  ? -14.089 4.096   -4.452  1.00 21.98 ? 70  PRO A O   1 
ATOM   486  C  CB  . PRO A 1 70  ? -11.756 5.494   -6.128  1.00 18.71 ? 70  PRO A CB  1 
ATOM   487  C  CG  . PRO A 1 70  ? -10.597 4.796   -6.730  1.00 19.15 ? 70  PRO A CG  1 
ATOM   488  C  CD  . PRO A 1 70  ? -9.597  4.750   -5.604  1.00 16.83 ? 70  PRO A CD  1 
ATOM   489  N  N   . ASP A 1 71  ? -12.505 2.526   -4.693  1.00 20.81 ? 71  ASP A N   1 
ATOM   490  C  CA  . ASP A 1 71  ? -13.470 1.436   -4.573  1.00 22.76 ? 71  ASP A CA  1 
ATOM   491  C  C   . ASP A 1 71  ? -13.685 1.028   -3.107  1.00 22.75 ? 71  ASP A C   1 
ATOM   492  O  O   . ASP A 1 71  ? -14.396 0.063   -2.817  1.00 22.24 ? 71  ASP A O   1 
ATOM   493  C  CB  . ASP A 1 71  ? -13.029 0.232   -5.416  1.00 23.87 ? 71  ASP A CB  1 
ATOM   494  C  CG  . ASP A 1 71  ? -11.750 -0.389  -4.919  1.00 24.66 ? 71  ASP A CG  1 
ATOM   495  O  OD1 . ASP A 1 71  ? -11.053 0.256   -4.114  1.00 25.85 ? 71  ASP A OD1 1 
ATOM   496  O  OD2 . ASP A 1 71  ? -11.438 -1.521  -5.343  1.00 24.68 ? 71  ASP A OD2 1 
ATOM   497  N  N   . GLY A 1 72  ? -13.063 1.761   -2.186  1.00 20.65 ? 72  GLY A N   1 
ATOM   498  C  CA  . GLY A 1 72  ? -13.257 1.480   -0.772  1.00 19.26 ? 72  GLY A CA  1 
ATOM   499  C  C   . GLY A 1 72  ? -12.233 0.683   0.022   1.00 17.24 ? 72  GLY A C   1 
ATOM   500  O  O   . GLY A 1 72  ? -12.318 0.647   1.248   1.00 15.81 ? 72  GLY A O   1 
ATOM   501  N  N   . THR A 1 73  ? -11.279 0.039   -0.641  1.00 14.93 ? 73  THR A N   1 
ATOM   502  C  CA  . THR A 1 73  ? -10.266 -0.731  0.083   1.00 12.83 ? 73  THR A CA  1 
ATOM   503  C  C   . THR A 1 73  ? -9.415  0.207   0.929   1.00 13.13 ? 73  THR A C   1 
ATOM   504  O  O   . THR A 1 73  ? -8.968  1.260   0.460   1.00 11.82 ? 73  THR A O   1 
ATOM   505  C  CB  . THR A 1 73  ? -9.346  -1.511  -0.875  1.00 14.49 ? 73  THR A CB  1 
ATOM   506  O  OG1 . THR A 1 73  ? -10.141 -2.322  -1.743  1.00 16.03 ? 73  THR A OG1 1 
ATOM   507  C  CG2 . THR A 1 73  ? -8.401  -2.418  -0.091  1.00 12.11 ? 73  THR A CG2 1 
ATOM   508  N  N   . ILE A 1 74  ? -9.180  -0.187  2.174   1.00 9.27  ? 74  ILE A N   1 
ATOM   509  C  CA  . ILE A 1 74  ? -8.411  0.632   3.096   1.00 9.12  ? 74  ILE A CA  1 
ATOM   510  C  C   . ILE A 1 74  ? -6.982  0.169   3.322   1.00 11.13 ? 74  ILE A C   1 
ATOM   511  O  O   . ILE A 1 74  ? -6.704  -1.028  3.402   1.00 10.08 ? 74  ILE A O   1 
ATOM   512  C  CB  . ILE A 1 74  ? -9.100  0.697   4.479   1.00 9.54  ? 74  ILE A CB  1 
ATOM   513  C  CG1 . ILE A 1 74  ? -10.498 1.298   4.328   1.00 10.41 ? 74  ILE A CG1 1 
ATOM   514  C  CG2 . ILE A 1 74  ? -8.257  1.537   5.444   1.00 8.84  ? 74  ILE A CG2 1 
ATOM   515  C  CD1 . ILE A 1 74  ? -11.370 1.169   5.573   1.00 15.27 ? 74  ILE A CD1 1 
ATOM   516  N  N   . LEU A 1 75  ? -6.080  1.139   3.424   1.00 11.18 ? 75  LEU A N   1 
ATOM   517  C  CA  . LEU A 1 75  ? -4.676  0.875   3.716   1.00 10.43 ? 75  LEU A CA  1 
ATOM   518  C  C   . LEU A 1 75  ? -4.464  1.519   5.080   1.00 12.53 ? 75  LEU A C   1 
ATOM   519  O  O   . LEU A 1 75  ? -4.558  2.741   5.214   1.00 12.55 ? 75  LEU A O   1 
ATOM   520  C  CB  . LEU A 1 75  ? -3.755  1.546   2.686   1.00 10.08 ? 75  LEU A CB  1 
ATOM   521  C  CG  . LEU A 1 75  ? -2.254  1.457   2.989   1.00 11.45 ? 75  LEU A CG  1 
ATOM   522  C  CD1 . LEU A 1 75  ? -1.809  0.003   2.929   1.00 10.64 ? 75  LEU A CD1 1 
ATOM   523  C  CD2 . LEU A 1 75  ? -1.461  2.296   1.982   1.00 11.54 ? 75  LEU A CD2 1 
ATOM   524  N  N   . ASP A 1 76  ? -4.218  0.701   6.097   1.00 12.82 ? 76  ASP A N   1 
ATOM   525  C  CA  . ASP A 1 76  ? -3.988  1.213   7.444   1.00 14.87 ? 76  ASP A CA  1 
ATOM   526  C  C   . ASP A 1 76  ? -2.500  1.307   7.698   1.00 15.32 ? 76  ASP A C   1 
ATOM   527  O  O   . ASP A 1 76  ? -1.758  0.370   7.407   1.00 15.61 ? 76  ASP A O   1 
ATOM   528  C  CB  . ASP A 1 76  ? -4.575  0.292   8.527   1.00 16.44 ? 76  ASP A CB  1 
ATOM   529  C  CG  . ASP A 1 76  ? -6.087  0.282   8.549   1.00 23.67 ? 76  ASP A CG  1 
ATOM   530  O  OD1 . ASP A 1 76  ? -6.706  1.318   8.227   1.00 26.04 ? 76  ASP A OD1 1 
ATOM   531  O  OD2 . ASP A 1 76  ? -6.657  -0.768  8.922   1.00 24.74 ? 76  ASP A OD2 1 
ATOM   532  N  N   . LEU A 1 77  ? -2.067  2.439   8.241   1.00 13.41 ? 77  LEU A N   1 
ATOM   533  C  CA  . LEU A 1 77  ? -0.668  2.624   8.576   1.00 13.21 ? 77  LEU A CA  1 
ATOM   534  C  C   . LEU A 1 77  ? -0.608  2.748   10.092  1.00 14.37 ? 77  LEU A C   1 
ATOM   535  O  O   . LEU A 1 77  ? -1.279  3.597   10.676  1.00 15.26 ? 77  LEU A O   1 
ATOM   536  C  CB  . LEU A 1 77  ? -0.110  3.886   7.920   1.00 13.78 ? 77  LEU A CB  1 
ATOM   537  C  CG  . LEU A 1 77  ? -0.207  3.963   6.396   1.00 12.37 ? 77  LEU A CG  1 
ATOM   538  C  CD1 . LEU A 1 77  ? 0.425   5.262   5.932   1.00 12.00 ? 77  LEU A CD1 1 
ATOM   539  C  CD2 . LEU A 1 77  ? 0.494   2.768   5.753   1.00 13.04 ? 77  LEU A CD2 1 
ATOM   540  N  N   . PHE A 1 78  ? 0.172   1.876   10.719  1.00 15.54 ? 78  PHE A N   1 
ATOM   541  C  CA  . PHE A 1 78  ? 0.330   1.873   12.164  1.00 16.78 ? 78  PHE A CA  1 
ATOM   542  C  C   . PHE A 1 78  ? 1.724   2.367   12.505  1.00 16.80 ? 78  PHE A C   1 
ATOM   543  O  O   . PHE A 1 78  ? 2.713   1.746   12.131  1.00 16.26 ? 78  PHE A O   1 
ATOM   544  C  CB  . PHE A 1 78  ? 0.128   0.454   12.707  1.00 19.58 ? 78  PHE A CB  1 
ATOM   545  C  CG  . PHE A 1 78  ? -1.309  0.017   12.732  1.00 22.06 ? 78  PHE A CG  1 
ATOM   546  C  CD1 . PHE A 1 78  ? -2.121  0.333   13.815  1.00 24.65 ? 78  PHE A CD1 1 
ATOM   547  C  CD2 . PHE A 1 78  ? -1.863  -0.677  11.659  1.00 24.26 ? 78  PHE A CD2 1 
ATOM   548  C  CE1 . PHE A 1 78  ? -3.464  -0.029  13.833  1.00 25.74 ? 78  PHE A CE1 1 
ATOM   549  C  CE2 . PHE A 1 78  ? -3.211  -1.046  11.665  1.00 24.14 ? 78  PHE A CE2 1 
ATOM   550  C  CZ  . PHE A 1 78  ? -4.012  -0.721  12.754  1.00 26.30 ? 78  PHE A CZ  1 
ATOM   551  N  N   . GLY A 1 79  ? 1.797   3.493   13.206  1.00 17.08 ? 79  GLY A N   1 
ATOM   552  C  CA  . GLY A 1 79  ? 3.088   4.042   13.583  1.00 17.73 ? 79  GLY A CA  1 
ATOM   553  C  C   . GLY A 1 79  ? 3.801   3.160   14.588  1.00 18.20 ? 79  GLY A C   1 
ATOM   554  O  O   . GLY A 1 79  ? 3.300   2.922   15.687  1.00 18.82 ? 79  GLY A O   1 
ATOM   555  N  N   . GLU A 1 80  ? 4.974   2.669   14.203  1.00 18.85 ? 80  GLU A N   1 
ATOM   556  C  CA  . GLU A 1 80  ? 5.785   1.797   15.049  1.00 20.47 ? 80  GLU A CA  1 
ATOM   557  C  C   . GLU A 1 80  ? 7.234   2.271   14.967  1.00 20.79 ? 80  GLU A C   1 
ATOM   558  O  O   . GLU A 1 80  ? 8.081   1.597   14.390  1.00 19.59 ? 80  GLU A O   1 
ATOM   559  C  CB  . GLU A 1 80  ? 5.702   0.350   14.552  1.00 22.09 ? 80  GLU A CB  1 
ATOM   560  C  CG  . GLU A 1 80  ? 4.341   -0.310  14.702  1.00 23.49 ? 80  GLU A CG  1 
ATOM   561  C  CD  . GLU A 1 80  ? 3.925   -0.464  16.153  1.00 28.25 ? 80  GLU A CD  1 
ATOM   562  O  OE1 . GLU A 1 80  ? 4.815   -0.429  17.029  1.00 27.72 ? 80  GLU A OE1 1 
ATOM   563  O  OE2 . GLU A 1 80  ? 2.716   -0.633  16.418  1.00 29.67 ? 80  GLU A OE2 1 
ATOM   564  N  N   . PRO A 1 81  ? 7.536   3.441   15.554  1.00 22.10 ? 81  PRO A N   1 
ATOM   565  C  CA  . PRO A 1 81  ? 8.894   3.993   15.529  1.00 21.87 ? 81  PRO A CA  1 
ATOM   566  C  C   . PRO A 1 81  ? 9.968   3.135   16.188  1.00 22.97 ? 81  PRO A C   1 
ATOM   567  O  O   . PRO A 1 81  ? 11.153  3.308   15.914  1.00 22.14 ? 81  PRO A O   1 
ATOM   568  C  CB  . PRO A 1 81  ? 8.725   5.344   16.218  1.00 22.98 ? 81  PRO A CB  1 
ATOM   569  C  CG  . PRO A 1 81  ? 7.650   5.066   17.217  1.00 24.48 ? 81  PRO A CG  1 
ATOM   570  C  CD  . PRO A 1 81  ? 6.653   4.265   16.399  1.00 23.60 ? 81  PRO A CD  1 
ATOM   571  N  N   . GLU A 1 82  ? 9.566   2.201   17.043  1.00 25.31 ? 82  GLU A N   1 
ATOM   572  C  CA  . GLU A 1 82  ? 10.545  1.359   17.720  1.00 27.25 ? 82  GLU A CA  1 
ATOM   573  C  C   . GLU A 1 82  ? 10.737  -0.020  17.099  1.00 27.19 ? 82  GLU A C   1 
ATOM   574  O  O   . GLU A 1 82  ? 11.567  -0.804  17.563  1.00 27.01 ? 82  GLU A O   1 
ATOM   575  C  CB  . GLU A 1 82  ? 10.187  1.238   19.202  1.00 30.67 ? 82  GLU A CB  1 
ATOM   576  C  CG  . GLU A 1 82  ? 10.275  2.570   19.931  1.00 38.19 ? 82  GLU A CG  1 
ATOM   577  C  CD  . GLU A 1 82  ? 10.091  2.442   21.426  1.00 44.06 ? 82  GLU A CD  1 
ATOM   578  O  OE1 . GLU A 1 82  ? 9.010   1.993   21.861  1.00 47.74 ? 82  GLU A OE1 1 
ATOM   579  O  OE2 . GLU A 1 82  ? 11.033  2.792   22.171  1.00 47.54 ? 82  GLU A OE2 1 
ATOM   580  N  N   . LEU A 1 83  ? 9.984   -0.319  16.046  1.00 24.56 ? 83  LEU A N   1 
ATOM   581  C  CA  . LEU A 1 83  ? 10.122  -1.608  15.383  1.00 24.06 ? 83  LEU A CA  1 
ATOM   582  C  C   . LEU A 1 83  ? 11.171  -1.543  14.284  1.00 23.19 ? 83  LEU A C   1 
ATOM   583  O  O   . LEU A 1 83  ? 11.484  -0.469  13.771  1.00 22.85 ? 83  LEU A O   1 
ATOM   584  C  CB  . LEU A 1 83  ? 8.783   -2.058  14.790  1.00 22.46 ? 83  LEU A CB  1 
ATOM   585  C  CG  . LEU A 1 83  ? 7.699   -2.437  15.800  1.00 22.21 ? 83  LEU A CG  1 
ATOM   586  C  CD1 . LEU A 1 83  ? 6.462   -2.944  15.063  1.00 21.97 ? 83  LEU A CD1 1 
ATOM   587  C  CD2 . LEU A 1 83  ? 8.228   -3.515  16.738  1.00 21.80 ? 83  LEU A CD2 1 
ATOM   588  N  N   . SER A 1 84  ? 11.716  -2.703  13.936  1.00 23.73 ? 84  SER A N   1 
ATOM   589  C  CA  . SER A 1 84  ? 12.727  -2.806  12.894  1.00 24.85 ? 84  SER A CA  1 
ATOM   590  C  C   . SER A 1 84  ? 12.163  -3.592  11.713  1.00 24.78 ? 84  SER A C   1 
ATOM   591  O  O   . SER A 1 84  ? 11.205  -4.343  11.864  1.00 24.57 ? 84  SER A O   1 
ATOM   592  C  CB  . SER A 1 84  ? 13.964  -3.544  13.425  1.00 26.55 ? 84  SER A CB  1 
ATOM   593  O  OG  . SER A 1 84  ? 14.502  -2.909  14.574  1.00 29.62 ? 84  SER A OG  1 
ATOM   594  N  N   . PRO A 1 85  ? 12.736  -3.408  10.516  1.00 24.90 ? 85  PRO A N   1 
ATOM   595  C  CA  . PRO A 1 85  ? 12.230  -4.158  9.366   1.00 24.69 ? 85  PRO A CA  1 
ATOM   596  C  C   . PRO A 1 85  ? 12.793  -5.574  9.490   1.00 26.09 ? 85  PRO A C   1 
ATOM   597  O  O   . PRO A 1 85  ? 13.739  -5.801  10.251  1.00 22.62 ? 85  PRO A O   1 
ATOM   598  C  CB  . PRO A 1 85  ? 12.816  -3.395  8.181   1.00 24.42 ? 85  PRO A CB  1 
ATOM   599  C  CG  . PRO A 1 85  ? 14.132  -2.910  8.725   1.00 24.33 ? 85  PRO A CG  1 
ATOM   600  C  CD  . PRO A 1 85  ? 13.746  -2.418  10.100  1.00 24.98 ? 85  PRO A CD  1 
ATOM   601  N  N   . PRO A 1 86  ? 12.217  -6.549  8.767   1.00 27.34 ? 86  PRO A N   1 
ATOM   602  C  CA  . PRO A 1 86  ? 12.751  -7.911  8.875   1.00 28.23 ? 86  PRO A CA  1 
ATOM   603  C  C   . PRO A 1 86  ? 14.244  -7.950  8.545   1.00 28.76 ? 86  PRO A C   1 
ATOM   604  O  O   . PRO A 1 86  ? 14.983  -8.791  9.055   1.00 28.99 ? 86  PRO A O   1 
ATOM   605  C  CB  . PRO A 1 86  ? 11.889  -8.702  7.887   1.00 29.04 ? 86  PRO A CB  1 
ATOM   606  C  CG  . PRO A 1 86  ? 11.422  -7.667  6.913   1.00 29.15 ? 86  PRO A CG  1 
ATOM   607  C  CD  . PRO A 1 86  ? 11.109  -6.491  7.800   1.00 27.81 ? 86  PRO A CD  1 
ATOM   608  N  N   . ASP A 1 87  ? 14.675  -7.027  7.688   1.00 28.58 ? 87  ASP A N   1 
ATOM   609  C  CA  . ASP A 1 87  ? 16.079  -6.901  7.288   1.00 28.10 ? 87  ASP A CA  1 
ATOM   610  C  C   . ASP A 1 87  ? 16.238  -5.501  6.699   1.00 27.36 ? 87  ASP A C   1 
ATOM   611  O  O   . ASP A 1 87  ? 15.418  -5.067  5.893   1.00 24.94 ? 87  ASP A O   1 
ATOM   612  C  CB  . ASP A 1 87  ? 16.451  -7.944  6.226   1.00 27.96 ? 87  ASP A CB  1 
ATOM   613  C  CG  . ASP A 1 87  ? 17.959  -8.081  6.042   1.00 30.57 ? 87  ASP A CG  1 
ATOM   614  O  OD1 . ASP A 1 87  ? 18.580  -8.887  6.770   1.00 29.97 ? 87  ASP A OD1 1 
ATOM   615  O  OD2 . ASP A 1 87  ? 18.529  -7.375  5.180   1.00 30.04 ? 87  ASP A OD2 1 
ATOM   616  N  N   . PRO A 1 88  ? 17.291  -4.770  7.101   1.00 26.87 ? 88  PRO A N   1 
ATOM   617  C  CA  . PRO A 1 88  ? 17.532  -3.414  6.598   1.00 26.52 ? 88  PRO A CA  1 
ATOM   618  C  C   . PRO A 1 88  ? 17.507  -3.283  5.075   1.00 26.39 ? 88  PRO A C   1 
ATOM   619  O  O   . PRO A 1 88  ? 17.033  -2.279  4.538   1.00 26.50 ? 88  PRO A O   1 
ATOM   620  C  CB  . PRO A 1 88  ? 18.895  -3.069  7.190   1.00 27.37 ? 88  PRO A CB  1 
ATOM   621  C  CG  . PRO A 1 88  ? 18.851  -3.773  8.509   1.00 28.89 ? 88  PRO A CG  1 
ATOM   622  C  CD  . PRO A 1 88  ? 18.280  -5.126  8.135   1.00 27.23 ? 88  PRO A CD  1 
ATOM   623  N  N   . ASN A 1 89  ? 18.028  -4.295  4.387   1.00 26.03 ? 89  ASN A N   1 
ATOM   624  C  CA  . ASN A 1 89  ? 18.064  -4.298  2.927   1.00 25.51 ? 89  ASN A CA  1 
ATOM   625  C  C   . ASN A 1 89  ? 16.752  -4.873  2.400   1.00 24.91 ? 89  ASN A C   1 
ATOM   626  O  O   . ASN A 1 89  ? 16.463  -6.056  2.583   1.00 23.13 ? 89  ASN A O   1 
ATOM   627  C  CB  . ASN A 1 89  ? 19.252  -5.140  2.436   1.00 27.99 ? 89  ASN A CB  1 
ATOM   628  C  CG  . ASN A 1 89  ? 19.285  -5.291  0.924   1.00 29.79 ? 89  ASN A CG  1 
ATOM   629  O  OD1 . ASN A 1 89  ? 18.514  -4.660  0.203   1.00 31.12 ? 89  ASN A OD1 1 
ATOM   630  N  ND2 . ASN A 1 89  ? 20.194  -6.133  0.438   1.00 30.55 ? 89  ASN A ND2 1 
ATOM   631  N  N   . PRO A 1 90  ? 15.939  -4.034  1.737   1.00 25.01 ? 90  PRO A N   1 
ATOM   632  C  CA  . PRO A 1 90  ? 14.647  -4.457  1.184   1.00 25.11 ? 90  PRO A CA  1 
ATOM   633  C  C   . PRO A 1 90  ? 14.726  -5.563  0.138   1.00 25.01 ? 90  PRO A C   1 
ATOM   634  O  O   . PRO A 1 90  ? 13.723  -6.210  -0.166  1.00 24.13 ? 90  PRO A O   1 
ATOM   635  C  CB  . PRO A 1 90  ? 14.068  -3.159  0.624   1.00 25.63 ? 90  PRO A CB  1 
ATOM   636  C  CG  . PRO A 1 90  ? 15.291  -2.393  0.230   1.00 27.84 ? 90  PRO A CG  1 
ATOM   637  C  CD  . PRO A 1 90  ? 16.218  -2.630  1.393   1.00 24.38 ? 90  PRO A CD  1 
ATOM   638  N  N   . GLU A 1 91  ? 15.917  -5.788  -0.409  1.00 24.93 ? 91  GLU A N   1 
ATOM   639  C  CA  . GLU A 1 91  ? 16.090  -6.828  -1.415  1.00 25.46 ? 91  GLU A CA  1 
ATOM   640  C  C   . GLU A 1 91  ? 16.136  -8.222  -0.796  1.00 25.12 ? 91  GLU A C   1 
ATOM   641  O  O   . GLU A 1 91  ? 16.025  -9.223  -1.502  1.00 25.51 ? 91  GLU A O   1 
ATOM   642  C  CB  . GLU A 1 91  ? 17.356  -6.573  -2.233  1.00 28.74 ? 91  GLU A CB  1 
ATOM   643  C  CG  . GLU A 1 91  ? 17.332  -5.252  -2.984  1.00 34.71 ? 91  GLU A CG  1 
ATOM   644  C  CD  . GLU A 1 91  ? 18.478  -5.117  -3.964  1.00 40.04 ? 91  GLU A CD  1 
ATOM   645  O  OE1 . GLU A 1 91  ? 19.639  -5.334  -3.557  1.00 42.42 ? 91  GLU A OE1 1 
ATOM   646  O  OE2 . GLU A 1 91  ? 18.217  -4.790  -5.141  1.00 41.95 ? 91  GLU A OE2 1 
ATOM   647  N  N   . LYS A 1 92  ? 16.305  -8.295  0.519   1.00 24.47 ? 92  LYS A N   1 
ATOM   648  C  CA  . LYS A 1 92  ? 16.330  -9.593  1.179   1.00 25.95 ? 92  LYS A CA  1 
ATOM   649  C  C   . LYS A 1 92  ? 14.886  -10.079 1.309   1.00 24.44 ? 92  LYS A C   1 
ATOM   650  O  O   . LYS A 1 92  ? 14.039  -9.377  1.863   1.00 23.33 ? 92  LYS A O   1 
ATOM   651  C  CB  . LYS A 1 92  ? 16.988  -9.498  2.559   1.00 28.13 ? 92  LYS A CB  1 
ATOM   652  C  CG  . LYS A 1 92  ? 17.050  -10.841 3.278   1.00 32.05 ? 92  LYS A CG  1 
ATOM   653  C  CD  . LYS A 1 92  ? 17.518  -11.937 2.323   1.00 35.00 ? 92  LYS A CD  1 
ATOM   654  C  CE  . LYS A 1 92  ? 16.849  -13.268 2.630   1.00 36.13 ? 92  LYS A CE  1 
ATOM   655  N  NZ  . LYS A 1 92  ? 16.937  -14.212 1.473   1.00 37.16 ? 92  LYS A NZ  1 
ATOM   656  N  N   . THR A 1 93  ? 14.608  -11.276 0.795   1.00 22.78 ? 93  THR A N   1 
ATOM   657  C  CA  . THR A 1 93  ? 13.251  -11.823 0.824   1.00 23.02 ? 93  THR A CA  1 
ATOM   658  C  C   . THR A 1 93  ? 12.976  -12.864 1.914   1.00 22.70 ? 93  THR A C   1 
ATOM   659  O  O   . THR A 1 93  ? 13.879  -13.569 2.369   1.00 22.45 ? 93  THR A O   1 
ATOM   660  C  CB  . THR A 1 93  ? 12.887  -12.443 -0.541  1.00 23.36 ? 93  THR A CB  1 
ATOM   661  O  OG1 . THR A 1 93  ? 13.827  -13.475 -0.866  1.00 24.41 ? 93  THR A OG1 1 
ATOM   662  C  CG2 . THR A 1 93  ? 12.916  -11.375 -1.637  1.00 23.71 ? 93  THR A CG2 1 
ATOM   663  N  N   . PHE A 1 94  ? 11.708  -12.953 2.312   1.00 20.01 ? 94  PHE A N   1 
ATOM   664  C  CA  . PHE A 1 94  ? 11.257  -13.882 3.349   1.00 19.29 ? 94  PHE A CA  1 
ATOM   665  C  C   . PHE A 1 94  ? 9.880   -14.402 2.965   1.00 17.42 ? 94  PHE A C   1 
ATOM   666  O  O   . PHE A 1 94  ? 9.297   -13.957 1.979   1.00 16.52 ? 94  PHE A O   1 
ATOM   667  C  CB  . PHE A 1 94  ? 11.104  -13.161 4.692   1.00 21.93 ? 94  PHE A CB  1 
ATOM   668  C  CG  . PHE A 1 94  ? 12.370  -12.551 5.220   1.00 23.90 ? 94  PHE A CG  1 
ATOM   669  C  CD1 . PHE A 1 94  ? 13.337  -13.337 5.838   1.00 26.33 ? 94  PHE A CD1 1 
ATOM   670  C  CD2 . PHE A 1 94  ? 12.588  -11.181 5.117   1.00 25.07 ? 94  PHE A CD2 1 
ATOM   671  C  CE1 . PHE A 1 94  ? 14.506  -12.766 6.354   1.00 25.67 ? 94  PHE A CE1 1 
ATOM   672  C  CE2 . PHE A 1 94  ? 13.751  -10.601 5.628   1.00 27.19 ? 94  PHE A CE2 1 
ATOM   673  C  CZ  . PHE A 1 94  ? 14.711  -11.398 6.248   1.00 25.48 ? 94  PHE A CZ  1 
ATOM   674  N  N   . THR A 1 95  ? 9.359   -15.337 3.755   1.00 17.26 ? 95  THR A N   1 
ATOM   675  C  CA  . THR A 1 95  ? 8.015   -15.838 3.514   1.00 16.26 ? 95  THR A CA  1 
ATOM   676  C  C   . THR A 1 95  ? 7.107   -14.727 4.045   1.00 15.03 ? 95  THR A C   1 
ATOM   677  O  O   . THR A 1 95  ? 7.601   -13.734 4.592   1.00 15.28 ? 95  THR A O   1 
ATOM   678  C  CB  . THR A 1 95  ? 7.734   -17.145 4.284   1.00 16.90 ? 95  THR A CB  1 
ATOM   679  O  OG1 . THR A 1 95  ? 8.038   -16.963 5.671   1.00 17.65 ? 95  THR A OG1 1 
ATOM   680  C  CG2 . THR A 1 95  ? 8.571   -18.287 3.719   1.00 19.02 ? 95  THR A CG2 1 
ATOM   681  N  N   . ARG A 1 96  ? 5.796   -14.903 3.885   1.00 13.28 ? 96  ARG A N   1 
ATOM   682  C  CA  . ARG A 1 96  ? 4.780   -13.930 4.303   1.00 11.20 ? 96  ARG A CA  1 
ATOM   683  C  C   . ARG A 1 96  ? 4.598   -12.846 3.227   1.00 11.43 ? 96  ARG A C   1 
ATOM   684  O  O   . ARG A 1 96  ? 4.802   -13.126 2.047   1.00 11.07 ? 96  ARG A O   1 
ATOM   685  C  CB  . ARG A 1 96  ? 5.119   -13.326 5.677   1.00 10.48 ? 96  ARG A CB  1 
ATOM   686  C  CG  . ARG A 1 96  ? 5.119   -14.373 6.806   1.00 11.84 ? 96  ARG A CG  1 
ATOM   687  C  CD  . ARG A 1 96  ? 5.541   -13.785 8.155   1.00 13.81 ? 96  ARG A CD  1 
ATOM   688  N  NE  . ARG A 1 96  ? 5.759   -14.833 9.151   1.00 13.45 ? 96  ARG A NE  1 
ATOM   689  C  CZ  . ARG A 1 96  ? 6.298   -14.636 10.351  1.00 17.90 ? 96  ARG A CZ  1 
ATOM   690  N  NH1 . ARG A 1 96  ? 6.684   -13.420 10.726  1.00 15.82 ? 96  ARG A NH1 1 
ATOM   691  N  NH2 . ARG A 1 96  ? 6.459   -15.666 11.179  1.00 16.21 ? 96  ARG A NH2 1 
ATOM   692  N  N   . ALA A 1 97  ? 4.227   -11.624 3.610   1.00 9.94  ? 97  ALA A N   1 
ATOM   693  C  CA  . ALA A 1 97  ? 3.969   -10.561 2.624   1.00 12.14 ? 97  ALA A CA  1 
ATOM   694  C  C   . ALA A 1 97  ? 5.104   -10.289 1.640   1.00 13.03 ? 97  ALA A C   1 
ATOM   695  O  O   . ALA A 1 97  ? 6.244   -10.059 2.036   1.00 14.72 ? 97  ALA A O   1 
ATOM   696  C  CB  . ALA A 1 97  ? 3.571   -9.260  3.335   1.00 11.54 ? 97  ALA A CB  1 
ATOM   697  N  N   . TYR A 1 98  ? 4.763   -10.302 0.353   1.00 12.79 ? 98  TYR A N   1 
ATOM   698  C  CA  . TYR A 1 98  ? 5.713   -10.084 -0.741  1.00 13.65 ? 98  TYR A CA  1 
ATOM   699  C  C   . TYR A 1 98  ? 5.523   -8.682  -1.326  1.00 12.83 ? 98  TYR A C   1 
ATOM   700  O  O   . TYR A 1 98  ? 6.433   -7.862  -1.279  1.00 12.50 ? 98  TYR A O   1 
ATOM   701  C  CB  . TYR A 1 98  ? 5.490   -11.181 -1.788  1.00 16.49 ? 98  TYR A CB  1 
ATOM   702  C  CG  . TYR A 1 98  ? 6.278   -11.095 -3.078  1.00 20.63 ? 98  TYR A CG  1 
ATOM   703  C  CD1 . TYR A 1 98  ? 7.414   -10.295 -3.197  1.00 21.63 ? 98  TYR A CD1 1 
ATOM   704  C  CD2 . TYR A 1 98  ? 5.888   -11.855 -4.183  1.00 21.60 ? 98  TYR A CD2 1 
ATOM   705  C  CE1 . TYR A 1 98  ? 8.139   -10.252 -4.391  1.00 23.51 ? 98  TYR A CE1 1 
ATOM   706  C  CE2 . TYR A 1 98  ? 6.605   -11.823 -5.371  1.00 23.29 ? 98  TYR A CE2 1 
ATOM   707  C  CZ  . TYR A 1 98  ? 7.728   -11.021 -5.468  1.00 24.16 ? 98  TYR A CZ  1 
ATOM   708  O  OH  . TYR A 1 98  ? 8.438   -10.999 -6.645  1.00 26.95 ? 98  TYR A OH  1 
ATOM   709  N  N   . HIS A 1 99  ? 4.352   -8.406  -1.889  1.00 11.06 ? 99  HIS A N   1 
ATOM   710  C  CA  . HIS A 1 99  ? 4.088   -7.068  -2.405  1.00 10.21 ? 99  HIS A CA  1 
ATOM   711  C  C   . HIS A 1 99  ? 2.607   -6.756  -2.477  1.00 9.97  ? 99  HIS A C   1 
ATOM   712  O  O   . HIS A 1 99  ? 1.760   -7.643  -2.370  1.00 9.40  ? 99  HIS A O   1 
ATOM   713  C  CB  . HIS A 1 99  ? 4.752   -6.828  -3.778  1.00 8.51  ? 99  HIS A CB  1 
ATOM   714  C  CG  . HIS A 1 99  ? 4.208   -7.663  -4.897  1.00 8.98  ? 99  HIS A CG  1 
ATOM   715  N  ND1 . HIS A 1 99  ? 4.667   -8.933  -5.172  1.00 10.86 ? 99  HIS A ND1 1 
ATOM   716  C  CD2 . HIS A 1 99  ? 3.297   -7.378  -5.860  1.00 9.29  ? 99  HIS A CD2 1 
ATOM   717  C  CE1 . HIS A 1 99  ? 4.070   -9.391  -6.258  1.00 12.17 ? 99  HIS A CE1 1 
ATOM   718  N  NE2 . HIS A 1 99  ? 3.234   -8.468  -6.695  1.00 11.92 ? 99  HIS A NE2 1 
ATOM   719  N  N   . LEU A 1 100 ? 2.308   -5.473  -2.620  1.00 10.19 ? 100 LEU A N   1 
ATOM   720  C  CA  . LEU A 1 100 ? 0.940   -4.988  -2.713  1.00 10.26 ? 100 LEU A CA  1 
ATOM   721  C  C   . LEU A 1 100 ? 0.866   -4.257  -4.049  1.00 11.11 ? 100 LEU A C   1 
ATOM   722  O  O   . LEU A 1 100 ? 1.678   -3.371  -4.318  1.00 12.20 ? 100 LEU A O   1 
ATOM   723  C  CB  . LEU A 1 100 ? 0.643   -4.019  -1.561  1.00 10.14 ? 100 LEU A CB  1 
ATOM   724  C  CG  . LEU A 1 100 ? -0.673  -3.241  -1.659  1.00 11.68 ? 100 LEU A CG  1 
ATOM   725  C  CD1 . LEU A 1 100 ? -1.856  -4.209  -1.660  1.00 13.06 ? 100 LEU A CD1 1 
ATOM   726  C  CD2 . LEU A 1 100 ? -0.774  -2.274  -0.489  1.00 14.21 ? 100 LEU A CD2 1 
ATOM   727  N  N   . ALA A 1 101 ? -0.095  -4.624  -4.886  1.00 10.77 ? 101 ALA A N   1 
ATOM   728  C  CA  . ALA A 1 101 ? -0.215  -4.003  -6.196  1.00 11.50 ? 101 ALA A CA  1 
ATOM   729  C  C   . ALA A 1 101 ? -1.494  -3.211  -6.392  1.00 11.45 ? 101 ALA A C   1 
ATOM   730  O  O   . ALA A 1 101 ? -2.589  -3.665  -6.052  1.00 11.92 ? 101 ALA A O   1 
ATOM   731  C  CB  . ALA A 1 101 ? -0.086  -5.070  -7.288  1.00 12.23 ? 101 ALA A CB  1 
ATOM   732  N  N   . PHE A 1 102 ? -1.329  -2.016  -6.950  1.00 8.53  ? 102 PHE A N   1 
ATOM   733  C  CA  . PHE A 1 102 ? -2.427  -1.100  -7.242  1.00 10.00 ? 102 PHE A CA  1 
ATOM   734  C  C   . PHE A 1 102 ? -2.654  -1.060  -8.744  1.00 11.78 ? 102 PHE A C   1 
ATOM   735  O  O   . PHE A 1 102 ? -1.705  -1.105  -9.524  1.00 12.02 ? 102 PHE A O   1 
ATOM   736  C  CB  . PHE A 1 102 ? -2.078  0.311   -6.766  1.00 9.41  ? 102 PHE A CB  1 
ATOM   737  C  CG  . PHE A 1 102 ? -2.004  0.448   -5.275  1.00 8.54  ? 102 PHE A CG  1 
ATOM   738  C  CD1 . PHE A 1 102 ? -3.159  0.643   -4.526  1.00 9.97  ? 102 PHE A CD1 1 
ATOM   739  C  CD2 . PHE A 1 102 ? -0.779  0.385   -4.621  1.00 8.60  ? 102 PHE A CD2 1 
ATOM   740  C  CE1 . PHE A 1 102 ? -3.092  0.780   -3.140  1.00 8.45  ? 102 PHE A CE1 1 
ATOM   741  C  CE2 . PHE A 1 102 ? -0.703  0.517   -3.240  1.00 8.91  ? 102 PHE A CE2 1 
ATOM   742  C  CZ  . PHE A 1 102 ? -1.864  0.715   -2.498  1.00 7.41  ? 102 PHE A CZ  1 
ATOM   743  N  N   . ASP A 1 103 ? -3.915  -0.959  -9.141  1.00 12.57 ? 103 ASP A N   1 
ATOM   744  C  CA  . ASP A 1 103 ? -4.279  -0.899  -10.545 1.00 13.91 ? 103 ASP A CA  1 
ATOM   745  C  C   . ASP A 1 103 ? -4.420  0.569   -10.921 1.00 13.69 ? 103 ASP A C   1 
ATOM   746  O  O   . ASP A 1 103 ? -4.854  1.382   -10.104 1.00 14.29 ? 103 ASP A O   1 
ATOM   747  C  CB  . ASP A 1 103 ? -5.612  -1.619  -10.768 1.00 15.86 ? 103 ASP A CB  1 
ATOM   748  C  CG  . ASP A 1 103 ? -6.025  -1.651  -12.224 1.00 17.73 ? 103 ASP A CG  1 
ATOM   749  O  OD1 . ASP A 1 103 ? -5.246  -2.156  -13.053 1.00 20.77 ? 103 ASP A OD1 1 
ATOM   750  O  OD2 . ASP A 1 103 ? -7.132  -1.173  -12.540 1.00 20.11 ? 103 ASP A OD2 1 
ATOM   751  N  N   . ILE A 1 104 ? -4.043  0.905   -12.150 1.00 14.78 ? 104 ILE A N   1 
ATOM   752  C  CA  . ILE A 1 104 ? -4.151  2.276   -12.636 1.00 16.35 ? 104 ILE A CA  1 
ATOM   753  C  C   . ILE A 1 104 ? -4.597  2.242   -14.097 1.00 18.55 ? 104 ILE A C   1 
ATOM   754  O  O   . ILE A 1 104 ? -4.286  1.295   -14.819 1.00 20.05 ? 104 ILE A O   1 
ATOM   755  C  CB  . ILE A 1 104 ? -2.792  3.028   -12.506 1.00 16.32 ? 104 ILE A CB  1 
ATOM   756  C  CG1 . ILE A 1 104 ? -2.968  4.503   -12.870 1.00 16.68 ? 104 ILE A CG1 1 
ATOM   757  C  CG2 . ILE A 1 104 ? -1.738  2.381   -13.399 1.00 16.49 ? 104 ILE A CG2 1 
ATOM   758  C  CD1 . ILE A 1 104 ? -1.738  5.345   -12.574 1.00 16.78 ? 104 ILE A CD1 1 
ATOM   759  N  N   . ASP A 1 105 ? -5.351  3.256   -14.513 1.00 20.30 ? 105 ASP A N   1 
ATOM   760  C  CA  . ASP A 1 105 ? -5.831  3.356   -15.894 1.00 23.35 ? 105 ASP A CA  1 
ATOM   761  C  C   . ASP A 1 105 ? -4.617  3.213   -16.807 1.00 22.60 ? 105 ASP A C   1 
ATOM   762  O  O   . ASP A 1 105 ? -3.585  3.840   -16.574 1.00 22.79 ? 105 ASP A O   1 
ATOM   763  C  CB  . ASP A 1 105 ? -6.491  4.721   -16.120 1.00 26.39 ? 105 ASP A CB  1 
ATOM   764  C  CG  . ASP A 1 105 ? -7.113  4.861   -17.505 1.00 31.81 ? 105 ASP A CG  1 
ATOM   765  O  OD1 . ASP A 1 105 ? -6.493  4.432   -18.504 1.00 30.99 ? 105 ASP A OD1 1 
ATOM   766  O  OD2 . ASP A 1 105 ? -8.227  5.419   -17.598 1.00 36.73 ? 105 ASP A OD2 1 
ATOM   767  N  N   . PRO A 1 106 ? -4.716  2.382   -17.853 1.00 22.85 ? 106 PRO A N   1 
ATOM   768  C  CA  . PRO A 1 106 ? -3.582  2.205   -18.760 1.00 23.41 ? 106 PRO A CA  1 
ATOM   769  C  C   . PRO A 1 106 ? -3.035  3.528   -19.287 1.00 23.14 ? 106 PRO A C   1 
ATOM   770  O  O   . PRO A 1 106 ? -1.839  3.656   -19.529 1.00 23.11 ? 106 PRO A O   1 
ATOM   771  C  CB  . PRO A 1 106 ? -4.167  1.341   -19.875 1.00 24.86 ? 106 PRO A CB  1 
ATOM   772  C  CG  . PRO A 1 106 ? -5.179  0.516   -19.149 1.00 24.92 ? 106 PRO A CG  1 
ATOM   773  C  CD  . PRO A 1 106 ? -5.848  1.531   -18.261 1.00 24.08 ? 106 PRO A CD  1 
ATOM   774  N  N   . GLN A 1 107 ? -3.914  4.513   -19.453 1.00 23.42 ? 107 GLN A N   1 
ATOM   775  C  CA  . GLN A 1 107 ? -3.507  5.817   -19.974 1.00 24.98 ? 107 GLN A CA  1 
ATOM   776  C  C   . GLN A 1 107 ? -2.782  6.698   -18.959 1.00 23.20 ? 107 GLN A C   1 
ATOM   777  O  O   . GLN A 1 107 ? -2.295  7.776   -19.304 1.00 23.62 ? 107 GLN A O   1 
ATOM   778  C  CB  . GLN A 1 107 ? -4.721  6.561   -20.533 1.00 27.67 ? 107 GLN A CB  1 
ATOM   779  C  CG  . GLN A 1 107 ? -5.385  5.818   -21.681 1.00 34.69 ? 107 GLN A CG  1 
ATOM   780  C  CD  . GLN A 1 107 ? -4.397  5.435   -22.775 1.00 39.07 ? 107 GLN A CD  1 
ATOM   781  O  OE1 . GLN A 1 107 ? -4.485  4.350   -23.355 1.00 41.29 ? 107 GLN A OE1 1 
ATOM   782  N  NE2 . GLN A 1 107 ? -3.454  6.329   -23.064 1.00 41.07 ? 107 GLN A NE2 1 
ATOM   783  N  N   . LEU A 1 108 ? -2.706  6.237   -17.713 1.00 20.00 ? 108 LEU A N   1 
ATOM   784  C  CA  . LEU A 1 108 ? -2.022  6.982   -16.663 1.00 17.79 ? 108 LEU A CA  1 
ATOM   785  C  C   . LEU A 1 108 ? -0.783  6.251   -16.151 1.00 14.79 ? 108 LEU A C   1 
ATOM   786  O  O   . LEU A 1 108 ? -0.106  6.737   -15.253 1.00 15.22 ? 108 LEU A O   1 
ATOM   787  C  CB  . LEU A 1 108 ? -2.967  7.246   -15.485 1.00 18.39 ? 108 LEU A CB  1 
ATOM   788  C  CG  . LEU A 1 108 ? -4.129  8.212   -15.731 1.00 22.78 ? 108 LEU A CG  1 
ATOM   789  C  CD1 . LEU A 1 108 ? -4.947  8.369   -14.460 1.00 23.90 ? 108 LEU A CD1 1 
ATOM   790  C  CD2 . LEU A 1 108 ? -3.582  9.556   -16.176 1.00 23.58 ? 108 LEU A CD2 1 
ATOM   791  N  N   . PHE A 1 109 ? -0.485  5.086   -16.718 1.00 13.89 ? 109 PHE A N   1 
ATOM   792  C  CA  . PHE A 1 109 ? 0.679   4.321   -16.277 1.00 12.68 ? 109 PHE A CA  1 
ATOM   793  C  C   . PHE A 1 109 ? 1.976   5.098   -16.449 1.00 13.76 ? 109 PHE A C   1 
ATOM   794  O  O   . PHE A 1 109 ? 2.809   5.145   -15.540 1.00 12.75 ? 109 PHE A O   1 
ATOM   795  C  CB  . PHE A 1 109 ? 0.788   3.000   -17.043 1.00 14.87 ? 109 PHE A CB  1 
ATOM   796  C  CG  . PHE A 1 109 ? 1.949   2.151   -16.608 1.00 15.56 ? 109 PHE A CG  1 
ATOM   797  C  CD1 . PHE A 1 109 ? 1.869   1.382   -15.452 1.00 16.19 ? 109 PHE A CD1 1 
ATOM   798  C  CD2 . PHE A 1 109 ? 3.142   2.158   -17.328 1.00 14.86 ? 109 PHE A CD2 1 
ATOM   799  C  CE1 . PHE A 1 109 ? 2.964   0.628   -15.014 1.00 15.84 ? 109 PHE A CE1 1 
ATOM   800  C  CE2 . PHE A 1 109 ? 4.241   1.413   -16.902 1.00 16.80 ? 109 PHE A CE2 1 
ATOM   801  C  CZ  . PHE A 1 109 ? 4.153   0.647   -15.743 1.00 17.71 ? 109 PHE A CZ  1 
ATOM   802  N  N   . ASP A 1 110 ? 2.157   5.697   -17.620 1.00 14.49 ? 110 ASP A N   1 
ATOM   803  C  CA  . ASP A 1 110 ? 3.371   6.469   -17.879 1.00 14.28 ? 110 ASP A CA  1 
ATOM   804  C  C   . ASP A 1 110 ? 3.521   7.608   -16.867 1.00 13.76 ? 110 ASP A C   1 
ATOM   805  O  O   . ASP A 1 110 ? 4.619   7.850   -16.357 1.00 14.01 ? 110 ASP A O   1 
ATOM   806  C  CB  . ASP A 1 110 ? 3.354   7.009   -19.311 1.00 14.08 ? 110 ASP A CB  1 
ATOM   807  C  CG  . ASP A 1 110 ? 3.370   5.896   -20.350 1.00 16.23 ? 110 ASP A CG  1 
ATOM   808  O  OD1 . ASP A 1 110 ? 4.216   4.986   -20.230 1.00 18.91 ? 110 ASP A OD1 1 
ATOM   809  O  OD2 . ASP A 1 110 ? 2.542   5.934   -21.291 1.00 20.35 ? 110 ASP A OD2 1 
ATOM   810  N  N   . ARG A 1 111 ? 2.424   8.295   -16.566 1.00 14.47 ? 111 ARG A N   1 
ATOM   811  C  CA  . ARG A 1 111 ? 2.469   9.385   -15.600 1.00 15.54 ? 111 ARG A CA  1 
ATOM   812  C  C   . ARG A 1 111 ? 2.956   8.869   -14.253 1.00 13.83 ? 111 ARG A C   1 
ATOM   813  O  O   . ARG A 1 111 ? 3.738   9.527   -13.581 1.00 13.26 ? 111 ARG A O   1 
ATOM   814  C  CB  . ARG A 1 111 ? 1.087   10.031  -15.443 1.00 19.80 ? 111 ARG A CB  1 
ATOM   815  C  CG  . ARG A 1 111 ? 0.994   11.036  -14.294 1.00 27.57 ? 111 ARG A CG  1 
ATOM   816  C  CD  . ARG A 1 111 ? 2.145   12.033  -14.317 1.00 33.41 ? 111 ARG A CD  1 
ATOM   817  N  NE  . ARG A 1 111 ? 2.138   12.863  -15.519 1.00 39.88 ? 111 ARG A NE  1 
ATOM   818  C  CZ  . ARG A 1 111 ? 1.405   13.963  -15.665 1.00 41.59 ? 111 ARG A CZ  1 
ATOM   819  N  NH1 . ARG A 1 111 ? 0.618   14.374  -14.677 1.00 42.37 ? 111 ARG A NH1 1 
ATOM   820  N  NH2 . ARG A 1 111 ? 1.449   14.648  -16.800 1.00 41.47 ? 111 ARG A NH2 1 
ATOM   821  N  N   . ALA A 1 112 ? 2.490   7.684   -13.863 1.00 14.26 ? 112 ALA A N   1 
ATOM   822  C  CA  . ALA A 1 112 ? 2.896   7.089   -12.593 1.00 14.53 ? 112 ALA A CA  1 
ATOM   823  C  C   . ALA A 1 112 ? 4.401   6.855   -12.572 1.00 14.87 ? 112 ALA A C   1 
ATOM   824  O  O   . ALA A 1 112 ? 5.074   7.150   -11.583 1.00 14.04 ? 112 ALA A O   1 
ATOM   825  C  CB  . ALA A 1 112 ? 2.156   5.769   -12.365 1.00 14.72 ? 112 ALA A CB  1 
ATOM   826  N  N   . VAL A 1 113 ? 4.933   6.327   -13.669 1.00 14.77 ? 113 VAL A N   1 
ATOM   827  C  CA  . VAL A 1 113 ? 6.369   6.072   -13.757 1.00 14.22 ? 113 VAL A CA  1 
ATOM   828  C  C   . VAL A 1 113 ? 7.119   7.402   -13.629 1.00 13.01 ? 113 VAL A C   1 
ATOM   829  O  O   . VAL A 1 113 ? 8.132   7.491   -12.934 1.00 13.48 ? 113 VAL A O   1 
ATOM   830  C  CB  . VAL A 1 113 ? 6.731   5.387   -15.107 1.00 14.57 ? 113 VAL A CB  1 
ATOM   831  C  CG1 . VAL A 1 113 ? 8.229   5.298   -15.273 1.00 14.93 ? 113 VAL A CG1 1 
ATOM   832  C  CG2 . VAL A 1 113 ? 6.120   3.993   -15.153 1.00 15.69 ? 113 VAL A CG2 1 
ATOM   833  N  N   . THR A 1 114 ? 6.607   8.434   -14.289 1.00 14.18 ? 114 THR A N   1 
ATOM   834  C  CA  . THR A 1 114 ? 7.233   9.754   -14.242 1.00 14.93 ? 114 THR A CA  1 
ATOM   835  C  C   . THR A 1 114 ? 7.155   10.335  -12.824 1.00 15.14 ? 114 THR A C   1 
ATOM   836  O  O   . THR A 1 114 ? 8.101   10.957  -12.349 1.00 16.54 ? 114 THR A O   1 
ATOM   837  C  CB  . THR A 1 114 ? 6.555   10.715  -15.243 1.00 17.79 ? 114 THR A CB  1 
ATOM   838  O  OG1 . THR A 1 114 ? 6.659   10.167  -16.568 1.00 20.31 ? 114 THR A OG1 1 
ATOM   839  C  CG2 . THR A 1 114 ? 7.222   12.082  -15.213 1.00 18.22 ? 114 THR A CG2 1 
ATOM   840  N  N   . VAL A 1 115 ? 6.026   10.124  -12.153 1.00 14.11 ? 115 VAL A N   1 
ATOM   841  C  CA  . VAL A 1 115 ? 5.842   10.611  -10.783 1.00 13.37 ? 115 VAL A CA  1 
ATOM   842  C  C   . VAL A 1 115 ? 6.887   9.977   -9.874  1.00 14.50 ? 115 VAL A C   1 
ATOM   843  O  O   . VAL A 1 115 ? 7.508   10.654  -9.057  1.00 12.87 ? 115 VAL A O   1 
ATOM   844  C  CB  . VAL A 1 115 ? 4.421   10.272  -10.268 1.00 14.13 ? 115 VAL A CB  1 
ATOM   845  C  CG1 . VAL A 1 115 ? 4.352   10.406  -8.745  1.00 13.09 ? 115 VAL A CG1 1 
ATOM   846  C  CG2 . VAL A 1 115 ? 3.411   11.201  -10.931 1.00 13.02 ? 115 VAL A CG2 1 
ATOM   847  N  N   . ILE A 1 116 ? 7.084   8.669   -10.019 1.00 16.35 ? 116 ILE A N   1 
ATOM   848  C  CA  . ILE A 1 116 ? 8.070   7.955   -9.214  1.00 17.98 ? 116 ILE A CA  1 
ATOM   849  C  C   . ILE A 1 116 ? 9.457   8.557   -9.446  1.00 17.84 ? 116 ILE A C   1 
ATOM   850  O  O   . ILE A 1 116 ? 10.241  8.732   -8.507  1.00 17.28 ? 116 ILE A O   1 
ATOM   851  C  CB  . ILE A 1 116 ? 8.101   6.460   -9.590  1.00 18.95 ? 116 ILE A CB  1 
ATOM   852  C  CG1 . ILE A 1 116 ? 6.778   5.802   -9.186  1.00 23.04 ? 116 ILE A CG1 1 
ATOM   853  C  CG2 . ILE A 1 116 ? 9.288   5.777   -8.925  1.00 19.30 ? 116 ILE A CG2 1 
ATOM   854  C  CD1 . ILE A 1 116 ? 6.600   4.396   -9.737  1.00 25.34 ? 116 ILE A CD1 1 
ATOM   855  N  N   . GLY A 1 117 ? 9.748   8.871   -10.703 1.00 18.95 ? 117 GLY A N   1 
ATOM   856  C  CA  . GLY A 1 117 ? 11.036  9.450   -11.046 1.00 19.31 ? 117 GLY A CA  1 
ATOM   857  C  C   . GLY A 1 117 ? 11.227  10.857  -10.502 1.00 19.60 ? 117 GLY A C   1 
ATOM   858  O  O   . GLY A 1 117 ? 12.262  11.163  -9.911  1.00 19.44 ? 117 GLY A O   1 
ATOM   859  N  N   . GLU A 1 118 ? 10.236  11.721  -10.700 1.00 19.28 ? 118 GLU A N   1 
ATOM   860  C  CA  . GLU A 1 118 ? 10.340  13.094  -10.219 1.00 19.70 ? 118 GLU A CA  1 
ATOM   861  C  C   . GLU A 1 118 ? 10.465  13.170  -8.705  1.00 20.14 ? 118 GLU A C   1 
ATOM   862  O  O   . GLU A 1 118 ? 11.025  14.131  -8.170  1.00 20.31 ? 118 GLU A O   1 
ATOM   863  C  CB  . GLU A 1 118 ? 9.139   13.920  -10.684 1.00 20.16 ? 118 GLU A CB  1 
ATOM   864  C  CG  . GLU A 1 118 ? 9.266   14.400  -12.116 1.00 24.00 ? 118 GLU A CG  1 
ATOM   865  C  CD  . GLU A 1 118 ? 8.133   15.304  -12.541 1.00 26.69 ? 118 GLU A CD  1 
ATOM   866  O  OE1 . GLU A 1 118 ? 7.739   16.182  -11.743 1.00 25.40 ? 118 GLU A OE1 1 
ATOM   867  O  OE2 . GLU A 1 118 ? 7.647   15.149  -13.680 1.00 29.49 ? 118 GLU A OE2 1 
ATOM   868  N  N   . ASN A 1 119 ? 9.952   12.157  -8.011  1.00 17.08 ? 119 ASN A N   1 
ATOM   869  C  CA  . ASN A 1 119 ? 10.024  12.130  -6.555  1.00 17.44 ? 119 ASN A CA  1 
ATOM   870  C  C   . ASN A 1 119 ? 11.213  11.317  -6.064  1.00 18.86 ? 119 ASN A C   1 
ATOM   871  O  O   . ASN A 1 119 ? 11.310  10.965  -4.887  1.00 17.05 ? 119 ASN A O   1 
ATOM   872  C  CB  . ASN A 1 119 ? 8.715   11.588  -5.981  1.00 15.10 ? 119 ASN A CB  1 
ATOM   873  C  CG  . ASN A 1 119 ? 7.624   12.636  -5.972  1.00 15.59 ? 119 ASN A CG  1 
ATOM   874  O  OD1 . ASN A 1 119 ? 7.586   13.497  -5.089  1.00 16.12 ? 119 ASN A OD1 1 
ATOM   875  N  ND2 . ASN A 1 119 ? 6.751   12.593  -6.968  1.00 14.17 ? 119 ASN A ND2 1 
ATOM   876  N  N   . LYS A 1 120 ? 12.114  11.024  -6.993  1.00 22.18 ? 120 LYS A N   1 
ATOM   877  C  CA  . LYS A 1 120 ? 13.331  10.281  -6.709  1.00 24.28 ? 120 LYS A CA  1 
ATOM   878  C  C   . LYS A 1 120 ? 13.138  8.985   -5.934  1.00 25.23 ? 120 LYS A C   1 
ATOM   879  O  O   . LYS A 1 120 ? 13.901  8.665   -5.019  1.00 25.54 ? 120 LYS A O   1 
ATOM   880  C  CB  . LYS A 1 120 ? 14.330  11.195  -5.991  1.00 27.00 ? 120 LYS A CB  1 
ATOM   881  C  CG  . LYS A 1 120 ? 14.688  12.433  -6.805  1.00 32.19 ? 120 LYS A CG  1 
ATOM   882  C  CD  . LYS A 1 120 ? 15.767  13.271  -6.132  1.00 35.97 ? 120 LYS A CD  1 
ATOM   883  C  CE  . LYS A 1 120 ? 16.130  14.479  -6.979  1.00 38.55 ? 120 LYS A CE  1 
ATOM   884  N  NZ  . LYS A 1 120 ? 14.961  15.373  -7.212  1.00 39.12 ? 120 LYS A NZ  1 
ATOM   885  N  N   . ILE A 1 121 ? 12.106  8.235   -6.305  1.00 24.61 ? 121 ILE A N   1 
ATOM   886  C  CA  . ILE A 1 121 ? 11.849  6.950   -5.673  1.00 25.14 ? 121 ILE A CA  1 
ATOM   887  C  C   . ILE A 1 121 ? 12.531  5.907   -6.562  1.00 26.22 ? 121 ILE A C   1 
ATOM   888  O  O   . ILE A 1 121 ? 12.256  5.825   -7.761  1.00 27.32 ? 121 ILE A O   1 
ATOM   889  C  CB  . ILE A 1 121 ? 10.336  6.655   -5.579  1.00 23.03 ? 121 ILE A CB  1 
ATOM   890  C  CG1 . ILE A 1 121 ? 9.680   7.618   -4.577  1.00 21.86 ? 121 ILE A CG1 1 
ATOM   891  C  CG2 . ILE A 1 121 ? 10.112  5.208   -5.161  1.00 23.44 ? 121 ILE A CG2 1 
ATOM   892  C  CD1 . ILE A 1 121 ? 8.168   7.497   -4.497  1.00 19.91 ? 121 ILE A CD1 1 
ATOM   893  N  N   . ALA A 1 122 ? 13.434  5.126   -5.977  1.00 27.93 ? 122 ALA A N   1 
ATOM   894  C  CA  . ALA A 1 122 ? 14.162  4.111   -6.729  1.00 29.97 ? 122 ALA A CA  1 
ATOM   895  C  C   . ALA A 1 122 ? 13.231  3.002   -7.205  1.00 30.87 ? 122 ALA A C   1 
ATOM   896  O  O   . ALA A 1 122 ? 12.370  2.537   -6.460  1.00 31.21 ? 122 ALA A O   1 
ATOM   897  C  CB  . ALA A 1 122 ? 15.279  3.523   -5.870  1.00 31.06 ? 122 ALA A CB  1 
ATOM   898  N  N   . ILE A 1 123 ? 13.402  2.591   -8.455  1.00 31.61 ? 123 ILE A N   1 
ATOM   899  C  CA  . ILE A 1 123 ? 12.581  1.534   -9.025  1.00 30.94 ? 123 ILE A CA  1 
ATOM   900  C  C   . ILE A 1 123 ? 13.278  0.190   -8.849  1.00 31.41 ? 123 ILE A C   1 
ATOM   901  O  O   . ILE A 1 123 ? 14.381  -0.017  -9.359  1.00 31.39 ? 123 ILE A O   1 
ATOM   902  C  CB  . ILE A 1 123 ? 12.311  1.798   -10.521 1.00 30.93 ? 123 ILE A CB  1 
ATOM   903  C  CG1 . ILE A 1 123 ? 11.430  3.043   -10.668 1.00 30.05 ? 123 ILE A CG1 1 
ATOM   904  C  CG2 . ILE A 1 123 ? 11.644  0.586   -11.161 1.00 30.37 ? 123 ILE A CG2 1 
ATOM   905  C  CD1 . ILE A 1 123 ? 11.096  3.406   -12.098 1.00 31.99 ? 123 ILE A CD1 1 
ATOM   906  N  N   . ALA A 1 124 ? 12.630  -0.709  -8.109  1.00 29.52 ? 124 ALA A N   1 
ATOM   907  C  CA  . ALA A 1 124 ? 13.161  -2.041  -7.845  1.00 28.52 ? 124 ALA A CA  1 
ATOM   908  C  C   . ALA A 1 124 ? 13.178  -2.892  -9.105  1.00 28.51 ? 124 ALA A C   1 
ATOM   909  O  O   . ALA A 1 124 ? 14.128  -3.630  -9.355  1.00 28.24 ? 124 ALA A O   1 
ATOM   910  C  CB  . ALA A 1 124 ? 12.335  -2.727  -6.772  1.00 27.41 ? 124 ALA A CB  1 
ATOM   911  N  N   . HIS A 1 125 ? 12.113  -2.801  -9.891  1.00 27.73 ? 125 HIS A N   1 
ATOM   912  C  CA  . HIS A 1 125 ? 12.027  -3.557  -11.133 1.00 27.33 ? 125 HIS A CA  1 
ATOM   913  C  C   . HIS A 1 125 ? 11.099  -2.869  -12.122 1.00 25.98 ? 125 HIS A C   1 
ATOM   914  O  O   . HIS A 1 125 ? 10.107  -2.251  -11.734 1.00 23.43 ? 125 HIS A O   1 
ATOM   915  C  CB  . HIS A 1 125 ? 11.531  -4.983  -10.870 1.00 31.34 ? 125 HIS A CB  1 
ATOM   916  C  CG  . HIS A 1 125 ? 11.400  -5.811  -12.110 1.00 35.25 ? 125 HIS A CG  1 
ATOM   917  N  ND1 . HIS A 1 125 ? 12.462  -6.057  -12.956 1.00 37.24 ? 125 HIS A ND1 1 
ATOM   918  C  CD2 . HIS A 1 125 ? 10.330  -6.435  -12.659 1.00 36.55 ? 125 HIS A CD2 1 
ATOM   919  C  CE1 . HIS A 1 125 ? 12.051  -6.796  -13.972 1.00 37.56 ? 125 HIS A CE1 1 
ATOM   920  N  NE2 . HIS A 1 125 ? 10.761  -7.040  -13.816 1.00 37.26 ? 125 HIS A NE2 1 
ATOM   921  N  N   . GLY A 1 126 ? 11.433  -2.982  -13.404 1.00 23.61 ? 126 GLY A N   1 
ATOM   922  C  CA  . GLY A 1 126 ? 10.617  -2.370  -14.434 1.00 24.04 ? 126 GLY A CA  1 
ATOM   923  C  C   . GLY A 1 126 ? 10.997  -0.924  -14.681 1.00 23.48 ? 126 GLY A C   1 
ATOM   924  O  O   . GLY A 1 126 ? 12.071  -0.488  -14.275 1.00 24.86 ? 126 GLY A O   1 
ATOM   925  N  N   . PRO A 1 127 ? 10.126  -0.147  -15.339 1.00 22.78 ? 127 PRO A N   1 
ATOM   926  C  CA  . PRO A 1 127 ? 8.824   -0.591  -15.844 1.00 23.16 ? 127 PRO A CA  1 
ATOM   927  C  C   . PRO A 1 127 ? 8.928   -1.652  -16.933 1.00 25.14 ? 127 PRO A C   1 
ATOM   928  O  O   . PRO A 1 127 ? 9.920   -1.715  -17.663 1.00 25.27 ? 127 PRO A O   1 
ATOM   929  C  CB  . PRO A 1 127 ? 8.189   0.703   -16.346 1.00 24.03 ? 127 PRO A CB  1 
ATOM   930  C  CG  . PRO A 1 127 ? 9.371   1.520   -16.756 1.00 23.61 ? 127 PRO A CG  1 
ATOM   931  C  CD  . PRO A 1 127 ? 10.344  1.279   -15.637 1.00 22.96 ? 127 PRO A CD  1 
ATOM   932  N  N   . VAL A 1 128 ? 7.905   -2.494  -17.025 1.00 25.24 ? 128 VAL A N   1 
ATOM   933  C  CA  . VAL A 1 128 ? 7.870   -3.548  -18.033 1.00 27.87 ? 128 VAL A CA  1 
ATOM   934  C  C   . VAL A 1 128 ? 6.554   -3.477  -18.793 1.00 28.29 ? 128 VAL A C   1 
ATOM   935  O  O   . VAL A 1 128 ? 5.518   -3.134  -18.226 1.00 27.45 ? 128 VAL A O   1 
ATOM   936  C  CB  . VAL A 1 128 ? 8.000   -4.947  -17.397 1.00 29.44 ? 128 VAL A CB  1 
ATOM   937  C  CG1 . VAL A 1 128 ? 9.375   -5.110  -16.777 1.00 29.95 ? 128 VAL A CG1 1 
ATOM   938  C  CG2 . VAL A 1 128 ? 6.925   -5.141  -16.344 1.00 30.94 ? 128 VAL A CG2 1 
ATOM   939  N  N   . THR A 1 129 ? 6.602   -3.791  -20.083 1.00 29.48 ? 129 THR A N   1 
ATOM   940  C  CA  . THR A 1 129 ? 5.411   -3.760  -20.920 1.00 31.91 ? 129 THR A CA  1 
ATOM   941  C  C   . THR A 1 129 ? 5.200   -5.118  -21.580 1.00 33.35 ? 129 THR A C   1 
ATOM   942  O  O   . THR A 1 129 ? 6.143   -5.719  -22.095 1.00 34.07 ? 129 THR A O   1 
ATOM   943  C  CB  . THR A 1 129 ? 5.529   -2.685  -22.024 1.00 32.12 ? 129 THR A CB  1 
ATOM   944  O  OG1 . THR A 1 129 ? 5.742   -1.402  -21.424 1.00 31.86 ? 129 THR A OG1 1 
ATOM   945  C  CG2 . THR A 1 129 ? 4.260   -2.637  -22.856 1.00 32.12 ? 129 THR A CG2 1 
ATOM   946  N  N   . ARG A 1 130 ? 3.960   -5.595  -21.552 1.00 35.11 ? 130 ARG A N   1 
ATOM   947  C  CA  . ARG A 1 130 ? 3.607   -6.879  -22.150 1.00 35.11 ? 130 ARG A CA  1 
ATOM   948  C  C   . ARG A 1 130 ? 2.187   -6.819  -22.696 1.00 34.92 ? 130 ARG A C   1 
ATOM   949  O  O   . ARG A 1 130 ? 1.470   -5.839  -22.481 1.00 34.56 ? 130 ARG A O   1 
ATOM   950  C  CB  . ARG A 1 130 ? 3.718   -7.999  -21.110 1.00 35.22 ? 130 ARG A CB  1 
ATOM   951  C  CG  . ARG A 1 130 ? 5.102   -8.124  -20.502 1.00 38.02 ? 130 ARG A CG  1 
ATOM   952  C  CD  . ARG A 1 130 ? 5.206   -9.293  -19.543 1.00 39.69 ? 130 ARG A CD  1 
ATOM   953  N  NE  . ARG A 1 130 ? 6.512   -9.312  -18.893 1.00 42.54 ? 130 ARG A NE  1 
ATOM   954  C  CZ  . ARG A 1 130 ? 6.912   -10.242 -18.032 1.00 43.91 ? 130 ARG A CZ  1 
ATOM   955  N  NH1 . ARG A 1 130 ? 6.106   -11.245 -17.709 1.00 44.80 ? 130 ARG A NH1 1 
ATOM   956  N  NH2 . ARG A 1 130 ? 8.119   -10.161 -17.487 1.00 44.00 ? 130 ARG A NH2 1 
ATOM   957  N  N   . THR A 1 132 ? -0.129  -8.175  -22.597 1.00 29.93 ? 132 THR A N   1 
ATOM   958  C  CA  . THR A 1 132 ? -1.030  -8.330  -21.462 1.00 32.73 ? 132 THR A CA  1 
ATOM   959  C  C   . THR A 1 132 ? -1.145  -7.030  -20.645 1.00 32.17 ? 132 THR A C   1 
ATOM   960  O  O   . THR A 1 132 ? -2.179  -6.369  -20.682 1.00 35.17 ? 132 THR A O   1 
ATOM   961  C  CB  . THR A 1 132 ? -0.572  -9.498  -20.544 1.00 31.95 ? 132 THR A CB  1 
ATOM   962  O  OG1 . THR A 1 132 ? 0.133   -8.989  -19.405 1.00 35.18 ? 132 THR A OG1 1 
ATOM   963  C  CG2 . THR A 1 132 ? 0.351   -10.424 -21.306 1.00 34.82 ? 132 THR A CG2 1 
ATOM   964  N  N   . GLY A 1 133 ? -0.095  -6.658  -19.918 1.00 29.69 ? 133 GLY A N   1 
ATOM   965  C  CA  . GLY A 1 133 ? -0.165  -5.437  -19.134 1.00 24.77 ? 133 GLY A CA  1 
ATOM   966  C  C   . GLY A 1 133 ? 1.189   -4.798  -18.909 1.00 22.83 ? 133 GLY A C   1 
ATOM   967  O  O   . GLY A 1 133 ? 2.188   -5.220  -19.484 1.00 22.99 ? 133 GLY A O   1 
ATOM   968  N  N   . ARG A 1 134 ? 1.220   -3.778  -18.057 1.00 19.48 ? 134 ARG A N   1 
ATOM   969  C  CA  . ARG A 1 134 ? 2.457   -3.074  -17.732 1.00 17.86 ? 134 ARG A CA  1 
ATOM   970  C  C   . ARG A 1 134 ? 2.615   -2.999  -16.216 1.00 17.00 ? 134 ARG A C   1 
ATOM   971  O  O   . ARG A 1 134 ? 1.622   -2.994  -15.486 1.00 16.30 ? 134 ARG A O   1 
ATOM   972  C  CB  . ARG A 1 134 ? 2.420   -1.661  -18.327 1.00 17.15 ? 134 ARG A CB  1 
ATOM   973  C  CG  . ARG A 1 134 ? 2.045   -1.635  -19.796 1.00 20.46 ? 134 ARG A CG  1 
ATOM   974  C  CD  . ARG A 1 134 ? 1.964   -0.212  -20.327 1.00 20.80 ? 134 ARG A CD  1 
ATOM   975  N  NE  . ARG A 1 134 ? 3.280   0.413   -20.430 1.00 22.08 ? 134 ARG A NE  1 
ATOM   976  C  CZ  . ARG A 1 134 ? 3.465   1.710   -20.661 1.00 22.35 ? 134 ARG A CZ  1 
ATOM   977  N  NH1 . ARG A 1 134 ? 2.417   2.511   -20.806 1.00 21.76 ? 134 ARG A NH1 1 
ATOM   978  N  NH2 . ARG A 1 134 ? 4.693   2.208   -20.751 1.00 21.36 ? 134 ARG A NH2 1 
ATOM   979  N  N   . GLY A 1 135 ? 3.856   -2.939  -15.747 1.00 15.40 ? 135 GLY A N   1 
ATOM   980  C  CA  . GLY A 1 135 ? 4.074   -2.864  -14.318 1.00 14.83 ? 135 GLY A CA  1 
ATOM   981  C  C   . GLY A 1 135 ? 5.395   -2.249  -13.913 1.00 14.57 ? 135 GLY A C   1 
ATOM   982  O  O   . GLY A 1 135 ? 6.369   -2.269  -14.664 1.00 16.61 ? 135 GLY A O   1 
ATOM   983  N  N   . VAL A 1 136 ? 5.418   -1.676  -12.716 1.00 13.47 ? 136 VAL A N   1 
ATOM   984  C  CA  . VAL A 1 136 ? 6.624   -1.072  -12.171 1.00 13.52 ? 136 VAL A CA  1 
ATOM   985  C  C   . VAL A 1 136 ? 6.603   -1.342  -10.669 1.00 14.98 ? 136 VAL A C   1 
ATOM   986  O  O   . VAL A 1 136 ? 5.553   -1.240  -10.028 1.00 15.51 ? 136 VAL A O   1 
ATOM   987  C  CB  . VAL A 1 136 ? 6.670   0.447   -12.457 1.00 13.80 ? 136 VAL A CB  1 
ATOM   988  C  CG1 . VAL A 1 136 ? 5.516   1.151   -11.768 1.00 14.38 ? 136 VAL A CG1 1 
ATOM   989  C  CG2 . VAL A 1 136 ? 8.007   1.023   -12.001 1.00 14.07 ? 136 VAL A CG2 1 
ATOM   990  N  N   . TYR A 1 137 ? 7.757   -1.711  -10.122 1.00 14.40 ? 137 TYR A N   1 
ATOM   991  C  CA  . TYR A 1 137 ? 7.884   -2.036  -8.703  1.00 15.76 ? 137 TYR A CA  1 
ATOM   992  C  C   . TYR A 1 137 ? 8.863   -1.112  -7.999  1.00 15.53 ? 137 TYR A C   1 
ATOM   993  O  O   . TYR A 1 137 ? 9.902   -0.749  -8.552  1.00 16.12 ? 137 TYR A O   1 
ATOM   994  C  CB  . TYR A 1 137 ? 8.378   -3.477  -8.536  1.00 16.37 ? 137 TYR A CB  1 
ATOM   995  C  CG  . TYR A 1 137 ? 7.543   -4.507  -9.249  1.00 19.46 ? 137 TYR A CG  1 
ATOM   996  C  CD1 . TYR A 1 137 ? 6.655   -5.323  -8.548  1.00 18.81 ? 137 TYR A CD1 1 
ATOM   997  C  CD2 . TYR A 1 137 ? 7.642   -4.670  -10.631 1.00 20.33 ? 137 TYR A CD2 1 
ATOM   998  C  CE1 . TYR A 1 137 ? 5.888   -6.277  -9.209  1.00 22.12 ? 137 TYR A CE1 1 
ATOM   999  C  CE2 . TYR A 1 137 ? 6.879   -5.618  -11.300 1.00 21.74 ? 137 TYR A CE2 1 
ATOM   1000 C  CZ  . TYR A 1 137 ? 6.008   -6.420  -10.585 1.00 22.03 ? 137 TYR A CZ  1 
ATOM   1001 O  OH  . TYR A 1 137 ? 5.271   -7.374  -11.246 1.00 24.55 ? 137 TYR A OH  1 
ATOM   1002 N  N   . PHE A 1 138 ? 8.533   -0.754  -6.765  1.00 14.42 ? 138 PHE A N   1 
ATOM   1003 C  CA  . PHE A 1 138 ? 9.372   0.129   -5.969  1.00 14.51 ? 138 PHE A CA  1 
ATOM   1004 C  C   . PHE A 1 138 ? 9.058   -0.092  -4.494  1.00 14.65 ? 138 PHE A C   1 
ATOM   1005 O  O   . PHE A 1 138 ? 7.972   -0.548  -4.144  1.00 15.39 ? 138 PHE A O   1 
ATOM   1006 C  CB  . PHE A 1 138 ? 9.118   1.586   -6.371  1.00 12.62 ? 138 PHE A CB  1 
ATOM   1007 C  CG  . PHE A 1 138 ? 7.660   1.954   -6.425  1.00 12.86 ? 138 PHE A CG  1 
ATOM   1008 C  CD1 . PHE A 1 138 ? 7.046   2.587   -5.350  1.00 11.94 ? 138 PHE A CD1 1 
ATOM   1009 C  CD2 . PHE A 1 138 ? 6.897   1.646   -7.548  1.00 12.06 ? 138 PHE A CD2 1 
ATOM   1010 C  CE1 . PHE A 1 138 ? 5.692   2.911   -5.391  1.00 13.14 ? 138 PHE A CE1 1 
ATOM   1011 C  CE2 . PHE A 1 138 ? 5.540   1.961   -7.600  1.00 12.43 ? 138 PHE A CE2 1 
ATOM   1012 C  CZ  . PHE A 1 138 ? 4.937   2.597   -6.517  1.00 13.46 ? 138 PHE A CZ  1 
ATOM   1013 N  N   . TYR A 1 139 ? 10.018  0.225   -3.633  1.00 15.14 ? 139 TYR A N   1 
ATOM   1014 C  CA  . TYR A 1 139 ? 9.855   0.052   -2.192  1.00 16.39 ? 139 TYR A CA  1 
ATOM   1015 C  C   . TYR A 1 139 ? 9.320   1.305   -1.511  1.00 16.04 ? 139 TYR A C   1 
ATOM   1016 O  O   . TYR A 1 139 ? 9.608   2.426   -1.945  1.00 14.82 ? 139 TYR A O   1 
ATOM   1017 C  CB  . TYR A 1 139 ? 11.200  -0.312  -1.562  1.00 17.87 ? 139 TYR A CB  1 
ATOM   1018 C  CG  . TYR A 1 139 ? 11.777  -1.609  -2.069  1.00 19.40 ? 139 TYR A CG  1 
ATOM   1019 C  CD1 . TYR A 1 139 ? 11.161  -2.824  -1.778  1.00 21.62 ? 139 TYR A CD1 1 
ATOM   1020 C  CD2 . TYR A 1 139 ? 12.936  -1.627  -2.850  1.00 20.91 ? 139 TYR A CD2 1 
ATOM   1021 C  CE1 . TYR A 1 139 ? 11.677  -4.023  -2.248  1.00 21.35 ? 139 TYR A CE1 1 
ATOM   1022 C  CE2 . TYR A 1 139 ? 13.462  -2.826  -3.327  1.00 20.09 ? 139 TYR A CE2 1 
ATOM   1023 C  CZ  . TYR A 1 139 ? 12.823  -4.019  -3.020  1.00 22.00 ? 139 TYR A CZ  1 
ATOM   1024 O  OH  . TYR A 1 139 ? 13.316  -5.216  -3.481  1.00 21.72 ? 139 TYR A OH  1 
ATOM   1025 N  N   . ASP A 1 140 ? 8.539   1.113   -0.446  1.00 14.48 ? 140 ASP A N   1 
ATOM   1026 C  CA  . ASP A 1 140 ? 8.002   2.237   0.315   1.00 15.01 ? 140 ASP A CA  1 
ATOM   1027 C  C   . ASP A 1 140 ? 9.073   2.594   1.347   1.00 14.95 ? 140 ASP A C   1 
ATOM   1028 O  O   . ASP A 1 140 ? 10.106  1.923   1.411   1.00 14.40 ? 140 ASP A O   1 
ATOM   1029 C  CB  . ASP A 1 140 ? 6.645   1.874   0.961   1.00 14.97 ? 140 ASP A CB  1 
ATOM   1030 C  CG  . ASP A 1 140 ? 6.766   1.034   2.234   1.00 15.69 ? 140 ASP A CG  1 
ATOM   1031 O  OD1 . ASP A 1 140 ? 7.873   0.586   2.609   1.00 16.51 ? 140 ASP A OD1 1 
ATOM   1032 O  OD2 . ASP A 1 140 ? 5.714   0.817   2.872   1.00 16.81 ? 140 ASP A OD2 1 
ATOM   1033 N  N   . PRO A 1 141 ? 8.862   3.655   2.151   1.00 16.77 ? 141 PRO A N   1 
ATOM   1034 C  CA  . PRO A 1 141 ? 9.847   4.072   3.159   1.00 16.67 ? 141 PRO A CA  1 
ATOM   1035 C  C   . PRO A 1 141 ? 10.411  3.002   4.093   1.00 18.81 ? 141 PRO A C   1 
ATOM   1036 O  O   . PRO A 1 141 ? 11.534  3.140   4.585   1.00 19.45 ? 141 PRO A O   1 
ATOM   1037 C  CB  . PRO A 1 141 ? 9.107   5.166   3.928   1.00 17.55 ? 141 PRO A CB  1 
ATOM   1038 C  CG  . PRO A 1 141 ? 8.254   5.785   2.867   1.00 18.91 ? 141 PRO A CG  1 
ATOM   1039 C  CD  . PRO A 1 141 ? 7.704   4.565   2.155   1.00 17.31 ? 141 PRO A CD  1 
ATOM   1040 N  N   . ASP A 1 142 ? 9.643   1.943   4.341   1.00 16.98 ? 142 ASP A N   1 
ATOM   1041 C  CA  . ASP A 1 142 ? 10.087  0.880   5.239   1.00 16.71 ? 142 ASP A CA  1 
ATOM   1042 C  C   . ASP A 1 142 ? 10.677  -0.320  4.513   1.00 15.78 ? 142 ASP A C   1 
ATOM   1043 O  O   . ASP A 1 142 ? 11.168  -1.253  5.146   1.00 17.28 ? 142 ASP A O   1 
ATOM   1044 C  CB  . ASP A 1 142 ? 8.924   0.418   6.120   1.00 16.84 ? 142 ASP A CB  1 
ATOM   1045 C  CG  . ASP A 1 142 ? 8.506   1.474   7.123   1.00 20.08 ? 142 ASP A CG  1 
ATOM   1046 O  OD1 . ASP A 1 142 ? 9.253   1.685   8.100   1.00 19.88 ? 142 ASP A OD1 1 
ATOM   1047 O  OD2 . ASP A 1 142 ? 7.441   2.101   6.931   1.00 20.42 ? 142 ASP A OD2 1 
ATOM   1048 N  N   . GLY A 1 143 ? 10.624  -0.299  3.188   1.00 13.95 ? 143 GLY A N   1 
ATOM   1049 C  CA  . GLY A 1 143 ? 11.172  -1.405  2.428   1.00 14.33 ? 143 GLY A CA  1 
ATOM   1050 C  C   . GLY A 1 143 ? 10.127  -2.391  1.945   1.00 13.60 ? 143 GLY A C   1 
ATOM   1051 O  O   . GLY A 1 143 ? 10.476  -3.464  1.455   1.00 15.22 ? 143 GLY A O   1 
ATOM   1052 N  N   . PHE A 1 144 ? 8.849   -2.048  2.085   1.00 13.44 ? 144 PHE A N   1 
ATOM   1053 C  CA  . PHE A 1 144 ? 7.781   -2.932  1.614   1.00 13.14 ? 144 PHE A CA  1 
ATOM   1054 C  C   . PHE A 1 144 ? 7.570   -2.651  0.130   1.00 13.08 ? 144 PHE A C   1 
ATOM   1055 O  O   . PHE A 1 144 ? 7.385   -1.501  -0.272  1.00 12.04 ? 144 PHE A O   1 
ATOM   1056 C  CB  . PHE A 1 144 ? 6.478   -2.678  2.376   1.00 13.24 ? 144 PHE A CB  1 
ATOM   1057 C  CG  . PHE A 1 144 ? 5.354   -3.579  1.959   1.00 13.20 ? 144 PHE A CG  1 
ATOM   1058 C  CD1 . PHE A 1 144 ? 5.461   -4.956  2.115   1.00 15.05 ? 144 PHE A CD1 1 
ATOM   1059 C  CD2 . PHE A 1 144 ? 4.199   -3.057  1.385   1.00 11.57 ? 144 PHE A CD2 1 
ATOM   1060 C  CE1 . PHE A 1 144 ? 4.434   -5.805  1.702   1.00 13.72 ? 144 PHE A CE1 1 
ATOM   1061 C  CE2 . PHE A 1 144 ? 3.163   -3.896  0.968   1.00 11.84 ? 144 PHE A CE2 1 
ATOM   1062 C  CZ  . PHE A 1 144 ? 3.281   -5.271  1.126   1.00 13.66 ? 144 PHE A CZ  1 
HETATM 1063 N  N   . MSE A 1 145 ? 7.584   -3.699  -0.686  1.00 13.99 ? 145 MSE A N   1 
HETATM 1064 C  CA  . MSE A 1 145 ? 7.445   -3.528  -2.126  1.00 14.49 ? 145 MSE A CA  1 
HETATM 1065 C  C   . MSE A 1 145 ? 6.044   -3.223  -2.640  1.00 14.28 ? 145 MSE A C   1 
HETATM 1066 O  O   . MSE A 1 145 ? 5.085   -3.928  -2.333  1.00 11.04 ? 145 MSE A O   1 
HETATM 1067 C  CB  . MSE A 1 145 ? 7.985   -4.759  -2.857  1.00 19.53 ? 145 MSE A CB  1 
HETATM 1068 C  CG  . MSE A 1 145 ? 7.928   -4.635  -4.365  1.00 28.47 ? 145 MSE A CG  1 
HETATM 1069 SE SE  . MSE A 1 145 ? 8.580   -6.225  -5.241  1.00 42.42 ? 145 MSE A SE  1 
HETATM 1070 C  CE  . MSE A 1 145 ? 10.436  -5.696  -5.423  1.00 40.73 ? 145 MSE A CE  1 
ATOM   1071 N  N   . ILE A 1 146 ? 5.947   -2.168  -3.443  1.00 10.24 ? 146 ILE A N   1 
ATOM   1072 C  CA  . ILE A 1 146 ? 4.682   -1.746  -4.033  1.00 10.69 ? 146 ILE A CA  1 
ATOM   1073 C  C   . ILE A 1 146 ? 4.751   -1.921  -5.545  1.00 12.04 ? 146 ILE A C   1 
ATOM   1074 O  O   . ILE A 1 146 ? 5.792   -1.699  -6.159  1.00 11.23 ? 146 ILE A O   1 
ATOM   1075 C  CB  . ILE A 1 146 ? 4.386   -0.256  -3.741  1.00 9.75  ? 146 ILE A CB  1 
ATOM   1076 C  CG1 . ILE A 1 146 ? 4.303   -0.027  -2.231  1.00 9.35  ? 146 ILE A CG1 1 
ATOM   1077 C  CG2 . ILE A 1 146 ? 3.078   0.169   -4.426  1.00 9.34  ? 146 ILE A CG2 1 
ATOM   1078 C  CD1 . ILE A 1 146 ? 3.201   -0.827  -1.557  1.00 9.84  ? 146 ILE A CD1 1 
ATOM   1079 N  N   . GLU A 1 147 ? 3.649   -2.345  -6.142  1.00 10.81 ? 147 GLU A N   1 
ATOM   1080 C  CA  . GLU A 1 147 ? 3.598   -2.510  -7.584  1.00 10.68 ? 147 GLU A CA  1 
ATOM   1081 C  C   . GLU A 1 147 ? 2.465   -1.662  -8.122  1.00 11.95 ? 147 GLU A C   1 
ATOM   1082 O  O   . GLU A 1 147 ? 1.407   -1.576  -7.511  1.00 12.29 ? 147 GLU A O   1 
ATOM   1083 C  CB  . GLU A 1 147 ? 3.341   -3.975  -7.960  1.00 10.56 ? 147 GLU A CB  1 
ATOM   1084 C  CG  . GLU A 1 147 ? 2.991   -4.199  -9.440  1.00 13.16 ? 147 GLU A CG  1 
ATOM   1085 C  CD  . GLU A 1 147 ? 2.602   -5.639  -9.735  1.00 14.23 ? 147 GLU A CD  1 
ATOM   1086 O  OE1 . GLU A 1 147 ? 2.788   -6.489  -8.843  1.00 14.10 ? 147 GLU A OE1 1 
ATOM   1087 O  OE2 . GLU A 1 147 ? 2.130   -5.922  -10.863 1.00 13.81 ? 147 GLU A OE2 1 
ATOM   1088 N  N   . ILE A 1 148 ? 2.705   -0.984  -9.234  1.00 11.72 ? 148 ILE A N   1 
ATOM   1089 C  CA  . ILE A 1 148 ? 1.647   -0.226  -9.885  1.00 11.25 ? 148 ILE A CA  1 
ATOM   1090 C  C   . ILE A 1 148 ? 1.545   -0.927  -11.229 1.00 11.74 ? 148 ILE A C   1 
ATOM   1091 O  O   . ILE A 1 148 ? 2.550   -1.108  -11.907 1.00 13.27 ? 148 ILE A O   1 
ATOM   1092 C  CB  . ILE A 1 148 ? 2.006   1.266   -10.080 1.00 11.14 ? 148 ILE A CB  1 
ATOM   1093 C  CG1 . ILE A 1 148 ? 1.956   1.987   -8.726  1.00 11.57 ? 148 ILE A CG1 1 
ATOM   1094 C  CG2 . ILE A 1 148 ? 1.020   1.912   -11.063 1.00 12.19 ? 148 ILE A CG2 1 
ATOM   1095 C  CD1 . ILE A 1 148 ? 2.263   3.493   -8.797  1.00 11.33 ? 148 ILE A CD1 1 
ATOM   1096 N  N   . ARG A 1 149 ? 0.344   -1.354  -11.597 1.00 13.26 ? 149 ARG A N   1 
ATOM   1097 C  CA  . ARG A 1 149 ? 0.162   -2.055  -12.858 1.00 14.68 ? 149 ARG A CA  1 
ATOM   1098 C  C   . ARG A 1 149 ? -1.121  -1.653  -13.558 1.00 15.77 ? 149 ARG A C   1 
ATOM   1099 O  O   . ARG A 1 149 ? -2.017  -1.074  -12.947 1.00 15.38 ? 149 ARG A O   1 
ATOM   1100 C  CB  . ARG A 1 149 ? 0.187   -3.569  -12.613 1.00 16.97 ? 149 ARG A CB  1 
ATOM   1101 C  CG  . ARG A 1 149 ? -0.819  -4.062  -11.567 1.00 18.36 ? 149 ARG A CG  1 
ATOM   1102 C  CD  . ARG A 1 149 ? -2.219  -4.160  -12.154 1.00 21.56 ? 149 ARG A CD  1 
ATOM   1103 N  NE  . ARG A 1 149 ? -2.303  -5.230  -13.147 1.00 24.13 ? 149 ARG A NE  1 
ATOM   1104 C  CZ  . ARG A 1 149 ? -3.285  -5.353  -14.035 1.00 27.04 ? 149 ARG A CZ  1 
ATOM   1105 N  NH1 . ARG A 1 149 ? -4.276  -4.471  -14.066 1.00 27.76 ? 149 ARG A NH1 1 
ATOM   1106 N  NH2 . ARG A 1 149 ? -3.274  -6.358  -14.900 1.00 27.77 ? 149 ARG A NH2 1 
ATOM   1107 N  N   . CYS A 1 150 ? -1.196  -1.946  -14.853 1.00 16.95 ? 150 CYS A N   1 
ATOM   1108 C  CA  . CYS A 1 150 ? -2.383  -1.616  -15.633 1.00 18.50 ? 150 CYS A CA  1 
ATOM   1109 C  C   . CYS A 1 150 ? -2.654  -2.711  -16.656 1.00 19.58 ? 150 CYS A C   1 
ATOM   1110 O  O   . CYS A 1 150 ? -1.764  -3.488  -16.995 1.00 18.20 ? 150 CYS A O   1 
ATOM   1111 C  CB  . CYS A 1 150 ? -2.194  -0.283  -16.365 1.00 18.92 ? 150 CYS A CB  1 
ATOM   1112 S  SG  . CYS A 1 150 ? -0.910  -0.334  -17.642 1.00 22.43 ? 150 CYS A SG  1 
ATOM   1113 N  N   . ASP A 1 151 ? -3.892  -2.770  -17.130 1.00 25.15 ? 151 ASP A N   1 
ATOM   1114 C  CA  . ASP A 1 151 ? -4.289  -3.750  -18.133 1.00 31.34 ? 151 ASP A CA  1 
ATOM   1115 C  C   . ASP A 1 151 ? -3.770  -3.297  -19.495 1.00 35.31 ? 151 ASP A C   1 
ATOM   1116 O  O   . ASP A 1 151 ? -3.110  -2.261  -19.605 1.00 35.75 ? 151 ASP A O   1 
ATOM   1117 C  CB  . ASP A 1 151 ? -5.814  -3.847  -18.195 1.00 33.34 ? 151 ASP A CB  1 
ATOM   1118 C  CG  . ASP A 1 151 ? -6.422  -4.297  -16.891 1.00 35.69 ? 151 ASP A CG  1 
ATOM   1119 O  OD1 . ASP A 1 151 ? -5.941  -5.304  -16.328 1.00 35.31 ? 151 ASP A OD1 1 
ATOM   1120 O  OD2 . ASP A 1 151 ? -7.385  -3.646  -16.439 1.00 37.63 ? 151 ASP A OD2 1 
ATOM   1121 N  N   . PRO A 1 152 ? -4.047  -4.078  -20.555 1.00 37.33 ? 152 PRO A N   1 
ATOM   1122 C  CA  . PRO A 1 152 ? -3.571  -3.660  -21.875 1.00 38.04 ? 152 PRO A CA  1 
ATOM   1123 C  C   . PRO A 1 152 ? -4.422  -2.472  -22.322 1.00 38.63 ? 152 PRO A C   1 
ATOM   1124 O  O   . PRO A 1 152 ? -5.550  -2.307  -21.847 1.00 38.02 ? 152 PRO A O   1 
ATOM   1125 C  CB  . PRO A 1 152 ? -3.807  -4.900  -22.731 1.00 38.43 ? 152 PRO A CB  1 
ATOM   1126 C  CG  . PRO A 1 152 ? -5.042  -5.489  -22.113 1.00 39.26 ? 152 PRO A CG  1 
ATOM   1127 C  CD  . PRO A 1 152 ? -4.741  -5.376  -20.635 1.00 38.01 ? 152 PRO A CD  1 
ATOM   1128 N  N   . GLU A 1 153 ? -3.882  -1.646  -23.215 1.00 39.23 ? 153 GLU A N   1 
ATOM   1129 C  CA  . GLU A 1 153 ? -4.603  -0.470  -23.704 1.00 39.55 ? 153 GLU A CA  1 
ATOM   1130 C  C   . GLU A 1 153 ? -6.055  -0.813  -24.012 1.00 40.85 ? 153 GLU A C   1 
ATOM   1131 O  O   . GLU A 1 153 ? -6.947  -0.063  -23.564 1.00 41.15 ? 153 GLU A O   1 
ATOM   1132 C  CB  . GLU A 1 153 ? -3.955  0.090   -24.975 1.00 37.69 ? 153 GLU A CB  1 
ATOM   1133 C  CG  . GLU A 1 153 ? -2.434  0.090   -24.994 1.00 38.73 ? 153 GLU A CG  1 
ATOM   1134 C  CD  . GLU A 1 153 ? -1.853  -1.298  -25.198 1.00 40.14 ? 153 GLU A CD  1 
ATOM   1135 O  OE1 . GLU A 1 153 ? -2.490  -2.115  -25.901 1.00 40.54 ? 153 GLU A OE1 1 
ATOM   1136 O  OE2 . GLU A 1 153 ? -0.752  -1.568  -24.675 1.00 41.03 ? 153 GLU A OE2 1 
HETATM 1137 CO CO  . CO  B 2 .   ? -12.287 12.860  2.150   0.50 11.19 ? 301 CO  A CO  1 
HETATM 1138 CO CO  . CO  C 2 .   ? 2.401   -8.570  -8.629  1.00 15.31 ? 302 CO  A CO  1 
HETATM 1139 O  O   . HOH D 3 .   ? 4.678   -9.951  6.066   1.00 16.41 ? 157 HOH A O   1 
HETATM 1140 O  O   . HOH D 3 .   ? -9.542  -2.456  -4.152  1.00 16.13 ? 158 HOH A O   1 
HETATM 1141 O  O   . HOH D 3 .   ? -4.015  7.896   -6.614  1.00 12.88 ? 159 HOH A O   1 
HETATM 1142 O  O   . HOH D 3 .   ? 14.406  -1.349  4.877   1.00 17.84 ? 160 HOH A O   1 
HETATM 1143 O  O   . HOH D 3 .   ? -14.748 -15.829 -0.627  1.00 19.28 ? 161 HOH A O   1 
HETATM 1144 O  O   . HOH D 3 .   ? -7.826  7.411   -3.250  1.00 12.15 ? 162 HOH A O   1 
HETATM 1145 O  O   . HOH D 3 .   ? 7.442   -19.577 6.513   1.00 16.54 ? 163 HOH A O   1 
HETATM 1146 O  O   . HOH D 3 .   ? 8.365   -6.486  0.130   1.00 14.02 ? 164 HOH A O   1 
HETATM 1147 O  O   . HOH D 3 .   ? 8.119   4.752   7.666   1.00 16.94 ? 165 HOH A O   1 
HETATM 1148 O  O   . HOH D 3 .   ? 7.716   -7.695  2.556   1.00 16.08 ? 166 HOH A O   1 
HETATM 1149 O  O   . HOH D 3 .   ? 12.591  0.980   -4.700  1.00 28.05 ? 167 HOH A O   1 
HETATM 1150 O  O   . HOH D 3 .   ? 7.947   -11.216 3.623   1.00 14.28 ? 168 HOH A O   1 
HETATM 1151 O  O   . HOH D 3 .   ? 6.221   2.850   4.788   1.00 16.17 ? 169 HOH A O   1 
HETATM 1152 O  O   . HOH D 3 .   ? -5.624  -1.038  -15.556 1.00 19.47 ? 170 HOH A O   1 
HETATM 1153 O  O   . HOH D 3 .   ? 10.020  -10.905 1.571   1.00 18.96 ? 171 HOH A O   1 
HETATM 1154 O  O   . HOH D 3 .   ? 11.101  -5.999  0.568   1.00 20.44 ? 172 HOH A O   1 
HETATM 1155 O  O   . HOH D 3 .   ? 5.581   -0.605  5.309   1.00 13.27 ? 173 HOH A O   1 
HETATM 1156 O  O   . HOH D 3 .   ? 14.352  -7.320  3.664   1.00 19.19 ? 174 HOH A O   1 
HETATM 1157 O  O   . HOH D 3 .   ? -6.942  13.632  -1.772  1.00 17.63 ? 175 HOH A O   1 
HETATM 1158 O  O   . HOH D 3 .   ? 6.197   -10.810 9.709   1.00 22.07 ? 176 HOH A O   1 
HETATM 1159 O  O   . HOH D 3 .   ? -12.032 -3.696  -0.902  1.00 17.76 ? 177 HOH A O   1 
HETATM 1160 O  O   . HOH D 3 .   ? 3.895   13.958  5.927   1.00 17.89 ? 178 HOH A O   1 
HETATM 1161 O  O   . HOH D 3 .   ? 0.318   5.544   -19.786 1.00 18.86 ? 179 HOH A O   1 
HETATM 1162 O  O   . HOH D 3 .   ? -20.360 -12.767 -1.225  1.00 23.31 ? 180 HOH A O   1 
HETATM 1163 O  O   . HOH D 3 .   ? 2.269   -10.772 -8.736  1.00 15.30 ? 181 HOH A O   1 
HETATM 1164 O  O   . HOH D 3 .   ? 4.347   16.195  9.873   1.00 23.44 ? 182 HOH A O   1 
HETATM 1165 O  O   . HOH D 3 .   ? -13.839 13.359  3.468   1.00 17.20 ? 183 HOH A O   1 
HETATM 1166 O  O   . HOH D 3 .   ? 12.709  6.460   -10.837 1.00 23.61 ? 184 HOH A O   1 
HETATM 1167 O  O   . HOH D 3 .   ? 0.253   8.479   -18.631 1.00 17.40 ? 185 HOH A O   1 
HETATM 1168 O  O   . HOH D 3 .   ? 1.225   7.919   -22.242 1.00 26.85 ? 186 HOH A O   1 
HETATM 1169 O  O   . HOH D 3 .   ? -10.183 8.432   -3.939  1.00 30.33 ? 187 HOH A O   1 
HETATM 1170 O  O   . HOH D 3 .   ? 1.284   -2.699  15.060  1.00 18.70 ? 188 HOH A O   1 
HETATM 1171 O  O   . HOH D 3 .   ? 6.271   15.455  -3.827  1.00 21.91 ? 189 HOH A O   1 
HETATM 1172 O  O   . HOH D 3 .   ? -6.274  12.958  1.297   1.00 19.46 ? 190 HOH A O   1 
HETATM 1173 O  O   . HOH D 3 .   ? -3.942  12.042  0.509   1.00 23.18 ? 191 HOH A O   1 
HETATM 1174 O  O   . HOH D 3 .   ? -12.816 -1.643  2.867   1.00 22.43 ? 192 HOH A O   1 
HETATM 1175 O  O   . HOH D 3 .   ? -2.904  12.933  2.945   1.00 20.22 ? 193 HOH A O   1 
HETATM 1176 O  O   . HOH D 3 .   ? -0.548  -7.643  -12.918 1.00 26.77 ? 194 HOH A O   1 
HETATM 1177 O  O   . HOH D 3 .   ? -10.492 16.827  10.249  1.00 26.94 ? 195 HOH A O   1 
HETATM 1178 O  O   . HOH D 3 .   ? 13.448  0.330   7.010   1.00 26.03 ? 196 HOH A O   1 
HETATM 1179 O  O   . HOH D 3 .   ? -13.576 14.782  5.940   1.00 22.87 ? 197 HOH A O   1 
HETATM 1180 O  O   . HOH D 3 .   ? 8.972   18.428  -11.065 1.00 24.68 ? 198 HOH A O   1 
HETATM 1181 O  O   . HOH D 3 .   ? -8.642  5.390   19.119  1.00 35.08 ? 199 HOH A O   1 
HETATM 1182 O  O   . HOH D 3 .   ? 7.127   0.998   18.003  1.00 24.65 ? 200 HOH A O   1 
HETATM 1183 O  O   . HOH D 3 .   ? 9.441   13.626  -2.902  1.00 20.56 ? 201 HOH A O   1 
HETATM 1184 O  O   . HOH D 3 .   ? 12.393  -7.621  -2.423  1.00 17.83 ? 202 HOH A O   1 
HETATM 1185 O  O   . HOH D 3 .   ? -0.784  -10.639 -11.079 1.00 28.75 ? 203 HOH A O   1 
HETATM 1186 O  O   . HOH D 3 .   ? 8.932   -9.919  5.776   1.00 28.27 ? 204 HOH A O   1 
HETATM 1187 O  O   . HOH D 3 .   ? 0.026   -2.538  -22.634 1.00 34.73 ? 205 HOH A O   1 
HETATM 1188 O  O   . HOH D 3 .   ? 11.314  -5.093  15.173  1.00 20.07 ? 206 HOH A O   1 
HETATM 1189 O  O   . HOH D 3 .   ? 11.413  -8.609  1.884   1.00 17.88 ? 207 HOH A O   1 
HETATM 1190 O  O   . HOH D 3 .   ? -0.502  2.067   -20.888 1.00 22.42 ? 208 HOH A O   1 
HETATM 1191 O  O   . HOH D 3 .   ? 14.413  -4.495  -14.068 1.00 36.25 ? 209 HOH A O   1 
HETATM 1192 O  O   . HOH D 3 .   ? 8.307   9.669   2.018   1.00 23.53 ? 210 HOH A O   1 
HETATM 1193 O  O   . HOH D 3 .   ? -12.372 8.164   -2.426  1.00 22.85 ? 211 HOH A O   1 
HETATM 1194 O  O   . HOH D 3 .   ? -0.876  14.763  -3.343  1.00 28.15 ? 212 HOH A O   1 
HETATM 1195 O  O   . HOH D 3 .   ? -6.532  8.447   8.691   1.00 24.36 ? 213 HOH A O   1 
HETATM 1196 O  O   . HOH D 3 .   ? -21.622 -15.689 1.097   1.00 27.29 ? 214 HOH A O   1 
HETATM 1197 O  O   . HOH D 3 .   ? 13.315  1.616   15.215  1.00 26.51 ? 215 HOH A O   1 
HETATM 1198 O  O   . HOH D 3 .   ? 12.592  -14.276 -3.253  1.00 35.40 ? 216 HOH A O   1 
HETATM 1199 O  O   . HOH D 3 .   ? -22.670 -19.494 2.581   1.00 35.75 ? 217 HOH A O   1 
HETATM 1200 O  O   . HOH D 3 .   ? 10.753  6.686   -13.139 1.00 22.74 ? 218 HOH A O   1 
HETATM 1201 O  O   . HOH D 3 .   ? -4.966  10.284  9.207   1.00 31.29 ? 219 HOH A O   1 
HETATM 1202 O  O   . HOH D 3 .   ? -17.516 11.046  5.116   1.00 36.24 ? 220 HOH A O   1 
HETATM 1203 O  O   . HOH D 3 .   ? -4.840  12.497  -2.647  1.00 29.59 ? 221 HOH A O   1 
HETATM 1204 O  O   . HOH D 3 .   ? -2.780  14.413  -1.321  1.00 25.08 ? 222 HOH A O   1 
HETATM 1205 O  O   . HOH D 3 .   ? 9.992   11.315  -1.649  1.00 35.00 ? 223 HOH A O   1 
HETATM 1206 O  O   . HOH D 3 .   ? -14.976 9.365   2.950   1.00 31.67 ? 224 HOH A O   1 
HETATM 1207 O  O   . HOH D 3 .   ? -0.364  12.580  3.228   1.00 24.42 ? 225 HOH A O   1 
HETATM 1208 O  O   . HOH D 3 .   ? 13.630  -2.808  17.001  1.00 33.37 ? 226 HOH A O   1 
HETATM 1209 O  O   . HOH D 3 .   ? 0.648   13.735  -12.205 1.00 35.39 ? 227 HOH A O   1 
HETATM 1210 O  O   . HOH D 3 .   ? 2.678   14.058  14.677  1.00 32.90 ? 228 HOH A O   1 
HETATM 1211 O  O   . HOH D 3 .   ? -22.187 -13.313 2.089   1.00 33.92 ? 229 HOH A O   1 
HETATM 1212 O  O   . HOH D 3 .   ? -14.284 8.555   14.430  1.00 31.87 ? 230 HOH A O   1 
HETATM 1213 O  O   . HOH D 3 .   ? -13.832 -29.866 5.203   1.00 30.56 ? 231 HOH A O   1 
HETATM 1214 O  O   . HOH D 3 .   ? 5.194   -2.060  18.915  1.00 37.41 ? 232 HOH A O   1 
HETATM 1215 O  O   . HOH D 3 .   ? 6.516   7.238   13.239  1.00 33.96 ? 233 HOH A O   1 
HETATM 1216 O  O   . HOH D 3 .   ? -8.408  -3.247  -14.150 1.00 35.90 ? 234 HOH A O   1 
HETATM 1217 O  O   . HOH D 3 .   ? 3.125   -6.900  12.975  1.00 30.33 ? 235 HOH A O   1 
HETATM 1218 O  O   . HOH D 3 .   ? 0.159   -6.304  -15.663 1.00 32.66 ? 236 HOH A O   1 
HETATM 1219 O  O   . HOH D 3 .   ? -12.992 14.341  0.967   1.00 22.19 ? 237 HOH A O   1 
HETATM 1220 O  O   . HOH D 3 .   ? 4.199   -9.100  -9.421  1.00 25.40 ? 238 HOH A O   1 
HETATM 1221 O  O   . HOH D 3 .   ? 1.969   -8.679  -10.805 1.00 12.12 ? 239 HOH A O   1 
HETATM 1222 O  O   . HOH D 3 .   ? -2.579  14.137  -5.110  1.00 31.02 ? 240 HOH A O   1 
HETATM 1223 O  O   . HOH D 3 .   ? -20.182 -12.556 3.645   1.00 23.43 ? 241 HOH A O   1 
HETATM 1224 O  O   . HOH D 3 .   ? 1.338   -8.208  -17.287 1.00 37.68 ? 242 HOH A O   1 
HETATM 1225 O  O   . HOH D 3 .   ? 12.820  1.626   1.241   1.00 27.05 ? 243 HOH A O   1 
HETATM 1226 O  O   . HOH D 3 .   ? 12.270  8.447   -14.348 1.00 28.77 ? 244 HOH A O   1 
HETATM 1227 O  O   . HOH D 3 .   ? 10.736  8.935   2.985   1.00 35.77 ? 245 HOH A O   1 
HETATM 1228 O  O   . HOH D 3 .   ? 14.879  -11.149 10.566  0.50 29.48 ? 246 HOH A O   1 
HETATM 1229 O  O   . HOH D 3 .   ? -18.187 -8.506  -2.660  1.00 23.13 ? 247 HOH A O   1 
HETATM 1230 O  O   . HOH D 3 .   ? 3.591   -6.782  -15.631 1.00 39.60 ? 248 HOH A O   1 
HETATM 1231 O  O   . HOH D 3 .   ? 7.861   -1.456  19.922  1.00 35.20 ? 249 HOH A O   1 
HETATM 1232 O  O   . HOH D 3 .   ? 10.984  7.070   -0.303  1.00 36.26 ? 250 HOH A O   1 
HETATM 1233 O  O   . HOH D 3 .   ? -21.094 -19.949 -2.452  1.00 40.14 ? 251 HOH A O   1 
HETATM 1234 O  O   . HOH D 3 .   ? -19.572 -24.520 3.360   1.00 40.35 ? 252 HOH A O   1 
HETATM 1235 O  O   . HOH D 3 .   ? -19.091 -30.505 7.802   1.00 41.02 ? 253 HOH A O   1 
HETATM 1236 O  O   . HOH D 3 .   ? -0.323  17.471  -3.382  1.00 32.80 ? 254 HOH A O   1 
HETATM 1237 O  O   . HOH D 3 .   ? 6.184   -10.961 -9.201  1.00 43.26 ? 255 HOH A O   1 
HETATM 1238 O  O   . HOH D 3 .   ? 12.759  4.642   9.195   1.00 35.41 ? 256 HOH A O   1 
# 
